data_1XO3
#
_entry.id   1XO3
#
_entity_poly.entity_id   1
_entity_poly.type   'polypeptide(L)'
_entity_poly.pdbx_seq_one_letter_code
;SAAPLCVKVEFGGGAELLFDGVKKHQVALPGQEEPWDIRNLLVWIKKNLLKERPELFIQGDSVRPGILVLINDADWELLG
ELDYQLQDQDSILFISTLHGG
;
_entity_poly.pdbx_strand_id   A
#
# COMPACT_ATOMS: atom_id res chain seq x y z
N SER A 1 -0.02 10.44 -14.02
CA SER A 1 0.02 9.81 -15.36
C SER A 1 1.35 9.09 -15.56
N ALA A 2 1.31 7.76 -15.66
CA ALA A 2 2.50 6.99 -15.97
C ALA A 2 2.43 6.50 -17.41
N ALA A 3 3.53 6.63 -18.13
CA ALA A 3 3.59 6.21 -19.53
C ALA A 3 3.30 4.72 -19.67
N PRO A 4 4.01 3.84 -18.92
CA PRO A 4 3.74 2.40 -18.95
C PRO A 4 2.41 2.05 -18.27
N LEU A 5 2.41 2.12 -16.95
CA LEU A 5 1.23 1.79 -16.15
C LEU A 5 1.31 2.55 -14.85
N CYS A 6 0.18 2.90 -14.27
CA CYS A 6 0.17 3.63 -13.03
C CYS A 6 -0.78 2.99 -12.03
N VAL A 7 -0.41 3.05 -10.75
CA VAL A 7 -1.17 2.39 -9.71
C VAL A 7 -1.62 3.39 -8.64
N LYS A 8 -2.59 2.98 -7.84
CA LYS A 8 -3.09 3.83 -6.77
C LYS A 8 -2.93 3.12 -5.43
N VAL A 9 -2.38 3.81 -4.46
CA VAL A 9 -2.31 3.29 -3.11
C VAL A 9 -3.26 4.10 -2.23
N GLU A 10 -4.11 3.42 -1.49
CA GLU A 10 -5.11 4.13 -0.70
C GLU A 10 -5.36 3.42 0.63
N PHE A 11 -5.94 4.15 1.58
CA PHE A 11 -6.24 3.60 2.90
C PHE A 11 -7.75 3.53 3.12
N GLY A 12 -8.21 2.44 3.74
CA GLY A 12 -9.64 2.25 3.91
C GLY A 12 -10.02 1.76 5.30
N GLY A 13 -9.24 0.83 5.84
CA GLY A 13 -9.54 0.27 7.15
C GLY A 13 -9.23 1.21 8.30
N GLY A 14 -9.71 2.44 8.20
CA GLY A 14 -9.38 3.45 9.20
C GLY A 14 -7.90 3.74 9.26
N ALA A 15 -7.17 3.25 8.25
CA ALA A 15 -5.72 3.35 8.22
C ALA A 15 -5.29 4.79 8.05
N GLU A 16 -6.11 5.58 7.36
CA GLU A 16 -5.82 6.97 7.08
C GLU A 16 -5.60 7.78 8.35
N LEU A 17 -6.24 7.37 9.44
CA LEU A 17 -6.11 8.08 10.70
C LEU A 17 -4.68 8.01 11.22
N LEU A 18 -3.91 7.05 10.68
CA LEU A 18 -2.50 6.91 11.02
C LEU A 18 -1.69 7.91 10.23
N PHE A 19 -2.31 8.40 9.16
CA PHE A 19 -1.66 9.30 8.23
C PHE A 19 -2.38 10.64 8.17
N ASP A 20 -3.10 10.95 9.26
CA ASP A 20 -3.79 12.24 9.46
C ASP A 20 -5.14 12.29 8.75
N GLY A 21 -5.37 11.37 7.81
CA GLY A 21 -6.65 11.36 7.11
C GLY A 21 -6.51 11.37 5.59
N VAL A 22 -5.28 11.29 5.10
CA VAL A 22 -5.08 11.20 3.66
C VAL A 22 -5.11 9.73 3.23
N LYS A 23 -6.03 9.41 2.33
CA LYS A 23 -6.21 8.02 1.91
C LYS A 23 -5.51 7.74 0.59
N LYS A 24 -5.92 8.47 -0.45
CA LYS A 24 -5.48 8.19 -1.80
C LYS A 24 -4.10 8.78 -2.08
N HIS A 25 -3.20 7.89 -2.48
CA HIS A 25 -1.85 8.25 -2.88
C HIS A 25 -1.56 7.69 -4.27
N GLN A 26 -1.36 8.57 -5.24
CA GLN A 26 -1.11 8.14 -6.61
C GLN A 26 0.39 8.00 -6.83
N VAL A 27 0.79 6.95 -7.54
CA VAL A 27 2.19 6.73 -7.85
C VAL A 27 2.35 6.15 -9.26
N ALA A 28 3.07 6.87 -10.11
CA ALA A 28 3.26 6.49 -11.49
C ALA A 28 4.55 5.70 -11.68
N LEU A 29 4.48 4.60 -12.43
CA LEU A 29 5.66 3.79 -12.71
C LEU A 29 6.55 4.49 -13.73
N PRO A 30 7.87 4.35 -13.59
CA PRO A 30 8.87 5.00 -14.46
C PRO A 30 8.73 4.63 -15.94
N GLY A 31 8.58 3.34 -16.22
CA GLY A 31 8.53 2.88 -17.60
C GLY A 31 9.76 2.10 -18.00
N GLN A 32 10.35 1.40 -17.04
CA GLN A 32 11.57 0.65 -17.30
C GLN A 32 11.76 -0.46 -16.26
N GLU A 33 12.20 -0.07 -15.06
CA GLU A 33 12.53 -1.04 -14.03
C GLU A 33 11.36 -1.25 -13.09
N GLU A 34 10.59 -0.18 -12.90
CA GLU A 34 9.43 -0.16 -12.02
C GLU A 34 9.79 -0.62 -10.60
N PRO A 35 10.33 0.30 -9.79
CA PRO A 35 10.77 0.02 -8.43
C PRO A 35 9.67 0.32 -7.41
N TRP A 36 8.46 0.47 -7.90
CA TRP A 36 7.34 0.87 -7.07
C TRP A 36 6.55 -0.33 -6.57
N ASP A 37 7.25 -1.42 -6.26
CA ASP A 37 6.61 -2.62 -5.74
C ASP A 37 5.88 -2.28 -4.45
N ILE A 38 4.88 -3.08 -4.09
CA ILE A 38 4.08 -2.85 -2.88
C ILE A 38 4.99 -2.70 -1.67
N ARG A 39 6.05 -3.49 -1.66
CA ARG A 39 7.07 -3.45 -0.62
C ARG A 39 7.60 -2.03 -0.43
N ASN A 40 8.02 -1.40 -1.52
CA ASN A 40 8.69 -0.11 -1.45
C ASN A 40 7.72 1.02 -1.14
N LEU A 41 6.48 0.84 -1.54
CA LEU A 41 5.46 1.87 -1.36
C LEU A 41 5.02 1.94 0.08
N LEU A 42 4.93 0.80 0.73
CA LEU A 42 4.66 0.78 2.15
C LEU A 42 5.75 1.52 2.90
N VAL A 43 7.00 1.35 2.46
CA VAL A 43 8.13 2.03 3.08
C VAL A 43 8.01 3.53 2.89
N TRP A 44 7.67 3.93 1.67
CA TRP A 44 7.45 5.32 1.34
C TRP A 44 6.40 5.91 2.27
N ILE A 45 5.33 5.16 2.46
CA ILE A 45 4.22 5.58 3.31
C ILE A 45 4.61 5.53 4.79
N LYS A 46 5.27 4.45 5.16
CA LYS A 46 5.65 4.22 6.55
C LYS A 46 6.59 5.32 7.06
N LYS A 47 7.69 5.51 6.35
CA LYS A 47 8.72 6.43 6.81
C LYS A 47 8.30 7.90 6.68
N ASN A 48 7.53 8.22 5.66
CA ASN A 48 7.17 9.60 5.38
C ASN A 48 5.79 9.96 5.93
N LEU A 49 4.82 9.11 5.67
CA LEU A 49 3.42 9.45 5.89
C LEU A 49 2.91 9.03 7.27
N LEU A 50 3.56 8.03 7.89
CA LEU A 50 3.12 7.54 9.21
C LEU A 50 3.21 8.65 10.25
N LYS A 51 2.07 9.21 10.62
CA LYS A 51 2.03 10.24 11.65
C LYS A 51 2.02 9.61 13.04
N GLU A 52 1.43 8.42 13.11
CA GLU A 52 1.46 7.62 14.33
C GLU A 52 2.79 6.89 14.46
N ARG A 53 2.87 5.98 15.41
CA ARG A 53 4.00 5.07 15.49
C ARG A 53 3.66 3.80 14.72
N PRO A 54 4.56 3.33 13.84
CA PRO A 54 4.30 2.19 12.94
C PRO A 54 4.00 0.88 13.68
N GLU A 55 4.13 0.90 15.00
CA GLU A 55 3.86 -0.26 15.83
C GLU A 55 2.42 -0.75 15.71
N LEU A 56 1.50 0.18 15.43
CA LEU A 56 0.11 -0.18 15.22
C LEU A 56 -0.18 -0.39 13.73
N PHE A 57 0.79 -0.07 12.91
CA PHE A 57 0.66 -0.20 11.47
C PHE A 57 1.35 -1.49 11.03
N ILE A 58 1.46 -1.68 9.74
CA ILE A 58 1.94 -2.94 9.18
C ILE A 58 3.46 -3.07 9.24
N GLN A 59 3.91 -4.32 9.13
CA GLN A 59 5.33 -4.63 9.13
C GLN A 59 5.98 -4.11 7.84
N GLY A 60 7.22 -3.65 7.94
CA GLY A 60 7.87 -3.00 6.84
C GLY A 60 8.33 -3.94 5.74
N ASP A 61 7.38 -4.47 4.99
CA ASP A 61 7.68 -5.28 3.82
C ASP A 61 6.43 -5.43 2.94
N SER A 62 5.27 -5.57 3.59
CA SER A 62 4.01 -5.76 2.88
C SER A 62 2.85 -5.25 3.73
N VAL A 63 2.44 -6.06 4.71
CA VAL A 63 1.45 -5.68 5.72
C VAL A 63 1.63 -6.54 6.95
N ARG A 64 1.07 -6.09 8.07
CA ARG A 64 1.01 -6.88 9.29
C ARG A 64 -0.20 -7.80 9.19
N PRO A 65 -0.36 -8.77 10.11
CA PRO A 65 -1.57 -9.61 10.14
C PRO A 65 -2.82 -8.78 10.38
N GLY A 66 -2.62 -7.55 10.82
CA GLY A 66 -3.70 -6.65 11.13
C GLY A 66 -4.29 -5.95 9.92
N ILE A 67 -3.45 -5.36 9.08
CA ILE A 67 -3.95 -4.69 7.90
C ILE A 67 -3.85 -5.58 6.66
N LEU A 68 -4.94 -5.68 5.94
CA LEU A 68 -5.00 -6.45 4.71
C LEU A 68 -4.85 -5.51 3.52
N VAL A 69 -4.31 -5.99 2.42
CA VAL A 69 -4.15 -5.15 1.24
C VAL A 69 -4.80 -5.77 0.01
N LEU A 70 -5.56 -4.97 -0.70
CA LEU A 70 -6.08 -5.36 -1.99
C LEU A 70 -5.10 -4.96 -3.06
N ILE A 71 -4.56 -5.93 -3.78
CA ILE A 71 -3.79 -5.61 -4.97
C ILE A 71 -4.77 -5.50 -6.12
N ASN A 72 -4.94 -4.27 -6.59
CA ASN A 72 -5.89 -3.89 -7.64
C ASN A 72 -7.33 -4.04 -7.17
N ASP A 73 -7.64 -5.18 -6.56
CA ASP A 73 -8.93 -5.42 -5.93
C ASP A 73 -8.99 -6.87 -5.44
N ALA A 74 -7.82 -7.47 -5.20
CA ALA A 74 -7.75 -8.88 -4.86
C ALA A 74 -6.79 -9.12 -3.69
N ASP A 75 -6.76 -10.36 -3.21
CA ASP A 75 -5.96 -10.72 -2.03
C ASP A 75 -4.47 -10.63 -2.33
N TRP A 76 -3.83 -9.64 -1.73
CA TRP A 76 -2.41 -9.36 -1.92
C TRP A 76 -1.54 -10.62 -1.76
N GLU A 77 -1.74 -11.34 -0.66
CA GLU A 77 -0.85 -12.44 -0.28
C GLU A 77 -0.84 -13.53 -1.35
N LEU A 78 -2.01 -13.82 -1.90
CA LEU A 78 -2.17 -14.87 -2.89
C LEU A 78 -1.63 -14.43 -4.24
N LEU A 79 -1.52 -13.12 -4.41
CA LEU A 79 -1.13 -12.55 -5.69
C LEU A 79 0.36 -12.26 -5.78
N GLY A 80 0.99 -11.99 -4.63
CA GLY A 80 2.41 -11.70 -4.63
C GLY A 80 2.76 -10.57 -3.70
N GLU A 81 1.72 -9.79 -3.34
CA GLU A 81 1.81 -8.70 -2.35
C GLU A 81 3.11 -7.89 -2.45
N LEU A 82 3.92 -7.93 -1.38
CA LEU A 82 5.16 -7.17 -1.26
C LEU A 82 5.98 -7.13 -2.55
N ASP A 83 6.26 -8.28 -3.13
CA ASP A 83 7.13 -8.36 -4.29
C ASP A 83 6.29 -8.37 -5.56
N TYR A 84 5.67 -7.24 -5.84
CA TYR A 84 4.87 -7.09 -7.03
C TYR A 84 5.54 -6.16 -8.01
N GLN A 85 5.60 -6.57 -9.27
CA GLN A 85 6.13 -5.71 -10.33
C GLN A 85 5.03 -4.75 -10.81
N LEU A 86 4.02 -4.59 -9.96
CA LEU A 86 2.84 -3.76 -10.22
C LEU A 86 2.03 -4.25 -11.43
N GLN A 87 0.74 -3.97 -11.41
CA GLN A 87 -0.12 -4.19 -12.55
C GLN A 87 -0.78 -2.86 -12.89
N ASP A 88 -1.33 -2.74 -14.09
CA ASP A 88 -1.88 -1.47 -14.52
C ASP A 88 -3.21 -1.18 -13.82
N GLN A 89 -3.33 0.05 -13.33
CA GLN A 89 -4.49 0.49 -12.57
C GLN A 89 -4.75 -0.39 -11.36
N ASP A 90 -3.67 -0.78 -10.69
CA ASP A 90 -3.78 -1.47 -9.41
C ASP A 90 -4.34 -0.55 -8.35
N SER A 91 -5.45 -0.93 -7.77
CA SER A 91 -5.95 -0.24 -6.61
C SER A 91 -5.43 -0.94 -5.37
N ILE A 92 -4.35 -0.43 -4.83
CA ILE A 92 -3.73 -1.02 -3.66
C ILE A 92 -4.32 -0.40 -2.42
N LEU A 93 -5.15 -1.15 -1.72
CA LEU A 93 -5.87 -0.60 -0.59
C LEU A 93 -5.45 -1.26 0.71
N PHE A 94 -5.07 -0.44 1.68
CA PHE A 94 -4.78 -0.93 3.02
C PHE A 94 -6.04 -0.93 3.87
N ILE A 95 -6.47 -2.11 4.26
CA ILE A 95 -7.66 -2.27 5.07
C ILE A 95 -7.31 -2.89 6.41
N SER A 96 -7.29 -2.07 7.45
CA SER A 96 -7.00 -2.57 8.77
C SER A 96 -8.19 -3.34 9.32
N THR A 97 -8.02 -4.63 9.52
CA THR A 97 -9.09 -5.47 9.99
C THR A 97 -9.01 -5.60 11.51
N LEU A 98 -8.08 -4.86 12.11
CA LEU A 98 -7.95 -4.80 13.56
C LEU A 98 -9.20 -4.18 14.16
N HIS A 99 -9.88 -3.36 13.37
CA HIS A 99 -11.14 -2.76 13.78
C HIS A 99 -12.13 -2.79 12.61
N GLY A 100 -13.04 -3.74 12.65
CA GLY A 100 -14.05 -3.84 11.61
C GLY A 100 -15.31 -3.10 11.99
N GLY A 101 -15.60 -3.10 13.28
CA GLY A 101 -16.75 -2.39 13.79
C GLY A 101 -16.60 -2.14 15.27
N SER A 1 -0.79 8.85 -15.35
CA SER A 1 0.37 9.70 -15.03
C SER A 1 1.69 8.98 -15.33
N ALA A 2 1.60 7.76 -15.85
CA ALA A 2 2.78 6.97 -16.16
C ALA A 2 2.68 6.38 -17.56
N ALA A 3 3.83 6.21 -18.21
CA ALA A 3 3.88 5.61 -19.54
C ALA A 3 3.53 4.12 -19.50
N PRO A 4 4.22 3.31 -18.66
CA PRO A 4 3.94 1.87 -18.56
C PRO A 4 2.61 1.59 -17.88
N LEU A 5 2.53 1.86 -16.58
CA LEU A 5 1.32 1.60 -15.82
C LEU A 5 1.24 2.53 -14.62
N CYS A 6 0.03 2.77 -14.14
CA CYS A 6 -0.16 3.56 -12.93
C CYS A 6 -0.91 2.73 -11.91
N VAL A 7 -0.49 2.81 -10.65
CA VAL A 7 -1.12 2.04 -9.58
C VAL A 7 -1.66 2.98 -8.51
N LYS A 8 -2.82 2.65 -7.96
CA LYS A 8 -3.47 3.51 -6.98
C LYS A 8 -3.22 2.97 -5.58
N VAL A 9 -2.63 3.77 -4.72
CA VAL A 9 -2.40 3.39 -3.34
C VAL A 9 -3.35 4.17 -2.44
N GLU A 10 -4.14 3.49 -1.65
CA GLU A 10 -5.11 4.16 -0.80
C GLU A 10 -5.28 3.43 0.52
N PHE A 11 -5.78 4.16 1.51
CA PHE A 11 -6.05 3.61 2.83
C PHE A 11 -7.54 3.61 3.11
N GLY A 12 -8.05 2.51 3.67
CA GLY A 12 -9.49 2.37 3.82
C GLY A 12 -9.92 1.91 5.20
N GLY A 13 -9.20 0.93 5.76
CA GLY A 13 -9.60 0.37 7.06
C GLY A 13 -9.30 1.28 8.23
N GLY A 14 -9.76 2.53 8.15
CA GLY A 14 -9.43 3.51 9.16
C GLY A 14 -7.95 3.77 9.22
N ALA A 15 -7.25 3.37 8.16
CA ALA A 15 -5.81 3.43 8.12
C ALA A 15 -5.32 4.86 7.95
N GLU A 16 -6.10 5.68 7.25
CA GLU A 16 -5.72 7.07 6.99
C GLU A 16 -5.52 7.85 8.27
N LEU A 17 -6.20 7.45 9.33
CA LEU A 17 -6.04 8.11 10.64
C LEU A 17 -4.59 8.00 11.12
N LEU A 18 -3.88 7.00 10.61
CA LEU A 18 -2.48 6.78 10.95
C LEU A 18 -1.60 7.82 10.26
N PHE A 19 -2.15 8.39 9.19
CA PHE A 19 -1.41 9.32 8.35
C PHE A 19 -2.07 10.70 8.39
N ASP A 20 -3.01 10.85 9.31
CA ASP A 20 -3.81 12.07 9.47
C ASP A 20 -4.70 12.33 8.26
N GLY A 21 -5.65 11.41 8.06
CA GLY A 21 -6.68 11.57 7.04
C GLY A 21 -6.15 11.57 5.62
N VAL A 22 -4.96 11.00 5.42
CA VAL A 22 -4.41 10.84 4.09
C VAL A 22 -4.65 9.41 3.62
N LYS A 23 -5.36 9.27 2.51
CA LYS A 23 -5.74 7.96 2.03
C LYS A 23 -5.22 7.68 0.63
N LYS A 24 -5.75 8.39 -0.36
CA LYS A 24 -5.38 8.14 -1.75
C LYS A 24 -4.09 8.84 -2.14
N HIS A 25 -3.13 8.03 -2.54
CA HIS A 25 -1.88 8.52 -3.08
C HIS A 25 -1.57 7.74 -4.35
N GLN A 26 -1.55 8.43 -5.47
CA GLN A 26 -1.35 7.79 -6.75
C GLN A 26 0.10 7.94 -7.20
N VAL A 27 0.75 6.81 -7.42
CA VAL A 27 2.13 6.80 -7.86
C VAL A 27 2.23 6.27 -9.29
N ALA A 28 3.05 6.91 -10.09
CA ALA A 28 3.18 6.54 -11.49
C ALA A 28 4.51 5.83 -11.74
N LEU A 29 4.44 4.75 -12.49
CA LEU A 29 5.60 3.90 -12.73
C LEU A 29 6.47 4.47 -13.86
N PRO A 30 7.80 4.37 -13.74
CA PRO A 30 8.76 4.96 -14.68
C PRO A 30 8.68 4.36 -16.07
N GLY A 31 8.75 3.03 -16.16
CA GLY A 31 8.79 2.37 -17.44
C GLY A 31 10.10 1.65 -17.66
N GLN A 32 10.82 1.40 -16.58
CA GLN A 32 12.10 0.72 -16.63
C GLN A 32 12.47 0.19 -15.25
N GLU A 33 12.57 -1.14 -15.16
CA GLU A 33 12.87 -1.86 -13.92
C GLU A 33 11.73 -1.76 -12.90
N GLU A 34 11.12 -0.58 -12.81
CA GLU A 34 9.95 -0.33 -11.96
C GLU A 34 10.29 -0.58 -10.49
N PRO A 35 10.81 0.46 -9.81
CA PRO A 35 11.25 0.37 -8.42
C PRO A 35 10.15 0.71 -7.43
N TRP A 36 8.92 0.75 -7.93
CA TRP A 36 7.79 1.16 -7.14
C TRP A 36 7.02 -0.05 -6.60
N ASP A 37 7.73 -1.17 -6.40
CA ASP A 37 7.10 -2.38 -5.88
C ASP A 37 6.44 -2.07 -4.53
N ILE A 38 5.48 -2.90 -4.14
CA ILE A 38 4.68 -2.65 -2.95
C ILE A 38 5.56 -2.49 -1.70
N ARG A 39 6.63 -3.27 -1.63
CA ARG A 39 7.56 -3.22 -0.50
C ARG A 39 8.20 -1.83 -0.37
N ASN A 40 8.50 -1.18 -1.51
CA ASN A 40 9.13 0.14 -1.49
C ASN A 40 8.11 1.21 -1.13
N LEU A 41 6.89 1.05 -1.64
CA LEU A 41 5.82 1.99 -1.38
C LEU A 41 5.39 1.91 0.07
N LEU A 42 5.47 0.73 0.64
CA LEU A 42 5.23 0.53 2.06
C LEU A 42 6.16 1.41 2.87
N VAL A 43 7.42 1.44 2.48
CA VAL A 43 8.44 2.25 3.15
C VAL A 43 8.11 3.73 3.01
N TRP A 44 7.71 4.11 1.80
CA TRP A 44 7.29 5.47 1.53
C TRP A 44 6.14 5.83 2.47
N ILE A 45 5.19 4.92 2.58
CA ILE A 45 4.04 5.10 3.44
C ILE A 45 4.45 5.14 4.92
N LYS A 46 5.28 4.20 5.30
CA LYS A 46 5.71 4.05 6.67
C LYS A 46 6.55 5.24 7.13
N LYS A 47 7.60 5.55 6.40
CA LYS A 47 8.57 6.55 6.83
C LYS A 47 8.11 7.98 6.55
N ASN A 48 7.26 8.17 5.54
CA ASN A 48 6.86 9.52 5.18
C ASN A 48 5.45 9.84 5.67
N LEU A 49 4.53 8.87 5.59
CA LEU A 49 3.14 9.13 5.93
C LEU A 49 2.82 8.82 7.39
N LEU A 50 3.38 7.75 7.96
CA LEU A 50 3.01 7.33 9.31
C LEU A 50 3.32 8.44 10.31
N LYS A 51 2.28 9.01 10.90
CA LYS A 51 2.43 10.13 11.82
C LYS A 51 2.71 9.64 13.24
N GLU A 52 2.06 8.56 13.64
CA GLU A 52 2.25 8.01 14.98
C GLU A 52 3.28 6.88 14.95
N ARG A 53 3.22 6.01 15.97
CA ARG A 53 4.14 4.88 16.04
C ARG A 53 3.75 3.79 15.05
N PRO A 54 4.66 3.45 14.13
CA PRO A 54 4.43 2.43 13.10
C PRO A 54 4.43 1.02 13.64
N GLU A 55 4.71 0.88 14.93
CA GLU A 55 4.85 -0.42 15.55
C GLU A 55 3.50 -1.12 15.74
N LEU A 56 2.42 -0.36 15.71
CA LEU A 56 1.08 -0.96 15.70
C LEU A 56 0.60 -1.08 14.26
N PHE A 57 1.44 -0.62 13.35
CA PHE A 57 1.15 -0.62 11.93
C PHE A 57 1.75 -1.89 11.31
N ILE A 58 1.79 -1.95 9.99
CA ILE A 58 2.15 -3.16 9.28
C ILE A 58 3.65 -3.45 9.22
N GLN A 59 3.95 -4.71 8.90
CA GLN A 59 5.31 -5.21 8.77
C GLN A 59 6.05 -4.50 7.64
N GLY A 60 7.36 -4.35 7.79
CA GLY A 60 8.17 -3.70 6.76
C GLY A 60 8.34 -4.57 5.52
N ASP A 61 7.22 -4.99 4.93
CA ASP A 61 7.21 -5.74 3.69
C ASP A 61 5.99 -5.34 2.86
N SER A 62 4.81 -5.71 3.36
CA SER A 62 3.57 -5.43 2.66
C SER A 62 2.50 -4.97 3.65
N VAL A 63 2.07 -5.87 4.52
CA VAL A 63 1.10 -5.55 5.57
C VAL A 63 1.13 -6.59 6.68
N ARG A 64 0.58 -6.22 7.82
CA ARG A 64 0.48 -7.13 8.96
C ARG A 64 -0.84 -7.91 8.86
N PRO A 65 -1.07 -8.91 9.72
CA PRO A 65 -2.36 -9.60 9.78
C PRO A 65 -3.51 -8.64 10.06
N GLY A 66 -3.14 -7.50 10.66
CA GLY A 66 -4.11 -6.48 10.96
C GLY A 66 -4.61 -5.74 9.73
N ILE A 67 -3.72 -5.07 9.02
CA ILE A 67 -4.12 -4.40 7.79
C ILE A 67 -3.95 -5.32 6.60
N LEU A 68 -5.02 -5.51 5.86
CA LEU A 68 -5.00 -6.36 4.67
C LEU A 68 -4.94 -5.49 3.41
N VAL A 69 -4.03 -5.82 2.50
CA VAL A 69 -3.90 -5.06 1.27
C VAL A 69 -4.60 -5.76 0.11
N LEU A 70 -5.59 -5.09 -0.45
CA LEU A 70 -6.12 -5.47 -1.71
C LEU A 70 -5.18 -5.09 -2.83
N ILE A 71 -4.74 -6.10 -3.54
CA ILE A 71 -4.07 -5.90 -4.79
C ILE A 71 -5.12 -5.85 -5.88
N ASN A 72 -5.36 -4.64 -6.36
CA ASN A 72 -6.37 -4.27 -7.36
C ASN A 72 -7.77 -4.42 -6.82
N ASP A 73 -8.05 -5.56 -6.19
CA ASP A 73 -9.33 -5.83 -5.53
C ASP A 73 -9.32 -7.25 -4.96
N ALA A 74 -8.15 -7.68 -4.47
CA ALA A 74 -7.99 -9.06 -3.99
C ALA A 74 -6.88 -9.18 -2.96
N ASP A 75 -6.84 -10.32 -2.28
CA ASP A 75 -5.86 -10.57 -1.22
C ASP A 75 -4.43 -10.53 -1.73
N TRP A 76 -3.67 -9.55 -1.25
CA TRP A 76 -2.26 -9.35 -1.62
C TRP A 76 -1.43 -10.64 -1.56
N GLU A 77 -1.54 -11.38 -0.47
CA GLU A 77 -0.65 -12.51 -0.21
C GLU A 77 -0.82 -13.62 -1.25
N LEU A 78 -1.99 -13.68 -1.86
CA LEU A 78 -2.29 -14.70 -2.85
C LEU A 78 -1.91 -14.23 -4.24
N LEU A 79 -1.54 -12.96 -4.35
CA LEU A 79 -1.28 -12.33 -5.64
C LEU A 79 0.20 -11.98 -5.83
N GLY A 80 0.90 -11.69 -4.76
CA GLY A 80 2.31 -11.33 -4.88
C GLY A 80 2.74 -10.31 -3.84
N GLU A 81 1.75 -9.56 -3.35
CA GLU A 81 1.93 -8.56 -2.27
C GLU A 81 3.21 -7.73 -2.39
N LEU A 82 3.99 -7.69 -1.29
CA LEU A 82 5.18 -6.84 -1.16
C LEU A 82 6.06 -6.83 -2.43
N ASP A 83 6.25 -7.99 -3.04
CA ASP A 83 7.10 -8.06 -4.23
C ASP A 83 6.24 -8.12 -5.48
N TYR A 84 5.66 -6.98 -5.80
CA TYR A 84 4.89 -6.84 -7.01
C TYR A 84 5.64 -5.96 -7.99
N GLN A 85 5.56 -6.33 -9.26
CA GLN A 85 6.25 -5.60 -10.32
C GLN A 85 5.34 -4.50 -10.82
N LEU A 86 4.35 -4.19 -10.00
CA LEU A 86 3.28 -3.25 -10.31
C LEU A 86 2.40 -3.71 -11.45
N GLN A 87 1.16 -3.26 -11.40
CA GLN A 87 0.10 -3.71 -12.29
C GLN A 87 -0.77 -2.52 -12.68
N ASP A 88 -1.09 -2.43 -13.96
CA ASP A 88 -1.77 -1.25 -14.50
C ASP A 88 -3.20 -1.12 -13.99
N GLN A 89 -3.50 0.07 -13.44
CA GLN A 89 -4.81 0.38 -12.85
C GLN A 89 -5.16 -0.57 -11.72
N ASP A 90 -4.16 -0.94 -10.96
CA ASP A 90 -4.35 -1.79 -9.80
C ASP A 90 -4.76 -0.92 -8.61
N SER A 91 -5.81 -1.32 -7.88
CA SER A 91 -6.21 -0.56 -6.72
C SER A 91 -5.61 -1.19 -5.46
N ILE A 92 -4.50 -0.64 -5.03
CA ILE A 92 -3.81 -1.14 -3.86
C ILE A 92 -4.38 -0.47 -2.63
N LEU A 93 -5.16 -1.21 -1.86
CA LEU A 93 -5.86 -0.61 -0.74
C LEU A 93 -5.48 -1.28 0.57
N PHE A 94 -5.06 -0.48 1.53
CA PHE A 94 -4.75 -0.96 2.86
C PHE A 94 -6.02 -0.93 3.72
N ILE A 95 -6.48 -2.11 4.12
CA ILE A 95 -7.69 -2.23 4.92
C ILE A 95 -7.37 -2.83 6.28
N SER A 96 -7.34 -1.99 7.29
CA SER A 96 -7.11 -2.46 8.64
C SER A 96 -8.37 -3.15 9.15
N THR A 97 -8.29 -4.44 9.40
CA THR A 97 -9.43 -5.18 9.85
C THR A 97 -9.49 -5.17 11.38
N LEU A 98 -8.49 -4.56 11.99
CA LEU A 98 -8.44 -4.39 13.43
C LEU A 98 -9.53 -3.41 13.88
N HIS A 99 -10.59 -3.94 14.47
CA HIS A 99 -11.73 -3.12 14.87
C HIS A 99 -11.73 -2.84 16.36
N GLY A 100 -10.58 -3.06 16.99
CA GLY A 100 -10.48 -2.86 18.43
C GLY A 100 -10.66 -4.16 19.18
N GLY A 101 -10.22 -5.24 18.59
CA GLY A 101 -10.31 -6.53 19.23
C GLY A 101 -8.96 -7.02 19.67
N SER A 1 -0.43 9.45 -15.18
CA SER A 1 0.94 10.02 -15.12
C SER A 1 1.99 8.98 -15.50
N ALA A 2 1.54 7.77 -15.83
CA ALA A 2 2.45 6.72 -16.26
C ALA A 2 1.91 6.04 -17.50
N ALA A 3 2.56 6.28 -18.63
CA ALA A 3 2.20 5.62 -19.88
C ALA A 3 2.28 4.09 -19.75
N PRO A 4 3.37 3.54 -19.13
CA PRO A 4 3.43 2.11 -18.81
C PRO A 4 2.22 1.65 -18.00
N LEU A 5 2.22 1.93 -16.71
CA LEU A 5 1.09 1.58 -15.87
C LEU A 5 1.01 2.52 -14.66
N CYS A 6 -0.19 2.95 -14.32
CA CYS A 6 -0.38 3.80 -13.14
C CYS A 6 -1.10 3.00 -12.06
N VAL A 7 -0.57 3.02 -10.84
CA VAL A 7 -1.17 2.30 -9.74
C VAL A 7 -1.66 3.27 -8.66
N LYS A 8 -2.56 2.80 -7.80
CA LYS A 8 -3.14 3.65 -6.79
C LYS A 8 -2.85 3.10 -5.40
N VAL A 9 -2.39 3.96 -4.52
CA VAL A 9 -2.20 3.62 -3.12
C VAL A 9 -3.26 4.34 -2.29
N GLU A 10 -4.02 3.61 -1.50
CA GLU A 10 -5.09 4.21 -0.72
C GLU A 10 -5.24 3.52 0.63
N PHE A 11 -5.79 4.25 1.59
CA PHE A 11 -6.07 3.72 2.91
C PHE A 11 -7.57 3.73 3.16
N GLY A 12 -8.10 2.64 3.70
CA GLY A 12 -9.53 2.49 3.79
C GLY A 12 -10.03 1.92 5.11
N GLY A 13 -9.20 1.11 5.77
CA GLY A 13 -9.65 0.46 7.00
C GLY A 13 -9.41 1.31 8.23
N GLY A 14 -9.54 2.63 8.09
CA GLY A 14 -9.20 3.52 9.18
C GLY A 14 -7.70 3.66 9.31
N ALA A 15 -7.01 3.22 8.27
CA ALA A 15 -5.56 3.25 8.23
C ALA A 15 -5.08 4.68 8.08
N GLU A 16 -5.85 5.46 7.35
CA GLU A 16 -5.55 6.85 7.07
C GLU A 16 -5.41 7.67 8.35
N LEU A 17 -6.13 7.26 9.39
CA LEU A 17 -6.07 7.92 10.68
C LEU A 17 -4.64 7.91 11.23
N LEU A 18 -3.83 6.98 10.73
CA LEU A 18 -2.44 6.87 11.12
C LEU A 18 -1.60 7.92 10.40
N PHE A 19 -2.13 8.40 9.27
CA PHE A 19 -1.38 9.28 8.39
C PHE A 19 -1.97 10.69 8.39
N ASP A 20 -2.81 10.97 9.39
CA ASP A 20 -3.45 12.29 9.55
C ASP A 20 -4.55 12.50 8.50
N GLY A 21 -5.11 11.40 8.02
CA GLY A 21 -6.26 11.47 7.14
C GLY A 21 -5.91 11.28 5.68
N VAL A 22 -4.66 10.96 5.39
CA VAL A 22 -4.22 10.71 4.03
C VAL A 22 -4.75 9.36 3.55
N LYS A 23 -5.47 9.37 2.42
CA LYS A 23 -6.06 8.16 1.89
C LYS A 23 -5.49 7.81 0.51
N LYS A 24 -6.04 8.46 -0.51
CA LYS A 24 -5.69 8.17 -1.89
C LYS A 24 -4.43 8.92 -2.34
N HIS A 25 -3.49 8.17 -2.88
CA HIS A 25 -2.27 8.71 -3.45
C HIS A 25 -1.90 7.91 -4.71
N GLN A 26 -1.92 8.57 -5.86
CA GLN A 26 -1.52 7.91 -7.10
C GLN A 26 -0.01 7.91 -7.20
N VAL A 27 0.53 6.81 -7.70
CA VAL A 27 1.95 6.73 -7.98
C VAL A 27 2.15 6.13 -9.37
N ALA A 28 2.92 6.82 -10.19
CA ALA A 28 3.07 6.44 -11.58
C ALA A 28 4.37 5.71 -11.82
N LEU A 29 4.27 4.62 -12.57
CA LEU A 29 5.40 3.73 -12.80
C LEU A 29 6.30 4.27 -13.91
N PRO A 30 7.62 4.21 -13.69
CA PRO A 30 8.63 4.70 -14.65
C PRO A 30 8.70 3.85 -15.93
N GLY A 31 8.25 2.60 -15.84
CA GLY A 31 8.25 1.73 -17.00
C GLY A 31 9.59 1.06 -17.26
N GLN A 32 10.58 1.36 -16.43
CA GLN A 32 11.90 0.75 -16.58
C GLN A 32 12.36 0.07 -15.30
N GLU A 33 12.95 0.85 -14.41
CA GLU A 33 13.51 0.30 -13.17
C GLU A 33 12.44 0.23 -12.08
N GLU A 34 11.19 0.09 -12.53
CA GLU A 34 9.98 0.24 -11.70
C GLU A 34 10.19 -0.21 -10.26
N PRO A 35 10.50 0.75 -9.38
CA PRO A 35 10.77 0.51 -7.97
C PRO A 35 9.55 0.76 -7.10
N TRP A 36 8.38 0.76 -7.71
CA TRP A 36 7.16 1.09 -7.01
C TRP A 36 6.44 -0.15 -6.49
N ASP A 37 7.21 -1.18 -6.18
CA ASP A 37 6.65 -2.42 -5.64
C ASP A 37 5.91 -2.11 -4.35
N ILE A 38 4.98 -2.99 -3.99
CA ILE A 38 4.18 -2.81 -2.78
C ILE A 38 5.10 -2.67 -1.56
N ARG A 39 6.26 -3.33 -1.65
CA ARG A 39 7.30 -3.23 -0.63
C ARG A 39 7.81 -1.79 -0.51
N ASN A 40 8.19 -1.21 -1.64
CA ASN A 40 8.86 0.09 -1.63
C ASN A 40 7.87 1.20 -1.30
N LEU A 41 6.62 0.98 -1.65
CA LEU A 41 5.58 1.95 -1.35
C LEU A 41 5.23 1.91 0.12
N LEU A 42 5.32 0.74 0.71
CA LEU A 42 5.16 0.59 2.14
C LEU A 42 6.18 1.45 2.87
N VAL A 43 7.40 1.49 2.34
CA VAL A 43 8.46 2.29 2.91
C VAL A 43 8.11 3.76 2.81
N TRP A 44 7.68 4.16 1.62
CA TRP A 44 7.25 5.53 1.36
C TRP A 44 6.14 5.90 2.34
N ILE A 45 5.20 4.98 2.51
CA ILE A 45 4.07 5.17 3.41
C ILE A 45 4.53 5.24 4.86
N LYS A 46 5.29 4.24 5.28
CA LYS A 46 5.67 4.10 6.68
C LYS A 46 6.62 5.21 7.12
N LYS A 47 7.72 5.36 6.41
CA LYS A 47 8.80 6.23 6.87
C LYS A 47 8.56 7.70 6.52
N ASN A 48 7.57 7.97 5.67
CA ASN A 48 7.30 9.35 5.28
C ASN A 48 5.92 9.80 5.71
N LEU A 49 4.95 8.91 5.66
CA LEU A 49 3.56 9.29 5.82
C LEU A 49 3.01 8.93 7.21
N LEU A 50 3.58 7.90 7.84
CA LEU A 50 3.14 7.51 9.18
C LEU A 50 3.45 8.62 10.18
N LYS A 51 2.41 9.17 10.81
CA LYS A 51 2.58 10.29 11.71
C LYS A 51 2.85 9.84 13.14
N GLU A 52 2.20 8.76 13.56
CA GLU A 52 2.40 8.24 14.91
C GLU A 52 3.41 7.08 14.91
N ARG A 53 3.39 6.26 15.95
CA ARG A 53 4.27 5.10 16.02
C ARG A 53 3.96 4.13 14.89
N PRO A 54 4.98 3.68 14.15
CA PRO A 54 4.83 2.71 13.06
C PRO A 54 4.72 1.28 13.57
N GLU A 55 4.88 1.10 14.86
CA GLU A 55 4.93 -0.24 15.46
C GLU A 55 3.58 -0.94 15.44
N LEU A 56 2.51 -0.23 15.78
CA LEU A 56 1.17 -0.84 15.74
C LEU A 56 0.70 -0.92 14.29
N PHE A 57 1.51 -0.34 13.41
CA PHE A 57 1.26 -0.37 11.98
C PHE A 57 1.88 -1.65 11.39
N ILE A 58 2.00 -1.72 10.07
CA ILE A 58 2.30 -2.95 9.36
C ILE A 58 3.79 -3.30 9.31
N GLN A 59 4.06 -4.56 8.98
CA GLN A 59 5.41 -5.10 8.82
C GLN A 59 6.12 -4.37 7.69
N GLY A 60 7.43 -4.21 7.81
CA GLY A 60 8.20 -3.53 6.77
C GLY A 60 8.35 -4.34 5.49
N ASP A 61 7.23 -4.84 4.98
CA ASP A 61 7.22 -5.60 3.73
C ASP A 61 5.96 -5.28 2.93
N SER A 62 4.80 -5.61 3.49
CA SER A 62 3.53 -5.37 2.80
C SER A 62 2.47 -4.89 3.80
N VAL A 63 2.04 -5.77 4.70
CA VAL A 63 1.14 -5.42 5.80
C VAL A 63 1.22 -6.43 6.93
N ARG A 64 0.77 -6.02 8.10
CA ARG A 64 0.61 -6.94 9.22
C ARG A 64 -0.71 -7.67 9.03
N PRO A 65 -0.89 -8.84 9.65
CA PRO A 65 -2.13 -9.63 9.52
C PRO A 65 -3.36 -8.81 9.87
N GLY A 66 -3.14 -7.75 10.63
CA GLY A 66 -4.22 -6.87 11.03
C GLY A 66 -4.73 -5.99 9.89
N ILE A 67 -3.83 -5.54 9.02
CA ILE A 67 -4.25 -4.76 7.87
C ILE A 67 -4.16 -5.59 6.59
N LEU A 68 -5.25 -5.59 5.86
CA LEU A 68 -5.31 -6.35 4.61
C LEU A 68 -5.01 -5.43 3.44
N VAL A 69 -4.31 -5.94 2.44
CA VAL A 69 -4.02 -5.18 1.23
C VAL A 69 -4.70 -5.78 0.02
N LEU A 70 -5.47 -4.97 -0.67
CA LEU A 70 -6.03 -5.37 -1.93
C LEU A 70 -5.07 -5.01 -3.04
N ILE A 71 -4.56 -6.00 -3.74
CA ILE A 71 -3.81 -5.72 -4.96
C ILE A 71 -4.81 -5.65 -6.09
N ASN A 72 -5.01 -4.44 -6.58
CA ASN A 72 -6.01 -4.16 -7.62
C ASN A 72 -7.38 -4.13 -6.98
N ASP A 73 -7.73 -5.26 -6.37
CA ASP A 73 -8.97 -5.40 -5.59
C ASP A 73 -9.07 -6.83 -5.04
N ALA A 74 -7.91 -7.49 -4.90
CA ALA A 74 -7.89 -8.90 -4.49
C ALA A 74 -6.85 -9.17 -3.40
N ASP A 75 -6.87 -10.41 -2.89
CA ASP A 75 -5.97 -10.83 -1.80
C ASP A 75 -4.50 -10.79 -2.20
N TRP A 76 -3.82 -9.76 -1.72
CA TRP A 76 -2.41 -9.52 -2.00
C TRP A 76 -1.53 -10.75 -1.83
N GLU A 77 -1.68 -11.45 -0.70
CA GLU A 77 -0.84 -12.62 -0.41
C GLU A 77 -0.92 -13.64 -1.53
N LEU A 78 -2.13 -13.78 -2.07
CA LEU A 78 -2.40 -14.78 -3.09
C LEU A 78 -2.11 -14.24 -4.48
N LEU A 79 -1.65 -13.00 -4.55
CA LEU A 79 -1.37 -12.39 -5.84
C LEU A 79 0.12 -12.19 -6.06
N GLY A 80 0.85 -11.93 -4.98
CA GLY A 80 2.25 -11.62 -5.11
C GLY A 80 2.75 -10.74 -3.98
N GLU A 81 1.83 -9.92 -3.43
CA GLU A 81 2.11 -9.13 -2.24
C GLU A 81 3.25 -8.12 -2.43
N LEU A 82 3.95 -7.88 -1.32
CA LEU A 82 5.04 -6.92 -1.21
C LEU A 82 5.94 -6.85 -2.44
N ASP A 83 6.37 -8.00 -2.95
CA ASP A 83 7.29 -8.01 -4.08
C ASP A 83 6.51 -8.06 -5.39
N TYR A 84 5.84 -6.97 -5.68
CA TYR A 84 5.06 -6.85 -6.88
C TYR A 84 5.70 -5.87 -7.85
N GLN A 85 5.96 -6.31 -9.06
CA GLN A 85 6.55 -5.45 -10.08
C GLN A 85 5.47 -4.55 -10.70
N LEU A 86 4.38 -4.40 -9.95
CA LEU A 86 3.16 -3.69 -10.38
C LEU A 86 2.56 -4.29 -11.66
N GLN A 87 1.25 -4.15 -11.82
CA GLN A 87 0.57 -4.69 -12.98
C GLN A 87 0.02 -3.58 -13.86
N ASP A 88 -1.06 -2.97 -13.43
CA ASP A 88 -1.63 -1.82 -14.10
C ASP A 88 -2.97 -1.47 -13.47
N GLN A 89 -3.16 -0.20 -13.10
CA GLN A 89 -4.33 0.23 -12.34
C GLN A 89 -4.55 -0.63 -11.11
N ASP A 90 -3.45 -1.05 -10.51
CA ASP A 90 -3.48 -1.82 -9.28
C ASP A 90 -3.98 -0.92 -8.16
N SER A 91 -5.20 -1.12 -7.69
CA SER A 91 -5.70 -0.36 -6.61
C SER A 91 -5.26 -1.01 -5.33
N ILE A 92 -4.17 -0.51 -4.78
CA ILE A 92 -3.60 -1.08 -3.59
C ILE A 92 -4.20 -0.40 -2.37
N LEU A 93 -5.05 -1.13 -1.67
CA LEU A 93 -5.79 -0.56 -0.56
C LEU A 93 -5.39 -1.23 0.74
N PHE A 94 -5.05 -0.42 1.73
CA PHE A 94 -4.76 -0.91 3.06
C PHE A 94 -6.02 -0.85 3.91
N ILE A 95 -6.51 -2.01 4.31
CA ILE A 95 -7.75 -2.12 5.07
C ILE A 95 -7.47 -2.74 6.44
N SER A 96 -7.51 -1.92 7.47
CA SER A 96 -7.32 -2.42 8.81
C SER A 96 -8.54 -3.24 9.23
N THR A 97 -8.33 -4.52 9.47
CA THR A 97 -9.40 -5.39 9.89
C THR A 97 -9.27 -5.64 11.41
N LEU A 98 -8.29 -4.96 12.01
CA LEU A 98 -8.08 -5.03 13.45
C LEU A 98 -9.31 -4.52 14.18
N HIS A 99 -9.91 -3.47 13.66
CA HIS A 99 -11.13 -2.94 14.23
C HIS A 99 -12.34 -3.67 13.66
N GLY A 100 -12.37 -4.98 13.88
CA GLY A 100 -13.45 -5.80 13.38
C GLY A 100 -13.27 -7.25 13.74
N GLY A 101 -13.37 -8.11 12.75
CA GLY A 101 -13.21 -9.54 12.98
C GLY A 101 -14.52 -10.27 12.88
N SER A 1 -1.14 9.51 -17.72
CA SER A 1 -0.88 8.27 -16.97
C SER A 1 0.60 7.93 -17.06
N ALA A 2 0.99 6.78 -16.51
CA ALA A 2 2.36 6.32 -16.58
C ALA A 2 2.66 5.77 -17.97
N ALA A 3 3.92 5.83 -18.38
CA ALA A 3 4.33 5.27 -19.67
C ALA A 3 4.02 3.77 -19.74
N PRO A 4 4.44 2.97 -18.73
CA PRO A 4 4.06 1.56 -18.66
C PRO A 4 2.66 1.36 -18.05
N LEU A 5 2.59 1.49 -16.73
CA LEU A 5 1.34 1.32 -16.01
C LEU A 5 1.32 2.23 -14.78
N CYS A 6 0.14 2.68 -14.39
CA CYS A 6 0.01 3.59 -13.26
C CYS A 6 -0.79 2.92 -12.15
N VAL A 7 -0.31 3.02 -10.92
CA VAL A 7 -0.94 2.34 -9.82
C VAL A 7 -1.59 3.34 -8.85
N LYS A 8 -2.50 2.83 -8.04
CA LYS A 8 -3.24 3.64 -7.09
C LYS A 8 -2.99 3.11 -5.68
N VAL A 9 -2.81 4.01 -4.73
CA VAL A 9 -2.61 3.62 -3.34
C VAL A 9 -3.60 4.36 -2.45
N GLU A 10 -4.34 3.65 -1.62
CA GLU A 10 -5.29 4.30 -0.72
C GLU A 10 -5.38 3.55 0.61
N PHE A 11 -5.90 4.23 1.63
CA PHE A 11 -6.08 3.64 2.95
C PHE A 11 -7.57 3.59 3.29
N GLY A 12 -8.02 2.47 3.83
CA GLY A 12 -9.45 2.26 4.01
C GLY A 12 -9.85 1.78 5.39
N GLY A 13 -9.16 0.76 5.90
CA GLY A 13 -9.54 0.15 7.18
C GLY A 13 -9.16 1.00 8.37
N GLY A 14 -9.62 2.26 8.40
CA GLY A 14 -9.23 3.17 9.45
C GLY A 14 -7.75 3.50 9.39
N ALA A 15 -7.11 3.05 8.32
CA ALA A 15 -5.68 3.18 8.17
C ALA A 15 -5.26 4.64 8.03
N GLU A 16 -6.15 5.45 7.47
CA GLU A 16 -5.86 6.87 7.28
C GLU A 16 -5.65 7.56 8.62
N LEU A 17 -6.28 7.06 9.68
CA LEU A 17 -6.15 7.65 11.01
C LEU A 17 -4.72 7.48 11.53
N LEU A 18 -3.96 6.63 10.86
CA LEU A 18 -2.55 6.43 11.17
C LEU A 18 -1.74 7.52 10.51
N PHE A 19 -2.35 8.15 9.51
CA PHE A 19 -1.72 9.19 8.72
C PHE A 19 -2.50 10.49 8.87
N ASP A 20 -3.24 10.58 9.97
CA ASP A 20 -4.07 11.75 10.31
C ASP A 20 -5.09 12.09 9.20
N GLY A 21 -5.58 11.07 8.51
CA GLY A 21 -6.63 11.26 7.55
C GLY A 21 -6.13 11.34 6.11
N VAL A 22 -4.99 10.72 5.84
CA VAL A 22 -4.51 10.62 4.48
C VAL A 22 -4.89 9.26 3.91
N LYS A 23 -5.54 9.27 2.76
CA LYS A 23 -6.03 8.03 2.15
C LYS A 23 -5.40 7.79 0.79
N LYS A 24 -5.87 8.57 -0.18
CA LYS A 24 -5.55 8.35 -1.58
C LYS A 24 -4.18 8.92 -1.97
N HIS A 25 -3.48 8.16 -2.79
CA HIS A 25 -2.20 8.57 -3.35
C HIS A 25 -2.05 7.94 -4.73
N GLN A 26 -1.43 8.67 -5.66
CA GLN A 26 -1.21 8.13 -6.99
C GLN A 26 0.28 8.16 -7.33
N VAL A 27 0.75 7.10 -7.96
CA VAL A 27 2.14 7.03 -8.36
C VAL A 27 2.27 6.26 -9.68
N ALA A 28 3.02 6.83 -10.60
CA ALA A 28 3.17 6.28 -11.94
C ALA A 28 4.53 5.62 -12.12
N LEU A 29 4.55 4.45 -12.76
CA LEU A 29 5.79 3.75 -13.02
C LEU A 29 6.63 4.50 -14.05
N PRO A 30 7.94 4.63 -13.79
CA PRO A 30 8.88 5.26 -14.71
C PRO A 30 8.94 4.58 -16.07
N GLY A 31 8.90 3.25 -16.07
CA GLY A 31 8.99 2.49 -17.29
C GLY A 31 9.14 1.01 -17.01
N GLN A 32 10.19 0.42 -17.53
CA GLN A 32 10.43 -1.02 -17.40
C GLN A 32 11.10 -1.33 -16.06
N GLU A 33 11.66 -0.30 -15.43
CA GLU A 33 12.29 -0.45 -14.12
C GLU A 33 11.28 -0.91 -13.08
N GLU A 34 10.15 -0.20 -13.03
CA GLU A 34 9.04 -0.52 -12.11
C GLU A 34 9.51 -0.72 -10.67
N PRO A 35 9.99 0.36 -10.02
CA PRO A 35 10.50 0.28 -8.65
C PRO A 35 9.45 0.58 -7.60
N TRP A 36 8.20 0.65 -8.04
CA TRP A 36 7.11 1.07 -7.17
C TRP A 36 6.38 -0.13 -6.59
N ASP A 37 7.13 -1.20 -6.31
CA ASP A 37 6.57 -2.40 -5.72
C ASP A 37 5.87 -2.06 -4.41
N ILE A 38 4.92 -2.90 -4.02
CA ILE A 38 4.12 -2.67 -2.83
C ILE A 38 5.02 -2.50 -1.61
N ARG A 39 6.07 -3.30 -1.55
CA ARG A 39 7.05 -3.23 -0.47
C ARG A 39 7.75 -1.86 -0.41
N ASN A 40 8.12 -1.33 -1.58
CA ASN A 40 8.80 -0.02 -1.64
C ASN A 40 7.84 1.10 -1.29
N LEU A 41 6.61 0.98 -1.75
CA LEU A 41 5.59 1.99 -1.48
C LEU A 41 5.21 1.97 0.00
N LEU A 42 5.21 0.78 0.57
CA LEU A 42 4.99 0.63 2.00
C LEU A 42 6.02 1.44 2.78
N VAL A 43 7.25 1.40 2.31
CA VAL A 43 8.33 2.14 2.94
C VAL A 43 8.05 3.63 2.87
N TRP A 44 7.68 4.09 1.68
CA TRP A 44 7.32 5.48 1.49
C TRP A 44 6.20 5.87 2.46
N ILE A 45 5.21 4.99 2.55
CA ILE A 45 4.07 5.20 3.42
C ILE A 45 4.48 5.21 4.88
N LYS A 46 5.20 4.19 5.31
CA LYS A 46 5.56 4.04 6.72
C LYS A 46 6.59 5.09 7.14
N LYS A 47 7.70 5.11 6.43
CA LYS A 47 8.87 5.89 6.83
C LYS A 47 8.66 7.39 6.66
N ASN A 48 7.63 7.77 5.91
CA ASN A 48 7.37 9.17 5.65
C ASN A 48 5.98 9.58 6.13
N LEU A 49 4.96 8.87 5.67
CA LEU A 49 3.58 9.29 5.88
C LEU A 49 3.03 8.86 7.24
N LEU A 50 3.51 7.74 7.79
CA LEU A 50 2.99 7.22 9.05
C LEU A 50 3.24 8.24 10.17
N LYS A 51 2.17 8.78 10.73
CA LYS A 51 2.28 9.87 11.70
C LYS A 51 2.25 9.35 13.14
N GLU A 52 1.69 8.17 13.32
CA GLU A 52 1.61 7.56 14.65
C GLU A 52 2.85 6.70 14.92
N ARG A 53 2.76 5.80 15.90
CA ARG A 53 3.87 4.88 16.20
C ARG A 53 3.76 3.62 15.36
N PRO A 54 4.57 3.53 14.29
CA PRO A 54 4.43 2.49 13.27
C PRO A 54 4.71 1.07 13.79
N GLU A 55 5.09 0.98 15.05
CA GLU A 55 5.48 -0.28 15.65
C GLU A 55 4.30 -1.24 15.80
N LEU A 56 3.08 -0.71 15.86
CA LEU A 56 1.91 -1.57 15.87
C LEU A 56 1.19 -1.51 14.52
N PHE A 57 1.77 -0.75 13.60
CA PHE A 57 1.29 -0.68 12.23
C PHE A 57 1.89 -1.87 11.47
N ILE A 58 1.82 -1.85 10.16
CA ILE A 58 2.19 -3.01 9.36
C ILE A 58 3.70 -3.20 9.26
N GLN A 59 4.08 -4.43 8.94
CA GLN A 59 5.48 -4.80 8.79
C GLN A 59 6.10 -4.05 7.63
N GLY A 60 7.39 -3.73 7.74
CA GLY A 60 8.08 -3.01 6.68
C GLY A 60 8.31 -3.85 5.42
N ASP A 61 7.27 -4.53 4.97
CA ASP A 61 7.34 -5.39 3.79
C ASP A 61 6.02 -5.38 3.05
N SER A 62 4.95 -5.86 3.70
CA SER A 62 3.65 -5.99 3.05
C SER A 62 2.55 -5.38 3.92
N VAL A 63 2.22 -6.06 5.03
CA VAL A 63 1.25 -5.56 6.01
C VAL A 63 1.36 -6.35 7.29
N ARG A 64 0.82 -5.80 8.37
CA ARG A 64 0.69 -6.51 9.63
C ARG A 64 -0.49 -7.47 9.49
N PRO A 65 -0.64 -8.45 10.40
CA PRO A 65 -1.82 -9.32 10.39
C PRO A 65 -3.10 -8.49 10.50
N GLY A 66 -2.96 -7.30 11.07
CA GLY A 66 -4.09 -6.41 11.24
C GLY A 66 -4.56 -5.78 9.94
N ILE A 67 -3.65 -5.16 9.19
CA ILE A 67 -4.03 -4.53 7.93
C ILE A 67 -3.85 -5.48 6.75
N LEU A 68 -4.83 -5.51 5.87
CA LEU A 68 -4.78 -6.32 4.67
C LEU A 68 -4.55 -5.42 3.45
N VAL A 69 -3.98 -5.98 2.40
CA VAL A 69 -3.75 -5.22 1.18
C VAL A 69 -4.58 -5.76 0.04
N LEU A 70 -5.30 -4.89 -0.62
CA LEU A 70 -5.95 -5.24 -1.85
C LEU A 70 -5.04 -4.89 -3.02
N ILE A 71 -4.56 -5.91 -3.72
CA ILE A 71 -3.84 -5.66 -4.94
C ILE A 71 -4.84 -5.54 -6.05
N ASN A 72 -5.00 -4.33 -6.54
CA ASN A 72 -5.99 -3.99 -7.57
C ASN A 72 -7.35 -3.94 -6.91
N ASP A 73 -7.78 -5.08 -6.39
CA ASP A 73 -8.98 -5.19 -5.59
C ASP A 73 -9.08 -6.60 -5.02
N ALA A 74 -7.94 -7.28 -4.89
CA ALA A 74 -7.94 -8.69 -4.50
C ALA A 74 -6.92 -8.96 -3.40
N ASP A 75 -6.93 -10.19 -2.89
CA ASP A 75 -6.06 -10.61 -1.78
C ASP A 75 -4.60 -10.53 -2.17
N TRP A 76 -3.90 -9.58 -1.57
CA TRP A 76 -2.48 -9.37 -1.79
C TRP A 76 -1.66 -10.65 -1.68
N GLU A 77 -1.86 -11.39 -0.60
CA GLU A 77 -1.02 -12.53 -0.28
C GLU A 77 -1.11 -13.62 -1.35
N LEU A 78 -2.28 -13.72 -1.97
CA LEU A 78 -2.52 -14.75 -2.98
C LEU A 78 -2.12 -14.27 -4.37
N LEU A 79 -1.71 -13.01 -4.44
CA LEU A 79 -1.38 -12.41 -5.73
C LEU A 79 0.14 -12.14 -5.85
N GLY A 80 0.79 -11.88 -4.73
CA GLY A 80 2.21 -11.59 -4.76
C GLY A 80 2.59 -10.51 -3.77
N GLU A 81 1.58 -9.74 -3.35
CA GLU A 81 1.68 -8.71 -2.31
C GLU A 81 2.96 -7.85 -2.38
N LEU A 82 3.68 -7.77 -1.27
CA LEU A 82 4.84 -6.89 -1.09
C LEU A 82 5.73 -6.79 -2.33
N ASP A 83 6.19 -7.92 -2.84
CA ASP A 83 7.12 -7.90 -3.96
C ASP A 83 6.35 -7.93 -5.27
N TYR A 84 5.68 -6.84 -5.55
CA TYR A 84 4.89 -6.73 -6.76
C TYR A 84 5.54 -5.80 -7.75
N GLN A 85 5.79 -6.31 -8.94
CA GLN A 85 6.41 -5.53 -10.00
C GLN A 85 5.39 -4.59 -10.64
N LEU A 86 4.27 -4.40 -9.94
CA LEU A 86 3.09 -3.68 -10.45
C LEU A 86 2.54 -4.34 -11.71
N GLN A 87 1.23 -4.30 -11.87
CA GLN A 87 0.62 -4.96 -13.01
C GLN A 87 0.00 -3.97 -13.97
N ASP A 88 -1.06 -3.31 -13.53
CA ASP A 88 -1.66 -2.22 -14.29
C ASP A 88 -2.94 -1.73 -13.60
N GLN A 89 -3.00 -0.42 -13.36
CA GLN A 89 -4.19 0.20 -12.76
C GLN A 89 -4.46 -0.37 -11.37
N ASP A 90 -3.40 -0.90 -10.77
CA ASP A 90 -3.45 -1.59 -9.49
C ASP A 90 -4.00 -0.66 -8.41
N SER A 91 -5.17 -0.96 -7.85
CA SER A 91 -5.65 -0.19 -6.75
C SER A 91 -5.20 -0.88 -5.47
N ILE A 92 -4.10 -0.40 -4.92
CA ILE A 92 -3.53 -0.99 -3.73
C ILE A 92 -4.13 -0.33 -2.50
N LEU A 93 -4.97 -1.06 -1.81
CA LEU A 93 -5.69 -0.50 -0.68
C LEU A 93 -5.28 -1.20 0.61
N PHE A 94 -4.92 -0.43 1.61
CA PHE A 94 -4.63 -0.96 2.92
C PHE A 94 -5.90 -0.95 3.78
N ILE A 95 -6.36 -2.14 4.13
CA ILE A 95 -7.60 -2.31 4.88
C ILE A 95 -7.33 -3.01 6.19
N SER A 96 -7.36 -2.26 7.29
CA SER A 96 -7.20 -2.88 8.59
C SER A 96 -8.48 -3.59 8.97
N THR A 97 -8.39 -4.92 9.09
CA THR A 97 -9.57 -5.73 9.33
C THR A 97 -9.89 -5.77 10.83
N LEU A 98 -8.93 -5.37 11.64
CA LEU A 98 -9.12 -5.33 13.08
C LEU A 98 -8.53 -4.05 13.66
N HIS A 99 -8.87 -3.77 14.90
CA HIS A 99 -8.39 -2.58 15.59
C HIS A 99 -6.94 -2.75 16.00
N GLY A 100 -6.60 -3.95 16.46
CA GLY A 100 -5.30 -4.19 17.03
C GLY A 100 -5.38 -4.11 18.54
N GLY A 101 -6.53 -4.48 19.05
CA GLY A 101 -6.80 -4.34 20.46
C GLY A 101 -8.28 -4.15 20.72
N SER A 1 1.27 10.30 -17.12
CA SER A 1 1.93 10.11 -15.81
C SER A 1 2.98 9.00 -15.87
N ALA A 2 2.54 7.77 -16.13
CA ALA A 2 3.45 6.63 -16.16
C ALA A 2 3.62 6.09 -17.56
N ALA A 3 4.85 5.77 -17.91
CA ALA A 3 5.16 5.21 -19.22
C ALA A 3 4.48 3.86 -19.43
N PRO A 4 4.57 2.90 -18.47
CA PRO A 4 3.91 1.62 -18.60
C PRO A 4 2.50 1.62 -18.00
N LEU A 5 2.41 1.83 -16.70
CA LEU A 5 1.16 1.71 -15.98
C LEU A 5 1.16 2.61 -14.75
N CYS A 6 -0.01 3.07 -14.34
CA CYS A 6 -0.14 3.86 -13.13
C CYS A 6 -0.80 3.00 -12.05
N VAL A 7 -0.46 3.24 -10.79
CA VAL A 7 -1.06 2.48 -9.70
C VAL A 7 -1.64 3.42 -8.65
N LYS A 8 -2.71 2.98 -8.01
CA LYS A 8 -3.39 3.77 -7.00
C LYS A 8 -3.19 3.14 -5.63
N VAL A 9 -2.67 3.93 -4.71
CA VAL A 9 -2.50 3.49 -3.34
C VAL A 9 -3.52 4.22 -2.46
N GLU A 10 -4.26 3.48 -1.66
CA GLU A 10 -5.27 4.09 -0.81
C GLU A 10 -5.37 3.36 0.53
N PHE A 11 -5.84 4.07 1.54
CA PHE A 11 -6.09 3.49 2.85
C PHE A 11 -7.59 3.34 3.09
N GLY A 12 -8.01 2.15 3.51
CA GLY A 12 -9.40 1.81 3.54
C GLY A 12 -9.95 1.58 4.94
N GLY A 13 -9.34 0.63 5.65
CA GLY A 13 -9.82 0.25 6.98
C GLY A 13 -9.49 1.26 8.05
N GLY A 14 -9.79 2.52 7.81
CA GLY A 14 -9.42 3.57 8.75
C GLY A 14 -7.92 3.65 8.94
N ALA A 15 -7.18 3.09 7.99
CA ALA A 15 -5.73 3.09 8.04
C ALA A 15 -5.20 4.52 7.91
N GLU A 16 -5.99 5.34 7.23
CA GLU A 16 -5.69 6.76 7.04
C GLU A 16 -5.54 7.49 8.37
N LEU A 17 -6.21 6.99 9.40
CA LEU A 17 -6.15 7.61 10.72
C LEU A 17 -4.72 7.56 11.27
N LEU A 18 -3.90 6.71 10.68
CA LEU A 18 -2.49 6.62 11.06
C LEU A 18 -1.71 7.73 10.37
N PHE A 19 -2.32 8.28 9.32
CA PHE A 19 -1.69 9.30 8.50
C PHE A 19 -2.50 10.59 8.54
N ASP A 20 -3.24 10.79 9.64
CA ASP A 20 -4.01 12.02 9.89
C ASP A 20 -5.34 12.04 9.11
N GLY A 21 -5.47 11.17 8.12
CA GLY A 21 -6.69 11.15 7.34
C GLY A 21 -6.43 11.12 5.84
N VAL A 22 -5.18 11.22 5.44
CA VAL A 22 -4.84 11.08 4.03
C VAL A 22 -4.81 9.59 3.67
N LYS A 23 -5.50 9.24 2.60
CA LYS A 23 -5.68 7.86 2.24
C LYS A 23 -5.23 7.55 0.82
N LYS A 24 -5.86 8.20 -0.14
CA LYS A 24 -5.57 7.97 -1.55
C LYS A 24 -4.32 8.74 -1.99
N HIS A 25 -3.38 8.01 -2.55
CA HIS A 25 -2.14 8.59 -3.04
C HIS A 25 -1.70 7.84 -4.29
N GLN A 26 -1.70 8.51 -5.42
CA GLN A 26 -1.35 7.88 -6.70
C GLN A 26 0.14 8.02 -7.00
N VAL A 27 0.72 6.99 -7.58
CA VAL A 27 2.10 7.02 -8.02
C VAL A 27 2.21 6.38 -9.39
N ALA A 28 3.07 6.92 -10.24
CA ALA A 28 3.22 6.43 -11.60
C ALA A 28 4.58 5.79 -11.80
N LEU A 29 4.62 4.72 -12.57
CA LEU A 29 5.84 3.97 -12.81
C LEU A 29 6.71 4.67 -13.85
N PRO A 30 8.05 4.56 -13.68
CA PRO A 30 9.03 5.18 -14.59
C PRO A 30 8.90 4.70 -16.03
N GLY A 31 8.65 3.40 -16.20
CA GLY A 31 8.60 2.83 -17.53
C GLY A 31 9.82 1.98 -17.81
N GLN A 32 10.43 1.51 -16.73
CA GLN A 32 11.63 0.70 -16.79
C GLN A 32 11.98 0.23 -15.38
N GLU A 33 12.20 -1.07 -15.24
CA GLU A 33 12.51 -1.71 -13.95
C GLU A 33 11.31 -1.77 -13.02
N GLU A 34 10.63 -0.63 -12.86
CA GLU A 34 9.48 -0.48 -11.97
C GLU A 34 9.88 -0.77 -10.53
N PRO A 35 10.41 0.25 -9.85
CA PRO A 35 10.89 0.11 -8.47
C PRO A 35 9.79 0.44 -7.46
N TRP A 36 8.57 0.55 -7.96
CA TRP A 36 7.45 0.97 -7.13
C TRP A 36 6.69 -0.23 -6.60
N ASP A 37 7.41 -1.33 -6.37
CA ASP A 37 6.81 -2.52 -5.79
C ASP A 37 6.15 -2.17 -4.47
N ILE A 38 5.14 -2.96 -4.08
CA ILE A 38 4.34 -2.66 -2.90
C ILE A 38 5.22 -2.45 -1.67
N ARG A 39 6.27 -3.26 -1.54
CA ARG A 39 7.18 -3.18 -0.41
C ARG A 39 7.87 -1.81 -0.33
N ASN A 40 8.29 -1.27 -1.48
CA ASN A 40 8.98 0.01 -1.54
C ASN A 40 8.04 1.15 -1.20
N LEU A 41 6.83 1.06 -1.70
CA LEU A 41 5.81 2.07 -1.44
C LEU A 41 5.37 2.00 0.01
N LEU A 42 5.37 0.80 0.53
CA LEU A 42 5.04 0.55 1.91
C LEU A 42 6.03 1.26 2.82
N VAL A 43 7.29 1.22 2.42
CA VAL A 43 8.35 1.93 3.13
C VAL A 43 8.16 3.41 2.99
N TRP A 44 7.87 3.84 1.76
CA TRP A 44 7.59 5.23 1.49
C TRP A 44 6.47 5.73 2.40
N ILE A 45 5.42 4.91 2.50
CA ILE A 45 4.30 5.23 3.37
C ILE A 45 4.75 5.25 4.83
N LYS A 46 5.53 4.26 5.22
CA LYS A 46 6.01 4.16 6.58
C LYS A 46 6.89 5.33 6.99
N LYS A 47 7.95 5.56 6.23
CA LYS A 47 8.96 6.56 6.62
C LYS A 47 8.49 8.00 6.37
N ASN A 48 7.68 8.20 5.35
CA ASN A 48 7.31 9.55 4.95
C ASN A 48 5.92 9.94 5.48
N LEU A 49 5.00 8.98 5.44
CA LEU A 49 3.59 9.30 5.65
C LEU A 49 3.13 8.99 7.08
N LEU A 50 3.73 8.00 7.73
CA LEU A 50 3.28 7.58 9.06
C LEU A 50 3.39 8.73 10.07
N LYS A 51 2.26 9.17 10.60
CA LYS A 51 2.24 10.21 11.61
C LYS A 51 2.64 9.66 12.96
N GLU A 52 2.24 8.43 13.24
CA GLU A 52 2.52 7.81 14.53
C GLU A 52 3.49 6.64 14.37
N ARG A 53 3.49 5.73 15.35
CA ARG A 53 4.42 4.62 15.37
C ARG A 53 3.97 3.52 14.41
N PRO A 54 4.82 3.18 13.44
CA PRO A 54 4.53 2.12 12.44
C PRO A 54 4.39 0.73 13.06
N GLU A 55 4.67 0.64 14.35
CA GLU A 55 4.59 -0.62 15.07
C GLU A 55 3.13 -1.04 15.26
N LEU A 56 2.21 -0.09 15.09
CA LEU A 56 0.79 -0.39 15.09
C LEU A 56 0.30 -0.56 13.65
N PHE A 57 1.20 -0.23 12.74
CA PHE A 57 0.94 -0.36 11.33
C PHE A 57 1.49 -1.71 10.84
N ILE A 58 1.54 -1.89 9.54
CA ILE A 58 1.94 -3.15 8.93
C ILE A 58 3.46 -3.33 8.89
N GLN A 59 3.87 -4.58 8.66
CA GLN A 59 5.29 -4.96 8.63
C GLN A 59 6.03 -4.23 7.51
N GLY A 60 7.30 -3.95 7.74
CA GLY A 60 8.11 -3.21 6.77
C GLY A 60 8.43 -4.00 5.50
N ASP A 61 7.45 -4.78 5.06
CA ASP A 61 7.54 -5.54 3.81
C ASP A 61 6.17 -5.55 3.18
N SER A 62 5.21 -6.06 3.94
CA SER A 62 3.83 -6.15 3.52
C SER A 62 2.93 -5.70 4.68
N VAL A 63 1.99 -6.53 5.07
CA VAL A 63 1.05 -6.12 6.11
C VAL A 63 1.26 -6.86 7.42
N ARG A 64 0.72 -6.26 8.48
CA ARG A 64 0.65 -6.89 9.79
C ARG A 64 -0.62 -7.75 9.81
N PRO A 65 -0.85 -8.55 10.87
CA PRO A 65 -2.11 -9.30 11.01
C PRO A 65 -3.31 -8.37 11.14
N GLY A 66 -3.01 -7.09 11.35
CA GLY A 66 -4.04 -6.09 11.53
C GLY A 66 -4.59 -5.54 10.22
N ILE A 67 -3.72 -5.12 9.30
CA ILE A 67 -4.19 -4.57 8.04
C ILE A 67 -4.05 -5.56 6.91
N LEU A 68 -5.07 -5.63 6.06
CA LEU A 68 -5.05 -6.46 4.87
C LEU A 68 -4.91 -5.57 3.65
N VAL A 69 -4.37 -6.09 2.55
CA VAL A 69 -4.14 -5.27 1.37
C VAL A 69 -4.71 -5.87 0.10
N LEU A 70 -5.51 -5.08 -0.59
CA LEU A 70 -5.95 -5.39 -1.91
C LEU A 70 -4.90 -5.03 -2.94
N ILE A 71 -4.53 -6.02 -3.71
CA ILE A 71 -3.78 -5.78 -4.92
C ILE A 71 -4.75 -5.80 -6.07
N ASN A 72 -5.01 -4.63 -6.61
CA ASN A 72 -5.96 -4.41 -7.69
C ASN A 72 -7.36 -4.35 -7.11
N ASP A 73 -7.74 -5.45 -6.50
CA ASP A 73 -9.04 -5.61 -5.84
C ASP A 73 -9.13 -7.01 -5.24
N ALA A 74 -8.01 -7.51 -4.72
CA ALA A 74 -7.95 -8.89 -4.24
C ALA A 74 -6.86 -9.07 -3.19
N ASP A 75 -6.92 -10.20 -2.48
CA ASP A 75 -5.97 -10.52 -1.40
C ASP A 75 -4.54 -10.53 -1.90
N TRP A 76 -3.78 -9.55 -1.43
CA TRP A 76 -2.38 -9.35 -1.76
C TRP A 76 -1.52 -10.62 -1.64
N GLU A 77 -1.64 -11.32 -0.51
CA GLU A 77 -0.73 -12.41 -0.19
C GLU A 77 -0.83 -13.55 -1.20
N LEU A 78 -1.99 -13.69 -1.80
CA LEU A 78 -2.23 -14.77 -2.76
C LEU A 78 -1.82 -14.33 -4.15
N LEU A 79 -1.60 -13.04 -4.33
CA LEU A 79 -1.31 -12.48 -5.63
C LEU A 79 0.16 -12.15 -5.81
N GLY A 80 0.85 -11.78 -4.74
CA GLY A 80 2.25 -11.42 -4.84
C GLY A 80 2.66 -10.35 -3.84
N GLU A 81 1.66 -9.58 -3.39
CA GLU A 81 1.80 -8.57 -2.32
C GLU A 81 3.07 -7.72 -2.44
N LEU A 82 3.85 -7.69 -1.35
CA LEU A 82 5.02 -6.82 -1.22
C LEU A 82 5.91 -6.81 -2.48
N ASP A 83 6.06 -7.97 -3.11
CA ASP A 83 6.96 -8.08 -4.26
C ASP A 83 6.16 -8.00 -5.55
N TYR A 84 5.57 -6.85 -5.79
CA TYR A 84 4.80 -6.63 -7.00
C TYR A 84 5.49 -5.65 -7.93
N GLN A 85 5.75 -6.08 -9.14
CA GLN A 85 6.33 -5.23 -10.18
C GLN A 85 5.26 -4.30 -10.76
N LEU A 86 4.17 -4.16 -10.00
CA LEU A 86 2.96 -3.46 -10.43
C LEU A 86 2.35 -4.09 -11.69
N GLN A 87 1.04 -3.92 -11.91
CA GLN A 87 0.41 -4.48 -13.08
C GLN A 87 -0.17 -3.42 -14.00
N ASP A 88 -1.27 -2.83 -13.58
CA ASP A 88 -1.83 -1.68 -14.26
C ASP A 88 -3.14 -1.28 -13.58
N GLN A 89 -3.34 0.03 -13.38
CA GLN A 89 -4.56 0.54 -12.77
C GLN A 89 -4.83 -0.13 -11.44
N ASP A 90 -3.73 -0.55 -10.82
CA ASP A 90 -3.74 -1.22 -9.54
C ASP A 90 -4.48 -0.41 -8.49
N SER A 91 -5.43 -1.01 -7.82
CA SER A 91 -5.96 -0.42 -6.64
C SER A 91 -5.37 -1.12 -5.44
N ILE A 92 -4.32 -0.54 -4.91
CA ILE A 92 -3.65 -1.09 -3.75
C ILE A 92 -4.26 -0.47 -2.51
N LEU A 93 -5.05 -1.25 -1.80
CA LEU A 93 -5.82 -0.73 -0.69
C LEU A 93 -5.40 -1.39 0.62
N PHE A 94 -5.06 -0.57 1.60
CA PHE A 94 -4.76 -1.06 2.93
C PHE A 94 -6.01 -0.98 3.81
N ILE A 95 -6.53 -2.13 4.21
CA ILE A 95 -7.74 -2.18 5.03
C ILE A 95 -7.41 -2.74 6.40
N SER A 96 -7.45 -1.90 7.40
CA SER A 96 -7.26 -2.37 8.76
C SER A 96 -8.47 -3.18 9.18
N THR A 97 -8.26 -4.46 9.42
CA THR A 97 -9.34 -5.34 9.80
C THR A 97 -9.50 -5.33 11.32
N LEU A 98 -8.66 -4.52 11.97
CA LEU A 98 -8.73 -4.32 13.41
C LEU A 98 -10.10 -3.77 13.77
N HIS A 99 -10.59 -4.14 14.95
CA HIS A 99 -11.95 -3.81 15.33
C HIS A 99 -12.01 -2.47 16.05
N GLY A 100 -10.88 -2.08 16.65
CA GLY A 100 -10.80 -0.80 17.32
C GLY A 100 -11.42 -0.83 18.70
N GLY A 101 -12.72 -1.02 18.74
CA GLY A 101 -13.44 -1.09 20.00
C GLY A 101 -14.87 -0.66 19.84
N SER A 1 -1.23 9.05 -16.90
CA SER A 1 -0.12 9.54 -16.04
C SER A 1 1.17 8.81 -16.37
N ALA A 2 1.20 7.50 -16.12
CA ALA A 2 2.40 6.72 -16.39
C ALA A 2 2.35 6.12 -17.79
N ALA A 3 3.47 6.19 -18.49
CA ALA A 3 3.59 5.58 -19.81
C ALA A 3 3.44 4.06 -19.73
N PRO A 4 4.17 3.36 -18.83
CA PRO A 4 3.96 1.93 -18.60
C PRO A 4 2.57 1.65 -18.01
N LEU A 5 2.44 1.83 -16.71
CA LEU A 5 1.16 1.66 -16.03
C LEU A 5 1.14 2.53 -14.78
N CYS A 6 -0.04 2.95 -14.36
CA CYS A 6 -0.16 3.75 -13.15
C CYS A 6 -0.94 2.97 -12.10
N VAL A 7 -0.57 3.15 -10.85
CA VAL A 7 -1.26 2.50 -9.75
C VAL A 7 -1.79 3.53 -8.76
N LYS A 8 -2.68 3.09 -7.89
CA LYS A 8 -3.23 3.96 -6.86
C LYS A 8 -3.09 3.30 -5.50
N VAL A 9 -2.48 3.98 -4.56
CA VAL A 9 -2.40 3.50 -3.20
C VAL A 9 -3.32 4.34 -2.33
N GLU A 10 -4.16 3.71 -1.54
CA GLU A 10 -5.17 4.46 -0.80
C GLU A 10 -5.45 3.83 0.56
N PHE A 11 -6.08 4.60 1.44
CA PHE A 11 -6.51 4.10 2.74
C PHE A 11 -7.84 3.37 2.60
N GLY A 12 -8.12 2.45 3.50
CA GLY A 12 -9.41 1.81 3.49
C GLY A 12 -9.93 1.55 4.89
N GLY A 13 -9.20 0.72 5.65
CA GLY A 13 -9.64 0.35 6.98
C GLY A 13 -9.34 1.41 8.02
N GLY A 14 -9.80 2.63 7.79
CA GLY A 14 -9.52 3.72 8.72
C GLY A 14 -8.05 4.05 8.75
N ALA A 15 -7.33 3.58 7.74
CA ALA A 15 -5.88 3.70 7.67
C ALA A 15 -5.44 5.15 7.69
N GLU A 16 -6.24 6.04 7.14
CA GLU A 16 -5.88 7.47 7.05
C GLU A 16 -5.57 8.06 8.42
N LEU A 17 -6.17 7.51 9.46
CA LEU A 17 -5.97 7.98 10.82
C LEU A 17 -4.53 7.70 11.28
N LEU A 18 -3.85 6.87 10.51
CA LEU A 18 -2.43 6.58 10.74
C LEU A 18 -1.57 7.59 10.01
N PHE A 19 -2.18 8.25 9.03
CA PHE A 19 -1.45 9.06 8.07
C PHE A 19 -1.97 10.50 8.03
N ASP A 20 -2.42 11.02 9.17
CA ASP A 20 -2.81 12.42 9.31
C ASP A 20 -4.14 12.71 8.58
N GLY A 21 -4.77 11.66 8.09
CA GLY A 21 -6.03 11.83 7.38
C GLY A 21 -5.83 11.91 5.88
N VAL A 22 -4.64 11.56 5.42
CA VAL A 22 -4.37 11.52 3.99
C VAL A 22 -4.69 10.12 3.46
N LYS A 23 -5.56 10.06 2.46
CA LYS A 23 -6.11 8.78 2.03
C LYS A 23 -5.44 8.27 0.76
N LYS A 24 -5.89 8.78 -0.37
CA LYS A 24 -5.45 8.31 -1.68
C LYS A 24 -4.16 8.98 -2.11
N HIS A 25 -3.32 8.20 -2.77
CA HIS A 25 -2.07 8.67 -3.33
C HIS A 25 -1.89 8.09 -4.72
N GLN A 26 -1.77 8.95 -5.71
CA GLN A 26 -1.57 8.49 -7.08
C GLN A 26 -0.09 8.31 -7.34
N VAL A 27 0.29 7.09 -7.71
CA VAL A 27 1.69 6.77 -7.94
C VAL A 27 1.86 6.09 -9.29
N ALA A 28 2.66 6.71 -10.16
CA ALA A 28 2.79 6.25 -11.53
C ALA A 28 4.16 5.65 -11.79
N LEU A 29 4.20 4.50 -12.45
CA LEU A 29 5.45 3.82 -12.75
C LEU A 29 6.31 4.66 -13.69
N PRO A 30 7.59 4.84 -13.35
CA PRO A 30 8.54 5.66 -14.14
C PRO A 30 8.83 5.07 -15.52
N GLY A 31 8.59 3.77 -15.67
CA GLY A 31 8.90 3.09 -16.92
C GLY A 31 10.29 2.48 -16.91
N GLN A 32 10.94 2.57 -15.76
CA GLN A 32 12.28 2.01 -15.59
C GLN A 32 12.16 0.56 -15.09
N GLU A 33 12.74 0.30 -13.93
CA GLU A 33 12.62 -0.99 -13.28
C GLU A 33 11.22 -1.11 -12.68
N GLU A 34 10.53 0.03 -12.66
CA GLU A 34 9.22 0.15 -12.03
C GLU A 34 9.33 -0.25 -10.56
N PRO A 35 9.97 0.62 -9.77
CA PRO A 35 10.33 0.31 -8.39
C PRO A 35 9.24 0.71 -7.41
N TRP A 36 8.04 0.85 -7.91
CA TRP A 36 6.90 1.21 -7.08
C TRP A 36 6.25 -0.05 -6.55
N ASP A 37 7.07 -1.08 -6.32
CA ASP A 37 6.60 -2.34 -5.79
C ASP A 37 5.93 -2.09 -4.44
N ILE A 38 5.07 -3.01 -4.05
CA ILE A 38 4.29 -2.84 -2.83
C ILE A 38 5.20 -2.64 -1.63
N ARG A 39 6.32 -3.35 -1.60
CA ARG A 39 7.28 -3.24 -0.49
C ARG A 39 7.82 -1.80 -0.40
N ASN A 40 8.10 -1.18 -1.55
CA ASN A 40 8.71 0.14 -1.61
C ASN A 40 7.70 1.21 -1.25
N LEU A 41 6.50 1.08 -1.78
CA LEU A 41 5.41 1.99 -1.43
C LEU A 41 5.10 1.88 0.04
N LEU A 42 5.27 0.69 0.54
CA LEU A 42 5.06 0.38 1.94
C LEU A 42 6.09 1.09 2.81
N VAL A 43 7.29 1.25 2.27
CA VAL A 43 8.33 2.01 2.93
C VAL A 43 8.02 3.48 2.85
N TRP A 44 7.65 3.92 1.65
CA TRP A 44 7.28 5.31 1.41
C TRP A 44 6.18 5.73 2.36
N ILE A 45 5.17 4.88 2.48
CA ILE A 45 4.02 5.17 3.32
C ILE A 45 4.38 5.04 4.81
N LYS A 46 5.28 4.14 5.14
CA LYS A 46 5.71 4.00 6.54
C LYS A 46 6.59 5.18 6.96
N LYS A 47 7.64 5.43 6.20
CA LYS A 47 8.62 6.45 6.55
C LYS A 47 8.00 7.84 6.63
N ASN A 48 7.39 8.27 5.53
CA ASN A 48 6.92 9.65 5.41
C ASN A 48 5.49 9.82 5.89
N LEU A 49 4.65 8.85 5.60
CA LEU A 49 3.21 9.01 5.80
C LEU A 49 2.76 8.56 7.20
N LEU A 50 3.38 7.50 7.73
CA LEU A 50 2.99 6.97 9.03
C LEU A 50 3.35 7.97 10.14
N LYS A 51 2.34 8.44 10.86
CA LYS A 51 2.54 9.45 11.87
C LYS A 51 2.95 8.85 13.22
N GLU A 52 2.22 7.84 13.66
CA GLU A 52 2.45 7.26 14.98
C GLU A 52 3.40 6.07 14.91
N ARG A 53 3.18 5.08 15.77
CA ARG A 53 4.04 3.91 15.82
C ARG A 53 3.67 2.91 14.72
N PRO A 54 4.66 2.49 13.92
CA PRO A 54 4.45 1.48 12.86
C PRO A 54 4.15 0.10 13.46
N GLU A 55 4.25 0.01 14.77
CA GLU A 55 3.94 -1.20 15.51
C GLU A 55 2.52 -1.67 15.24
N LEU A 56 1.58 -0.73 15.29
CA LEU A 56 0.17 -1.04 15.04
C LEU A 56 -0.10 -1.10 13.54
N PHE A 57 0.92 -0.73 12.79
CA PHE A 57 0.85 -0.73 11.34
C PHE A 57 1.47 -2.04 10.82
N ILE A 58 1.59 -2.14 9.52
CA ILE A 58 2.04 -3.35 8.87
C ILE A 58 3.56 -3.52 8.89
N GLN A 59 3.97 -4.77 8.67
CA GLN A 59 5.37 -5.19 8.71
C GLN A 59 6.18 -4.49 7.62
N GLY A 60 7.45 -4.27 7.90
CA GLY A 60 8.33 -3.63 6.93
C GLY A 60 8.37 -4.33 5.58
N ASP A 61 8.01 -5.61 5.57
CA ASP A 61 7.96 -6.38 4.33
C ASP A 61 6.66 -6.10 3.58
N SER A 62 5.54 -6.42 4.23
CA SER A 62 4.22 -6.26 3.63
C SER A 62 3.23 -5.81 4.71
N VAL A 63 2.25 -6.64 5.02
CA VAL A 63 1.25 -6.25 6.03
C VAL A 63 1.38 -7.08 7.29
N ARG A 64 0.97 -6.49 8.39
CA ARG A 64 0.71 -7.24 9.60
C ARG A 64 -0.63 -7.94 9.39
N PRO A 65 -0.91 -9.02 10.11
CA PRO A 65 -2.21 -9.70 10.03
C PRO A 65 -3.36 -8.73 10.29
N GLY A 66 -3.02 -7.59 10.89
CA GLY A 66 -3.99 -6.57 11.20
C GLY A 66 -4.51 -5.83 9.98
N ILE A 67 -3.63 -5.40 9.07
CA ILE A 67 -4.08 -4.72 7.88
C ILE A 67 -4.02 -5.63 6.67
N LEU A 68 -5.14 -5.74 5.98
CA LEU A 68 -5.23 -6.51 4.77
C LEU A 68 -5.05 -5.58 3.57
N VAL A 69 -4.21 -5.96 2.62
CA VAL A 69 -3.97 -5.11 1.47
C VAL A 69 -4.55 -5.70 0.20
N LEU A 70 -5.35 -4.90 -0.47
CA LEU A 70 -5.88 -5.27 -1.77
C LEU A 70 -4.92 -4.85 -2.85
N ILE A 71 -4.40 -5.81 -3.57
CA ILE A 71 -3.65 -5.51 -4.78
C ILE A 71 -4.64 -5.41 -5.92
N ASN A 72 -4.78 -4.20 -6.45
CA ASN A 72 -5.76 -3.82 -7.48
C ASN A 72 -7.18 -3.89 -6.94
N ASP A 73 -7.52 -5.01 -6.32
CA ASP A 73 -8.76 -5.17 -5.57
C ASP A 73 -8.85 -6.61 -5.05
N ALA A 74 -7.69 -7.26 -4.92
CA ALA A 74 -7.65 -8.67 -4.58
C ALA A 74 -6.65 -8.95 -3.47
N ASP A 75 -6.77 -10.14 -2.86
CA ASP A 75 -5.90 -10.55 -1.75
C ASP A 75 -4.43 -10.53 -2.15
N TRP A 76 -3.71 -9.59 -1.56
CA TRP A 76 -2.29 -9.41 -1.80
C TRP A 76 -1.48 -10.70 -1.62
N GLU A 77 -1.72 -11.40 -0.52
CA GLU A 77 -0.88 -12.51 -0.10
C GLU A 77 -0.83 -13.62 -1.15
N LEU A 78 -1.98 -13.92 -1.74
CA LEU A 78 -2.06 -14.97 -2.75
C LEU A 78 -1.82 -14.42 -4.15
N LEU A 79 -1.51 -13.13 -4.23
CA LEU A 79 -1.19 -12.50 -5.51
C LEU A 79 0.32 -12.29 -5.67
N GLY A 80 1.01 -12.06 -4.55
CA GLY A 80 2.44 -11.79 -4.61
C GLY A 80 2.84 -10.67 -3.65
N GLU A 81 1.85 -9.89 -3.25
CA GLU A 81 1.99 -8.83 -2.23
C GLU A 81 3.28 -7.99 -2.36
N LEU A 82 4.05 -7.93 -1.27
CA LEU A 82 5.20 -7.03 -1.12
C LEU A 82 6.05 -6.85 -2.38
N ASP A 83 6.53 -7.96 -2.97
CA ASP A 83 7.40 -7.85 -4.13
C ASP A 83 6.61 -7.98 -5.42
N TYR A 84 5.89 -6.92 -5.73
CA TYR A 84 5.08 -6.87 -6.93
C TYR A 84 5.68 -5.92 -7.94
N GLN A 85 5.79 -6.35 -9.19
CA GLN A 85 6.28 -5.49 -10.26
C GLN A 85 5.13 -4.62 -10.79
N LEU A 86 4.15 -4.44 -9.92
CA LEU A 86 2.90 -3.72 -10.21
C LEU A 86 2.11 -4.32 -11.36
N GLN A 87 0.82 -4.09 -11.33
CA GLN A 87 -0.06 -4.42 -12.44
C GLN A 87 -0.78 -3.15 -12.86
N ASP A 88 -1.24 -3.10 -14.09
CA ASP A 88 -1.81 -1.88 -14.63
C ASP A 88 -3.09 -1.51 -13.90
N GLN A 89 -3.12 -0.31 -13.34
CA GLN A 89 -4.29 0.22 -12.64
C GLN A 89 -4.53 -0.51 -11.31
N ASP A 90 -3.45 -0.85 -10.62
CA ASP A 90 -3.54 -1.49 -9.31
C ASP A 90 -4.06 -0.51 -8.26
N SER A 91 -5.17 -0.84 -7.63
CA SER A 91 -5.60 -0.13 -6.48
C SER A 91 -5.08 -0.84 -5.25
N ILE A 92 -3.98 -0.35 -4.73
CA ILE A 92 -3.37 -0.94 -3.56
C ILE A 92 -4.00 -0.34 -2.32
N LEU A 93 -4.81 -1.14 -1.66
CA LEU A 93 -5.65 -0.64 -0.59
C LEU A 93 -5.23 -1.22 0.75
N PHE A 94 -5.00 -0.35 1.72
CA PHE A 94 -4.67 -0.79 3.06
C PHE A 94 -5.95 -0.86 3.90
N ILE A 95 -6.33 -2.06 4.30
CA ILE A 95 -7.55 -2.27 5.06
C ILE A 95 -7.23 -2.76 6.45
N SER A 96 -7.32 -1.88 7.43
CA SER A 96 -7.11 -2.30 8.80
C SER A 96 -8.34 -3.02 9.30
N THR A 97 -8.19 -4.30 9.59
CA THR A 97 -9.30 -5.09 10.06
C THR A 97 -9.23 -5.24 11.57
N LEU A 98 -8.31 -4.48 12.18
CA LEU A 98 -8.17 -4.43 13.62
C LEU A 98 -9.47 -3.95 14.25
N HIS A 99 -10.06 -4.78 15.09
CA HIS A 99 -11.38 -4.53 15.62
C HIS A 99 -11.34 -3.53 16.77
N GLY A 100 -11.72 -2.30 16.46
CA GLY A 100 -11.79 -1.27 17.48
C GLY A 100 -13.22 -0.83 17.73
N GLY A 101 -14.02 -0.85 16.67
CA GLY A 101 -15.41 -0.46 16.78
C GLY A 101 -15.80 0.51 15.69
N SER A 1 1.41 10.79 -15.08
CA SER A 1 1.44 9.94 -16.28
C SER A 1 2.52 8.86 -16.15
N ALA A 2 2.15 7.62 -16.44
CA ALA A 2 3.10 6.51 -16.39
C ALA A 2 3.19 5.83 -17.74
N ALA A 3 4.40 5.65 -18.24
CA ALA A 3 4.62 4.98 -19.50
C ALA A 3 4.22 3.51 -19.44
N PRO A 4 4.77 2.72 -18.48
CA PRO A 4 4.37 1.33 -18.32
C PRO A 4 2.95 1.20 -17.75
N LEU A 5 2.79 1.51 -16.48
CA LEU A 5 1.51 1.36 -15.80
C LEU A 5 1.39 2.33 -14.63
N CYS A 6 0.18 2.64 -14.22
CA CYS A 6 -0.04 3.53 -13.08
C CYS A 6 -0.90 2.82 -12.04
N VAL A 7 -0.54 2.98 -10.78
CA VAL A 7 -1.22 2.28 -9.69
C VAL A 7 -1.72 3.26 -8.63
N LYS A 8 -2.74 2.84 -7.89
CA LYS A 8 -3.35 3.67 -6.87
C LYS A 8 -3.10 3.11 -5.47
N VAL A 9 -2.55 3.94 -4.60
CA VAL A 9 -2.38 3.58 -3.19
C VAL A 9 -3.36 4.36 -2.35
N GLU A 10 -4.19 3.68 -1.57
CA GLU A 10 -5.26 4.35 -0.85
C GLU A 10 -5.52 3.70 0.52
N PHE A 11 -6.08 4.49 1.44
CA PHE A 11 -6.41 4.01 2.78
C PHE A 11 -7.77 3.30 2.74
N GLY A 12 -7.98 2.39 3.68
CA GLY A 12 -9.27 1.75 3.79
C GLY A 12 -9.72 1.61 5.23
N GLY A 13 -8.98 0.81 5.99
CA GLY A 13 -9.35 0.54 7.37
C GLY A 13 -8.86 1.60 8.33
N GLY A 14 -9.32 2.83 8.17
CA GLY A 14 -8.94 3.91 9.06
C GLY A 14 -7.44 4.20 8.97
N ALA A 15 -6.84 3.76 7.88
CA ALA A 15 -5.41 3.85 7.71
C ALA A 15 -4.94 5.30 7.58
N GLU A 16 -5.81 6.17 7.07
CA GLU A 16 -5.45 7.57 6.85
C GLU A 16 -5.17 8.27 8.18
N LEU A 17 -5.82 7.81 9.24
CA LEU A 17 -5.66 8.41 10.55
C LEU A 17 -4.23 8.23 11.05
N LEU A 18 -3.54 7.27 10.45
CA LEU A 18 -2.15 7.03 10.78
C LEU A 18 -1.28 8.04 10.06
N PHE A 19 -1.84 8.58 8.99
CA PHE A 19 -1.11 9.46 8.09
C PHE A 19 -1.61 10.90 8.23
N ASP A 20 -2.26 11.19 9.36
CA ASP A 20 -2.77 12.53 9.68
C ASP A 20 -4.11 12.80 8.98
N GLY A 21 -4.46 11.97 7.99
CA GLY A 21 -5.69 12.19 7.25
C GLY A 21 -5.48 12.28 5.75
N VAL A 22 -4.46 11.62 5.23
CA VAL A 22 -4.27 11.51 3.79
C VAL A 22 -4.63 10.09 3.33
N LYS A 23 -5.40 9.98 2.26
CA LYS A 23 -6.00 8.70 1.90
C LYS A 23 -5.40 8.13 0.61
N LYS A 24 -5.90 8.61 -0.52
CA LYS A 24 -5.44 8.15 -1.82
C LYS A 24 -4.22 8.92 -2.29
N HIS A 25 -3.24 8.16 -2.78
CA HIS A 25 -2.08 8.72 -3.42
C HIS A 25 -1.85 8.00 -4.75
N GLN A 26 -1.96 8.75 -5.84
CA GLN A 26 -1.78 8.19 -7.16
C GLN A 26 -0.31 8.25 -7.53
N VAL A 27 0.25 7.14 -7.99
CA VAL A 27 1.65 7.11 -8.34
C VAL A 27 1.86 6.47 -9.72
N ALA A 28 2.71 7.08 -10.52
CA ALA A 28 2.98 6.60 -11.86
C ALA A 28 4.29 5.82 -11.91
N LEU A 29 4.24 4.62 -12.46
CA LEU A 29 5.42 3.77 -12.54
C LEU A 29 6.34 4.20 -13.67
N PRO A 30 7.65 4.24 -13.42
CA PRO A 30 8.65 4.37 -14.46
C PRO A 30 8.90 3.02 -15.10
N GLY A 31 9.27 3.01 -16.37
CA GLY A 31 9.30 1.77 -17.12
C GLY A 31 10.64 1.07 -17.11
N GLN A 32 11.52 1.46 -16.21
CA GLN A 32 12.83 0.83 -16.11
C GLN A 32 12.77 -0.38 -15.18
N GLU A 33 12.82 -0.13 -13.88
CA GLU A 33 12.78 -1.20 -12.89
C GLU A 33 11.41 -1.30 -12.28
N GLU A 34 10.61 -0.24 -12.44
CA GLU A 34 9.30 -0.14 -11.82
C GLU A 34 9.43 -0.34 -10.31
N PRO A 35 10.04 0.64 -9.62
CA PRO A 35 10.44 0.51 -8.23
C PRO A 35 9.35 0.93 -7.26
N TRP A 36 8.13 0.97 -7.75
CA TRP A 36 6.99 1.36 -6.93
C TRP A 36 6.30 0.14 -6.39
N ASP A 37 7.08 -0.91 -6.13
CA ASP A 37 6.54 -2.16 -5.60
C ASP A 37 5.83 -1.90 -4.29
N ILE A 38 4.91 -2.79 -3.94
CA ILE A 38 4.16 -2.65 -2.69
C ILE A 38 5.11 -2.53 -1.50
N ARG A 39 6.24 -3.22 -1.62
CA ARG A 39 7.32 -3.17 -0.64
C ARG A 39 7.84 -1.74 -0.44
N ASN A 40 8.15 -1.06 -1.54
CA ASN A 40 8.74 0.27 -1.47
C ASN A 40 7.71 1.30 -1.03
N LEU A 41 6.49 1.12 -1.47
CA LEU A 41 5.42 2.04 -1.13
C LEU A 41 5.04 1.89 0.34
N LEU A 42 5.17 0.67 0.83
CA LEU A 42 5.01 0.39 2.25
C LEU A 42 6.00 1.21 3.05
N VAL A 43 7.22 1.32 2.54
CA VAL A 43 8.27 2.11 3.18
C VAL A 43 7.87 3.57 3.21
N TRP A 44 7.42 4.05 2.06
CA TRP A 44 6.96 5.42 1.94
C TRP A 44 5.85 5.67 2.95
N ILE A 45 4.91 4.74 3.01
CA ILE A 45 3.78 4.86 3.90
C ILE A 45 4.23 4.76 5.37
N LYS A 46 5.14 3.84 5.65
CA LYS A 46 5.60 3.63 7.01
C LYS A 46 6.43 4.81 7.51
N LYS A 47 7.49 5.13 6.79
CA LYS A 47 8.50 6.04 7.28
C LYS A 47 8.23 7.50 6.92
N ASN A 48 7.24 7.75 6.07
CA ASN A 48 6.90 9.12 5.71
C ASN A 48 5.45 9.44 6.09
N LEU A 49 4.53 8.53 5.81
CA LEU A 49 3.13 8.76 6.09
C LEU A 49 2.77 8.49 7.55
N LEU A 50 3.29 7.41 8.12
CA LEU A 50 2.90 7.00 9.45
C LEU A 50 3.41 8.01 10.47
N LYS A 51 2.50 8.84 10.97
CA LYS A 51 2.85 9.90 11.90
C LYS A 51 2.92 9.39 13.32
N GLU A 52 2.21 8.31 13.59
CA GLU A 52 2.25 7.69 14.91
C GLU A 52 3.15 6.46 14.91
N ARG A 53 2.73 5.39 15.59
CA ARG A 53 3.56 4.19 15.74
C ARG A 53 3.37 3.26 14.53
N PRO A 54 4.39 3.14 13.68
CA PRO A 54 4.32 2.29 12.49
C PRO A 54 4.42 0.81 12.85
N GLU A 55 4.73 0.53 14.10
CA GLU A 55 4.79 -0.84 14.58
C GLU A 55 3.44 -1.32 15.08
N LEU A 56 2.48 -0.40 15.13
CA LEU A 56 1.08 -0.78 15.30
C LEU A 56 0.48 -0.93 13.91
N PHE A 57 1.27 -0.49 12.95
CA PHE A 57 0.95 -0.59 11.54
C PHE A 57 1.59 -1.89 11.00
N ILE A 58 1.64 -2.06 9.69
CA ILE A 58 2.07 -3.31 9.09
C ILE A 58 3.59 -3.49 9.09
N GLN A 59 4.01 -4.74 8.86
CA GLN A 59 5.41 -5.12 8.82
C GLN A 59 6.12 -4.36 7.71
N GLY A 60 7.40 -4.06 7.91
CA GLY A 60 8.17 -3.36 6.90
C GLY A 60 8.51 -4.21 5.69
N ASP A 61 7.53 -4.94 5.20
CA ASP A 61 7.69 -5.81 4.03
C ASP A 61 6.43 -5.82 3.18
N SER A 62 5.30 -6.23 3.78
CA SER A 62 4.03 -6.35 3.06
C SER A 62 2.87 -5.81 3.91
N VAL A 63 2.43 -6.62 4.88
CA VAL A 63 1.41 -6.20 5.85
C VAL A 63 1.55 -7.00 7.14
N ARG A 64 0.87 -6.56 8.16
CA ARG A 64 0.76 -7.32 9.40
C ARG A 64 -0.55 -8.09 9.35
N PRO A 65 -0.79 -9.04 10.26
CA PRO A 65 -2.07 -9.77 10.31
C PRO A 65 -3.24 -8.81 10.55
N GLY A 66 -2.91 -7.58 10.94
CA GLY A 66 -3.90 -6.58 11.22
C GLY A 66 -4.43 -5.88 9.98
N ILE A 67 -3.54 -5.42 9.11
CA ILE A 67 -4.00 -4.73 7.91
C ILE A 67 -3.95 -5.64 6.69
N LEU A 68 -5.04 -5.67 5.97
CA LEU A 68 -5.16 -6.45 4.75
C LEU A 68 -4.99 -5.52 3.55
N VAL A 69 -4.36 -6.01 2.49
CA VAL A 69 -4.14 -5.20 1.31
C VAL A 69 -4.76 -5.81 0.08
N LEU A 70 -5.56 -5.02 -0.61
CA LEU A 70 -6.11 -5.43 -1.89
C LEU A 70 -5.16 -5.03 -2.99
N ILE A 71 -4.63 -6.02 -3.68
CA ILE A 71 -3.88 -5.76 -4.88
C ILE A 71 -4.85 -5.80 -6.04
N ASN A 72 -5.03 -4.65 -6.68
CA ASN A 72 -6.00 -4.48 -7.77
C ASN A 72 -7.38 -4.38 -7.18
N ASP A 73 -7.77 -5.45 -6.50
CA ASP A 73 -9.03 -5.57 -5.78
C ASP A 73 -9.10 -6.96 -5.14
N ALA A 74 -7.94 -7.58 -4.94
CA ALA A 74 -7.88 -8.97 -4.51
C ALA A 74 -6.85 -9.17 -3.41
N ASP A 75 -6.87 -10.36 -2.82
CA ASP A 75 -5.96 -10.68 -1.71
C ASP A 75 -4.51 -10.65 -2.15
N TRP A 76 -3.79 -9.66 -1.63
CA TRP A 76 -2.38 -9.43 -1.92
C TRP A 76 -1.53 -10.69 -1.82
N GLU A 77 -1.68 -11.43 -0.73
CA GLU A 77 -0.80 -12.55 -0.40
C GLU A 77 -0.92 -13.66 -1.44
N LEU A 78 -2.05 -13.71 -2.12
CA LEU A 78 -2.31 -14.75 -3.10
C LEU A 78 -1.84 -14.31 -4.47
N LEU A 79 -1.55 -13.02 -4.60
CA LEU A 79 -1.22 -12.43 -5.89
C LEU A 79 0.27 -12.14 -6.03
N GLY A 80 0.95 -11.82 -4.93
CA GLY A 80 2.35 -11.48 -5.01
C GLY A 80 2.75 -10.40 -4.01
N GLU A 81 1.75 -9.65 -3.55
CA GLU A 81 1.89 -8.66 -2.47
C GLU A 81 3.17 -7.82 -2.56
N LEU A 82 3.95 -7.82 -1.47
CA LEU A 82 5.10 -6.92 -1.26
C LEU A 82 5.98 -6.70 -2.49
N ASP A 83 6.47 -7.76 -3.12
CA ASP A 83 7.52 -7.61 -4.12
C ASP A 83 6.93 -7.57 -5.54
N TYR A 84 5.67 -7.15 -5.61
CA TYR A 84 4.99 -6.96 -6.87
C TYR A 84 5.73 -5.97 -7.76
N GLN A 85 5.95 -6.35 -9.01
CA GLN A 85 6.51 -5.44 -10.01
C GLN A 85 5.41 -4.55 -10.57
N LEU A 86 4.31 -4.48 -9.81
CA LEU A 86 3.10 -3.73 -10.18
C LEU A 86 2.45 -4.27 -11.45
N GLN A 87 1.15 -4.02 -11.55
CA GLN A 87 0.39 -4.31 -12.75
C GLN A 87 -0.32 -3.04 -13.17
N ASP A 88 -1.10 -3.07 -14.23
CA ASP A 88 -1.71 -1.85 -14.71
C ASP A 88 -3.05 -1.60 -14.04
N GLN A 89 -3.20 -0.38 -13.50
CA GLN A 89 -4.43 0.06 -12.85
C GLN A 89 -4.66 -0.68 -11.53
N ASP A 90 -3.59 -0.99 -10.82
CA ASP A 90 -3.69 -1.69 -9.54
C ASP A 90 -4.31 -0.77 -8.51
N SER A 91 -5.42 -1.18 -7.93
CA SER A 91 -5.97 -0.49 -6.83
C SER A 91 -5.46 -1.13 -5.55
N ILE A 92 -4.43 -0.53 -5.00
CA ILE A 92 -3.79 -1.05 -3.81
C ILE A 92 -4.40 -0.40 -2.59
N LEU A 93 -5.16 -1.16 -1.85
CA LEU A 93 -5.90 -0.63 -0.73
C LEU A 93 -5.43 -1.26 0.57
N PHE A 94 -5.09 -0.43 1.54
CA PHE A 94 -4.70 -0.90 2.86
C PHE A 94 -5.89 -0.82 3.82
N ILE A 95 -6.37 -1.96 4.28
CA ILE A 95 -7.53 -2.00 5.16
C ILE A 95 -7.16 -2.61 6.49
N SER A 96 -7.08 -1.79 7.52
CA SER A 96 -6.84 -2.29 8.85
C SER A 96 -8.11 -2.95 9.37
N THR A 97 -8.06 -4.25 9.60
CA THR A 97 -9.22 -4.98 10.03
C THR A 97 -9.25 -5.10 11.55
N LEU A 98 -8.27 -4.47 12.20
CA LEU A 98 -8.20 -4.45 13.65
C LEU A 98 -9.32 -3.58 14.21
N HIS A 99 -10.42 -4.24 14.58
CA HIS A 99 -11.63 -3.56 15.06
C HIS A 99 -12.17 -2.60 14.00
N GLY A 100 -11.90 -2.94 12.75
CA GLY A 100 -12.35 -2.13 11.63
C GLY A 100 -13.06 -2.97 10.59
N GLY A 101 -14.05 -2.39 9.95
CA GLY A 101 -14.83 -3.11 8.96
C GLY A 101 -16.29 -2.78 9.07
N SER A 1 -0.82 9.64 -16.13
CA SER A 1 0.12 9.63 -15.00
C SER A 1 1.41 8.90 -15.37
N ALA A 2 1.30 7.69 -15.90
CA ALA A 2 2.46 6.89 -16.23
C ALA A 2 2.29 6.23 -17.60
N ALA A 3 3.21 6.53 -18.51
CA ALA A 3 3.19 5.94 -19.85
C ALA A 3 3.18 4.40 -19.81
N PRO A 4 4.07 3.76 -19.01
CA PRO A 4 4.02 2.31 -18.82
C PRO A 4 2.72 1.86 -18.15
N LEU A 5 2.64 2.01 -16.84
CA LEU A 5 1.46 1.65 -16.08
C LEU A 5 1.41 2.48 -14.80
N CYS A 6 0.23 2.72 -14.26
CA CYS A 6 0.11 3.49 -13.05
C CYS A 6 -0.80 2.80 -12.04
N VAL A 7 -0.40 2.86 -10.77
CA VAL A 7 -1.13 2.15 -9.72
C VAL A 7 -1.64 3.14 -8.68
N LYS A 8 -2.72 2.76 -7.99
CA LYS A 8 -3.35 3.65 -7.02
C LYS A 8 -3.29 3.06 -5.62
N VAL A 9 -2.71 3.80 -4.70
CA VAL A 9 -2.63 3.40 -3.30
C VAL A 9 -3.57 4.26 -2.46
N GLU A 10 -4.42 3.64 -1.64
CA GLU A 10 -5.37 4.40 -0.82
C GLU A 10 -5.60 3.73 0.53
N PHE A 11 -6.20 4.49 1.46
CA PHE A 11 -6.57 3.97 2.77
C PHE A 11 -7.97 3.36 2.73
N GLY A 12 -8.27 2.52 3.70
CA GLY A 12 -9.63 2.03 3.85
C GLY A 12 -9.99 1.71 5.29
N GLY A 13 -9.14 0.95 5.97
CA GLY A 13 -9.44 0.52 7.32
C GLY A 13 -8.93 1.47 8.40
N GLY A 14 -9.40 2.72 8.41
CA GLY A 14 -8.93 3.66 9.43
C GLY A 14 -7.46 3.97 9.25
N ALA A 15 -6.93 3.62 8.09
CA ALA A 15 -5.52 3.76 7.81
C ALA A 15 -5.11 5.23 7.70
N GLU A 16 -5.96 6.07 7.11
CA GLU A 16 -5.62 7.49 6.93
C GLU A 16 -5.41 8.17 8.27
N LEU A 17 -6.07 7.65 9.30
CA LEU A 17 -6.00 8.19 10.62
C LEU A 17 -4.57 8.06 11.18
N LEU A 18 -3.80 7.19 10.55
CA LEU A 18 -2.40 6.98 10.89
C LEU A 18 -1.55 8.05 10.23
N PHE A 19 -2.08 8.60 9.15
CA PHE A 19 -1.30 9.46 8.26
C PHE A 19 -1.91 10.85 8.13
N ASP A 20 -2.56 11.31 9.20
CA ASP A 20 -3.05 12.69 9.27
C ASP A 20 -4.27 12.92 8.36
N GLY A 21 -4.82 11.85 7.81
CA GLY A 21 -6.03 11.98 7.01
C GLY A 21 -5.78 11.95 5.51
N VAL A 22 -4.56 11.64 5.11
CA VAL A 22 -4.27 11.45 3.70
C VAL A 22 -4.72 10.04 3.29
N LYS A 23 -5.37 9.93 2.15
CA LYS A 23 -6.02 8.68 1.76
C LYS A 23 -5.44 8.11 0.47
N LYS A 24 -5.79 8.77 -0.62
CA LYS A 24 -5.49 8.28 -1.95
C LYS A 24 -4.20 8.88 -2.48
N HIS A 25 -3.35 8.02 -3.01
CA HIS A 25 -2.12 8.44 -3.63
C HIS A 25 -1.84 7.56 -4.85
N GLN A 26 -1.89 8.14 -6.03
CA GLN A 26 -1.57 7.40 -7.25
C GLN A 26 -0.13 7.67 -7.64
N VAL A 27 0.64 6.61 -7.80
CA VAL A 27 2.04 6.74 -8.12
C VAL A 27 2.30 6.27 -9.55
N ALA A 28 3.11 7.03 -10.27
CA ALA A 28 3.35 6.76 -11.68
C ALA A 28 4.61 5.93 -11.86
N LEU A 29 4.43 4.72 -12.39
CA LEU A 29 5.54 3.81 -12.63
C LEU A 29 6.44 4.36 -13.73
N PRO A 30 7.76 4.28 -13.53
CA PRO A 30 8.73 4.76 -14.52
C PRO A 30 8.85 3.83 -15.73
N GLY A 31 8.50 2.56 -15.53
CA GLY A 31 8.63 1.57 -16.58
C GLY A 31 10.06 1.06 -16.73
N GLN A 32 10.99 1.75 -16.09
CA GLN A 32 12.41 1.38 -16.17
C GLN A 32 12.74 0.26 -15.20
N GLU A 33 13.02 0.63 -13.95
CA GLU A 33 13.32 -0.36 -12.92
C GLU A 33 12.02 -0.76 -12.21
N GLU A 34 11.01 0.09 -12.35
CA GLU A 34 9.72 -0.08 -11.67
C GLU A 34 9.92 -0.40 -10.19
N PRO A 35 10.47 0.56 -9.43
CA PRO A 35 10.81 0.37 -8.03
C PRO A 35 9.66 0.75 -7.12
N TRP A 36 8.47 0.75 -7.70
CA TRP A 36 7.27 1.16 -6.99
C TRP A 36 6.50 -0.05 -6.49
N ASP A 37 7.22 -1.13 -6.16
CA ASP A 37 6.59 -2.33 -5.64
C ASP A 37 5.82 -2.02 -4.38
N ILE A 38 4.94 -2.94 -4.01
CA ILE A 38 4.11 -2.78 -2.83
C ILE A 38 4.99 -2.59 -1.58
N ARG A 39 6.17 -3.18 -1.63
CA ARG A 39 7.14 -3.08 -0.54
C ARG A 39 7.62 -1.63 -0.39
N ASN A 40 8.09 -1.04 -1.48
CA ASN A 40 8.64 0.31 -1.46
C ASN A 40 7.58 1.34 -1.11
N LEU A 41 6.36 1.06 -1.51
CA LEU A 41 5.25 1.95 -1.21
C LEU A 41 4.88 1.86 0.25
N LEU A 42 5.05 0.67 0.82
CA LEU A 42 4.92 0.50 2.26
C LEU A 42 5.98 1.33 2.96
N VAL A 43 7.18 1.35 2.40
CA VAL A 43 8.28 2.11 2.98
C VAL A 43 7.96 3.59 2.93
N TRP A 44 7.52 4.05 1.77
CA TRP A 44 7.14 5.44 1.61
C TRP A 44 6.08 5.82 2.63
N ILE A 45 5.11 4.94 2.81
CA ILE A 45 4.00 5.20 3.72
C ILE A 45 4.44 5.05 5.18
N LYS A 46 5.19 4.01 5.48
CA LYS A 46 5.60 3.73 6.84
C LYS A 46 6.61 4.77 7.32
N LYS A 47 7.69 4.90 6.57
CA LYS A 47 8.81 5.75 6.99
C LYS A 47 8.42 7.23 6.96
N ASN A 48 7.84 7.67 5.85
CA ASN A 48 7.61 9.09 5.64
C ASN A 48 6.24 9.52 6.13
N LEU A 49 5.23 8.69 5.91
CA LEU A 49 3.85 9.13 6.10
C LEU A 49 3.33 8.83 7.51
N LEU A 50 3.83 7.78 8.15
CA LEU A 50 3.38 7.41 9.51
C LEU A 50 3.57 8.58 10.47
N LYS A 51 2.47 9.19 10.91
CA LYS A 51 2.55 10.25 11.89
C LYS A 51 2.68 9.68 13.30
N GLU A 52 2.00 8.57 13.55
CA GLU A 52 2.08 7.92 14.85
C GLU A 52 3.07 6.75 14.82
N ARG A 53 2.89 5.79 15.70
CA ARG A 53 3.80 4.65 15.79
C ARG A 53 3.49 3.63 14.71
N PRO A 54 4.51 3.23 13.92
CA PRO A 54 4.37 2.19 12.90
C PRO A 54 4.28 0.80 13.52
N GLU A 55 4.46 0.76 14.82
CA GLU A 55 4.45 -0.50 15.58
C GLU A 55 3.13 -1.24 15.45
N LEU A 56 2.02 -0.52 15.59
CA LEU A 56 0.71 -1.13 15.43
C LEU A 56 0.32 -1.19 13.95
N PHE A 57 1.16 -0.59 13.12
CA PHE A 57 0.98 -0.62 11.68
C PHE A 57 1.60 -1.90 11.12
N ILE A 58 1.66 -2.02 9.81
CA ILE A 58 2.05 -3.27 9.17
C ILE A 58 3.56 -3.49 9.15
N GLN A 59 3.95 -4.76 9.00
CA GLN A 59 5.36 -5.15 8.99
C GLN A 59 6.03 -4.62 7.72
N GLY A 60 7.31 -4.28 7.84
CA GLY A 60 8.01 -3.53 6.81
C GLY A 60 8.31 -4.31 5.53
N ASP A 61 7.27 -4.85 4.91
CA ASP A 61 7.39 -5.47 3.59
C ASP A 61 6.09 -5.32 2.81
N SER A 62 5.00 -5.82 3.38
CA SER A 62 3.69 -5.72 2.72
C SER A 62 2.64 -5.29 3.73
N VAL A 63 2.25 -6.20 4.61
CA VAL A 63 1.31 -5.89 5.69
C VAL A 63 1.55 -6.79 6.88
N ARG A 64 1.06 -6.35 8.03
CA ARG A 64 0.92 -7.21 9.18
C ARG A 64 -0.38 -7.98 9.00
N PRO A 65 -0.63 -9.04 9.76
CA PRO A 65 -1.91 -9.76 9.70
C PRO A 65 -3.09 -8.83 10.00
N GLY A 66 -2.80 -7.75 10.72
CA GLY A 66 -3.80 -6.78 11.09
C GLY A 66 -4.37 -6.01 9.90
N ILE A 67 -3.52 -5.41 9.07
CA ILE A 67 -4.01 -4.72 7.90
C ILE A 67 -3.90 -5.59 6.67
N LEU A 68 -5.00 -5.70 5.95
CA LEU A 68 -5.04 -6.48 4.73
C LEU A 68 -5.12 -5.52 3.54
N VAL A 69 -4.30 -5.71 2.53
CA VAL A 69 -4.40 -4.84 1.37
C VAL A 69 -4.91 -5.59 0.18
N LEU A 70 -5.65 -4.89 -0.62
CA LEU A 70 -6.11 -5.40 -1.88
C LEU A 70 -5.12 -5.03 -2.96
N ILE A 71 -4.60 -6.03 -3.65
CA ILE A 71 -3.83 -5.77 -4.85
C ILE A 71 -4.79 -5.74 -6.01
N ASN A 72 -5.03 -4.53 -6.52
CA ASN A 72 -5.97 -4.30 -7.61
C ASN A 72 -7.38 -4.36 -7.08
N ASP A 73 -7.72 -5.49 -6.48
CA ASP A 73 -8.95 -5.68 -5.71
C ASP A 73 -9.01 -7.12 -5.21
N ALA A 74 -7.85 -7.69 -4.90
CA ALA A 74 -7.78 -9.08 -4.47
C ALA A 74 -6.77 -9.26 -3.34
N ASP A 75 -6.81 -10.42 -2.70
CA ASP A 75 -5.91 -10.73 -1.59
C ASP A 75 -4.45 -10.65 -2.03
N TRP A 76 -3.76 -9.64 -1.51
CA TRP A 76 -2.35 -9.40 -1.82
C TRP A 76 -1.50 -10.66 -1.70
N GLU A 77 -1.74 -11.41 -0.63
CA GLU A 77 -0.88 -12.52 -0.26
C GLU A 77 -0.92 -13.63 -1.31
N LEU A 78 -2.04 -13.75 -2.00
CA LEU A 78 -2.22 -14.81 -2.98
C LEU A 78 -1.78 -14.35 -4.36
N LEU A 79 -1.47 -13.06 -4.47
CA LEU A 79 -1.14 -12.45 -5.75
C LEU A 79 0.35 -12.17 -5.87
N GLY A 80 1.02 -11.90 -4.76
CA GLY A 80 2.44 -11.57 -4.81
C GLY A 80 2.82 -10.51 -3.80
N GLU A 81 1.81 -9.74 -3.38
CA GLU A 81 1.93 -8.73 -2.33
C GLU A 81 3.21 -7.86 -2.44
N LEU A 82 3.98 -7.80 -1.35
CA LEU A 82 5.13 -6.89 -1.20
C LEU A 82 5.98 -6.73 -2.46
N ASP A 83 6.42 -7.82 -3.05
CA ASP A 83 7.28 -7.71 -4.23
C ASP A 83 6.46 -7.89 -5.48
N TYR A 84 5.79 -6.82 -5.85
CA TYR A 84 5.05 -6.76 -7.08
C TYR A 84 5.76 -5.85 -8.05
N GLN A 85 5.83 -6.24 -9.31
CA GLN A 85 6.41 -5.36 -10.33
C GLN A 85 5.32 -4.43 -10.83
N LEU A 86 4.27 -4.33 -10.02
CA LEU A 86 3.07 -3.57 -10.32
C LEU A 86 2.37 -4.05 -11.59
N GLN A 87 1.06 -3.91 -11.59
CA GLN A 87 0.27 -4.14 -12.77
C GLN A 87 -0.35 -2.79 -13.13
N ASP A 88 -1.26 -2.74 -14.07
CA ASP A 88 -1.79 -1.44 -14.44
C ASP A 88 -3.13 -1.19 -13.76
N GLN A 89 -3.25 -0.01 -13.15
CA GLN A 89 -4.48 0.42 -12.49
C GLN A 89 -4.75 -0.40 -11.23
N ASP A 90 -3.69 -0.94 -10.65
CA ASP A 90 -3.77 -1.67 -9.40
C ASP A 90 -4.36 -0.78 -8.32
N SER A 91 -5.46 -1.20 -7.71
CA SER A 91 -5.95 -0.50 -6.59
C SER A 91 -5.42 -1.15 -5.33
N ILE A 92 -4.35 -0.59 -4.82
CA ILE A 92 -3.70 -1.11 -3.63
C ILE A 92 -4.29 -0.43 -2.42
N LEU A 93 -5.06 -1.17 -1.65
CA LEU A 93 -5.88 -0.57 -0.62
C LEU A 93 -5.57 -1.19 0.73
N PHE A 94 -5.14 -0.35 1.67
CA PHE A 94 -4.83 -0.83 3.02
C PHE A 94 -6.10 -0.87 3.86
N ILE A 95 -6.49 -2.08 4.25
CA ILE A 95 -7.69 -2.27 5.05
C ILE A 95 -7.32 -2.86 6.40
N SER A 96 -7.34 -2.04 7.43
CA SER A 96 -7.08 -2.53 8.75
C SER A 96 -8.32 -3.25 9.28
N THR A 97 -8.19 -4.55 9.51
CA THR A 97 -9.32 -5.35 9.94
C THR A 97 -9.37 -5.45 11.46
N LEU A 98 -8.46 -4.73 12.10
CA LEU A 98 -8.40 -4.67 13.56
C LEU A 98 -9.40 -3.64 14.08
N HIS A 99 -10.27 -4.06 14.99
CA HIS A 99 -11.24 -3.16 15.58
C HIS A 99 -10.54 -2.18 16.51
N GLY A 100 -10.02 -2.70 17.61
CA GLY A 100 -9.26 -1.92 18.55
C GLY A 100 -8.37 -2.78 19.40
N GLY A 101 -7.99 -3.92 18.84
CA GLY A 101 -7.20 -4.89 19.56
C GLY A 101 -7.22 -6.23 18.88
N SER A 1 1.58 10.66 -16.43
CA SER A 1 2.88 10.52 -15.74
C SER A 1 3.49 9.15 -16.04
N ALA A 2 2.69 8.09 -15.87
CA ALA A 2 3.13 6.75 -16.19
C ALA A 2 2.47 6.25 -17.46
N ALA A 3 3.21 6.25 -18.54
CA ALA A 3 2.72 5.69 -19.78
C ALA A 3 2.66 4.16 -19.69
N PRO A 4 3.73 3.48 -19.18
CA PRO A 4 3.67 2.05 -18.87
C PRO A 4 2.42 1.65 -18.07
N LEU A 5 2.40 1.92 -16.78
CA LEU A 5 1.22 1.67 -15.97
C LEU A 5 1.21 2.60 -14.75
N CYS A 6 0.04 3.07 -14.37
CA CYS A 6 -0.10 3.87 -13.17
C CYS A 6 -0.88 3.07 -12.13
N VAL A 7 -0.45 3.14 -10.87
CA VAL A 7 -1.07 2.40 -9.80
C VAL A 7 -1.60 3.32 -8.71
N LYS A 8 -2.61 2.85 -7.98
CA LYS A 8 -3.22 3.64 -6.92
C LYS A 8 -2.95 3.01 -5.57
N VAL A 9 -2.68 3.85 -4.58
CA VAL A 9 -2.55 3.39 -3.20
C VAL A 9 -3.48 4.21 -2.31
N GLU A 10 -4.29 3.55 -1.51
CA GLU A 10 -5.22 4.25 -0.64
C GLU A 10 -5.38 3.52 0.69
N PHE A 11 -5.82 4.24 1.69
CA PHE A 11 -6.10 3.67 3.00
C PHE A 11 -7.60 3.64 3.23
N GLY A 12 -8.10 2.54 3.78
CA GLY A 12 -9.54 2.39 3.92
C GLY A 12 -10.00 1.90 5.27
N GLY A 13 -9.21 1.02 5.90
CA GLY A 13 -9.61 0.42 7.16
C GLY A 13 -9.36 1.32 8.36
N GLY A 14 -9.51 2.63 8.18
CA GLY A 14 -9.18 3.56 9.22
C GLY A 14 -7.68 3.73 9.34
N ALA A 15 -6.98 3.20 8.34
CA ALA A 15 -5.53 3.24 8.29
C ALA A 15 -5.06 4.68 8.10
N GLU A 16 -5.87 5.44 7.38
CA GLU A 16 -5.58 6.83 7.08
C GLU A 16 -5.43 7.67 8.34
N LEU A 17 -6.15 7.30 9.38
CA LEU A 17 -6.08 8.01 10.64
C LEU A 17 -4.67 7.99 11.22
N LEU A 18 -3.85 7.05 10.74
CA LEU A 18 -2.45 6.95 11.14
C LEU A 18 -1.62 8.01 10.42
N PHE A 19 -2.15 8.45 9.29
CA PHE A 19 -1.48 9.40 8.43
C PHE A 19 -2.24 10.73 8.44
N ASP A 20 -2.81 11.06 9.59
CA ASP A 20 -3.55 12.32 9.79
C ASP A 20 -4.94 12.28 9.15
N GLY A 21 -5.14 11.41 8.16
CA GLY A 21 -6.41 11.34 7.47
C GLY A 21 -6.28 11.26 5.96
N VAL A 22 -5.05 11.29 5.46
CA VAL A 22 -4.82 11.20 4.03
C VAL A 22 -5.05 9.76 3.55
N LYS A 23 -5.77 9.62 2.45
CA LYS A 23 -6.17 8.29 1.97
C LYS A 23 -5.59 8.01 0.61
N LYS A 24 -6.06 8.73 -0.40
CA LYS A 24 -5.63 8.52 -1.78
C LYS A 24 -4.21 9.00 -2.02
N HIS A 25 -3.39 8.08 -2.49
CA HIS A 25 -2.05 8.39 -2.91
C HIS A 25 -1.77 7.66 -4.22
N GLN A 26 -1.62 8.42 -5.29
CA GLN A 26 -1.38 7.82 -6.60
C GLN A 26 0.10 7.88 -6.93
N VAL A 27 0.61 6.80 -7.51
CA VAL A 27 2.00 6.73 -7.88
C VAL A 27 2.13 6.17 -9.30
N ALA A 28 2.99 6.80 -10.08
CA ALA A 28 3.16 6.44 -11.47
C ALA A 28 4.52 5.79 -11.70
N LEU A 29 4.53 4.72 -12.49
CA LEU A 29 5.76 4.00 -12.77
C LEU A 29 6.74 4.85 -13.59
N PRO A 30 8.02 4.81 -13.18
CA PRO A 30 9.12 5.49 -13.89
C PRO A 30 9.24 5.11 -15.37
N GLY A 31 8.58 4.04 -15.77
CA GLY A 31 8.57 3.65 -17.16
C GLY A 31 9.65 2.65 -17.49
N GLN A 32 10.90 3.09 -17.39
CA GLN A 32 12.04 2.24 -17.70
C GLN A 32 12.16 1.07 -16.72
N GLU A 33 11.98 1.38 -15.45
CA GLU A 33 12.08 0.40 -14.40
C GLU A 33 10.85 0.52 -13.50
N GLU A 34 10.55 -0.56 -12.82
CA GLU A 34 9.40 -0.64 -11.93
C GLU A 34 9.87 -0.84 -10.49
N PRO A 35 10.32 0.23 -9.81
CA PRO A 35 10.79 0.16 -8.43
C PRO A 35 9.69 0.44 -7.42
N TRP A 36 8.51 0.64 -7.93
CA TRP A 36 7.36 1.00 -7.10
C TRP A 36 6.61 -0.23 -6.60
N ASP A 37 7.32 -1.33 -6.36
CA ASP A 37 6.69 -2.53 -5.83
C ASP A 37 6.00 -2.22 -4.51
N ILE A 38 5.02 -3.05 -4.14
CA ILE A 38 4.22 -2.84 -2.93
C ILE A 38 5.12 -2.61 -1.72
N ARG A 39 6.21 -3.38 -1.68
CA ARG A 39 7.21 -3.29 -0.62
C ARG A 39 7.74 -1.87 -0.47
N ASN A 40 8.05 -1.24 -1.58
CA ASN A 40 8.72 0.07 -1.57
C ASN A 40 7.73 1.16 -1.23
N LEU A 41 6.49 0.96 -1.61
CA LEU A 41 5.44 1.92 -1.31
C LEU A 41 5.10 1.88 0.16
N LEU A 42 5.24 0.70 0.75
CA LEU A 42 5.11 0.56 2.18
C LEU A 42 6.17 1.40 2.88
N VAL A 43 7.37 1.44 2.31
CA VAL A 43 8.45 2.25 2.86
C VAL A 43 8.11 3.71 2.76
N TRP A 44 7.66 4.11 1.58
CA TRP A 44 7.22 5.48 1.35
C TRP A 44 6.14 5.85 2.37
N ILE A 45 5.20 4.94 2.55
CA ILE A 45 4.11 5.13 3.48
C ILE A 45 4.62 5.17 4.92
N LYS A 46 5.47 4.23 5.27
CA LYS A 46 5.99 4.13 6.62
C LYS A 46 6.84 5.34 7.01
N LYS A 47 7.88 5.59 6.24
CA LYS A 47 8.91 6.53 6.65
C LYS A 47 8.61 7.96 6.22
N ASN A 48 7.69 8.14 5.28
CA ASN A 48 7.35 9.48 4.80
C ASN A 48 5.94 9.89 5.23
N LEU A 49 5.05 8.94 5.39
CA LEU A 49 3.66 9.26 5.61
C LEU A 49 3.19 8.95 7.03
N LEU A 50 3.74 7.91 7.66
CA LEU A 50 3.33 7.53 9.01
C LEU A 50 3.82 8.58 10.00
N LYS A 51 2.89 9.38 10.51
CA LYS A 51 3.22 10.49 11.39
C LYS A 51 3.53 10.02 12.81
N GLU A 52 2.77 9.04 13.29
CA GLU A 52 2.97 8.49 14.62
C GLU A 52 3.97 7.33 14.58
N ARG A 53 3.89 6.43 15.55
CA ARG A 53 4.80 5.29 15.61
C ARG A 53 4.31 4.15 14.72
N PRO A 54 5.08 3.84 13.65
CA PRO A 54 4.75 2.75 12.71
C PRO A 54 4.82 1.37 13.35
N GLU A 55 5.23 1.33 14.60
CA GLU A 55 5.37 0.09 15.34
C GLU A 55 4.03 -0.64 15.49
N LEU A 56 2.97 0.10 15.76
CA LEU A 56 1.64 -0.50 15.85
C LEU A 56 1.04 -0.68 14.46
N PHE A 57 1.73 -0.13 13.47
CA PHE A 57 1.29 -0.18 12.08
C PHE A 57 1.79 -1.49 11.46
N ILE A 58 1.79 -1.59 10.14
CA ILE A 58 2.04 -2.85 9.46
C ILE A 58 3.52 -3.19 9.44
N GLN A 59 3.81 -4.48 9.29
CA GLN A 59 5.19 -4.94 9.23
C GLN A 59 5.85 -4.41 7.96
N GLY A 60 7.14 -4.10 8.06
CA GLY A 60 7.82 -3.34 7.03
C GLY A 60 8.20 -4.15 5.79
N ASP A 61 7.21 -4.80 5.20
CA ASP A 61 7.40 -5.49 3.92
C ASP A 61 6.12 -5.43 3.10
N SER A 62 4.98 -5.67 3.75
CA SER A 62 3.70 -5.65 3.07
C SER A 62 2.60 -5.07 4.00
N VAL A 63 2.12 -5.86 4.94
CA VAL A 63 1.14 -5.40 5.95
C VAL A 63 1.18 -6.26 7.20
N ARG A 64 0.69 -5.70 8.31
CA ARG A 64 0.51 -6.47 9.54
C ARG A 64 -0.67 -7.42 9.35
N PRO A 65 -0.79 -8.50 10.13
CA PRO A 65 -1.95 -9.40 10.05
C PRO A 65 -3.26 -8.66 10.29
N GLY A 66 -3.13 -7.51 10.97
CA GLY A 66 -4.28 -6.67 11.24
C GLY A 66 -4.78 -5.92 10.01
N ILE A 67 -3.87 -5.59 9.09
CA ILE A 67 -4.25 -4.85 7.89
C ILE A 67 -4.06 -5.68 6.64
N LEU A 68 -5.06 -5.68 5.78
CA LEU A 68 -5.04 -6.45 4.56
C LEU A 68 -4.79 -5.52 3.37
N VAL A 69 -4.15 -6.05 2.33
CA VAL A 69 -3.92 -5.27 1.13
C VAL A 69 -4.68 -5.86 -0.04
N LEU A 70 -5.39 -5.03 -0.75
CA LEU A 70 -5.99 -5.43 -2.01
C LEU A 70 -5.08 -5.03 -3.15
N ILE A 71 -4.55 -6.00 -3.87
CA ILE A 71 -3.85 -5.70 -5.10
C ILE A 71 -4.89 -5.62 -6.20
N ASN A 72 -5.12 -4.40 -6.69
CA ASN A 72 -6.12 -4.14 -7.71
C ASN A 72 -7.49 -4.13 -7.07
N ASP A 73 -7.82 -5.26 -6.47
CA ASP A 73 -9.04 -5.45 -5.66
C ASP A 73 -9.07 -6.90 -5.16
N ALA A 74 -7.90 -7.53 -5.07
CA ALA A 74 -7.82 -8.95 -4.74
C ALA A 74 -6.80 -9.21 -3.63
N ASP A 75 -6.77 -10.46 -3.16
CA ASP A 75 -5.92 -10.86 -2.04
C ASP A 75 -4.44 -10.74 -2.37
N TRP A 76 -3.82 -9.73 -1.78
CA TRP A 76 -2.39 -9.46 -1.92
C TRP A 76 -1.50 -10.69 -1.74
N GLU A 77 -1.67 -11.41 -0.64
CA GLU A 77 -0.76 -12.48 -0.25
C GLU A 77 -0.65 -13.56 -1.33
N LEU A 78 -1.78 -13.98 -1.87
CA LEU A 78 -1.80 -15.07 -2.84
C LEU A 78 -1.65 -14.54 -4.26
N LEU A 79 -1.49 -13.22 -4.38
CA LEU A 79 -1.27 -12.62 -5.68
C LEU A 79 0.21 -12.30 -5.88
N GLY A 80 0.92 -12.00 -4.81
CA GLY A 80 2.32 -11.64 -4.92
C GLY A 80 2.79 -10.73 -3.80
N GLU A 81 1.87 -9.90 -3.29
CA GLU A 81 2.17 -9.03 -2.16
C GLU A 81 3.33 -8.06 -2.39
N LEU A 82 4.11 -7.86 -1.33
CA LEU A 82 5.24 -6.92 -1.27
C LEU A 82 6.04 -6.83 -2.56
N ASP A 83 6.52 -7.95 -3.08
CA ASP A 83 7.38 -7.92 -4.26
C ASP A 83 6.54 -8.04 -5.51
N TYR A 84 5.79 -6.97 -5.78
CA TYR A 84 4.95 -6.91 -6.94
C TYR A 84 5.51 -5.92 -7.95
N GLN A 85 5.82 -6.40 -9.15
CA GLN A 85 6.23 -5.53 -10.25
C GLN A 85 5.08 -4.65 -10.75
N LEU A 86 4.06 -4.52 -9.91
CA LEU A 86 2.84 -3.74 -10.19
C LEU A 86 2.10 -4.16 -11.46
N GLN A 87 0.79 -3.94 -11.45
CA GLN A 87 -0.03 -4.17 -12.60
C GLN A 87 -0.80 -2.91 -12.92
N ASP A 88 -1.16 -2.71 -14.17
CA ASP A 88 -1.81 -1.46 -14.56
C ASP A 88 -3.19 -1.35 -13.94
N GLN A 89 -3.48 -0.15 -13.42
CA GLN A 89 -4.78 0.16 -12.82
C GLN A 89 -4.97 -0.56 -11.49
N ASP A 90 -3.86 -0.95 -10.87
CA ASP A 90 -3.91 -1.60 -9.56
C ASP A 90 -4.45 -0.65 -8.52
N SER A 91 -5.49 -1.05 -7.81
CA SER A 91 -5.93 -0.30 -6.67
C SER A 91 -5.41 -0.98 -5.43
N ILE A 92 -4.30 -0.47 -4.92
CA ILE A 92 -3.66 -1.04 -3.76
C ILE A 92 -4.22 -0.40 -2.51
N LEU A 93 -5.04 -1.14 -1.77
CA LEU A 93 -5.75 -0.59 -0.63
C LEU A 93 -5.37 -1.31 0.65
N PHE A 94 -5.02 -0.52 1.66
CA PHE A 94 -4.74 -1.03 2.99
C PHE A 94 -6.01 -1.00 3.84
N ILE A 95 -6.48 -2.16 4.24
CA ILE A 95 -7.70 -2.28 5.00
C ILE A 95 -7.44 -2.91 6.34
N SER A 96 -7.53 -2.11 7.40
CA SER A 96 -7.40 -2.65 8.74
C SER A 96 -8.64 -3.45 9.06
N THR A 97 -8.45 -4.74 9.30
CA THR A 97 -9.55 -5.64 9.53
C THR A 97 -9.80 -5.81 11.03
N LEU A 98 -9.12 -5.00 11.82
CA LEU A 98 -9.30 -5.00 13.27
C LEU A 98 -10.56 -4.25 13.63
N HIS A 99 -11.64 -5.00 13.84
CA HIS A 99 -12.94 -4.41 14.13
C HIS A 99 -13.26 -4.54 15.62
N GLY A 100 -12.81 -5.64 16.21
CA GLY A 100 -13.06 -5.87 17.62
C GLY A 100 -12.01 -5.24 18.50
N GLY A 101 -10.79 -5.14 17.98
CA GLY A 101 -9.71 -4.55 18.73
C GLY A 101 -8.48 -4.35 17.86
N SER A 1 0.23 10.04 -14.93
CA SER A 1 -0.27 9.08 -15.93
C SER A 1 0.65 7.85 -16.01
N ALA A 2 1.95 8.07 -15.80
CA ALA A 2 2.97 7.02 -15.85
C ALA A 2 3.25 6.59 -17.28
N ALA A 3 4.48 6.20 -17.53
CA ALA A 3 4.88 5.74 -18.86
C ALA A 3 4.35 4.34 -19.15
N PRO A 4 4.64 3.33 -18.29
CA PRO A 4 4.11 1.98 -18.46
C PRO A 4 2.66 1.86 -17.95
N LEU A 5 2.47 2.03 -16.64
CA LEU A 5 1.15 1.91 -16.05
C LEU A 5 1.08 2.76 -14.79
N CYS A 6 -0.11 3.23 -14.45
CA CYS A 6 -0.30 4.00 -13.23
C CYS A 6 -0.98 3.16 -12.18
N VAL A 7 -0.54 3.33 -10.94
CA VAL A 7 -1.02 2.56 -9.83
C VAL A 7 -1.59 3.49 -8.75
N LYS A 8 -2.48 2.96 -7.95
CA LYS A 8 -3.22 3.78 -6.99
C LYS A 8 -3.18 3.16 -5.60
N VAL A 9 -2.63 3.89 -4.65
CA VAL A 9 -2.58 3.45 -3.26
C VAL A 9 -3.54 4.29 -2.44
N GLU A 10 -4.38 3.66 -1.63
CA GLU A 10 -5.39 4.39 -0.88
C GLU A 10 -5.63 3.76 0.49
N PHE A 11 -6.22 4.54 1.39
CA PHE A 11 -6.56 4.07 2.73
C PHE A 11 -7.89 3.34 2.67
N GLY A 12 -8.11 2.44 3.62
CA GLY A 12 -9.39 1.77 3.71
C GLY A 12 -9.82 1.57 5.15
N GLY A 13 -9.03 0.80 5.90
CA GLY A 13 -9.37 0.49 7.27
C GLY A 13 -9.01 1.61 8.24
N GLY A 14 -9.50 2.82 7.98
CA GLY A 14 -9.20 3.96 8.83
C GLY A 14 -7.73 4.32 8.78
N ALA A 15 -7.06 3.79 7.77
CA ALA A 15 -5.62 3.92 7.62
C ALA A 15 -5.18 5.39 7.52
N GLU A 16 -6.04 6.24 6.99
CA GLU A 16 -5.72 7.66 6.81
C GLU A 16 -5.43 8.34 8.15
N LEU A 17 -6.04 7.83 9.22
CA LEU A 17 -5.88 8.41 10.55
C LEU A 17 -4.44 8.21 11.06
N LEU A 18 -3.69 7.38 10.36
CA LEU A 18 -2.28 7.18 10.66
C LEU A 18 -1.45 8.13 9.81
N PHE A 19 -2.06 8.65 8.75
CA PHE A 19 -1.33 9.38 7.72
C PHE A 19 -1.68 10.86 7.74
N ASP A 20 -2.27 11.32 8.84
CA ASP A 20 -2.65 12.73 9.00
C ASP A 20 -3.87 13.07 8.13
N GLY A 21 -4.63 12.05 7.78
CA GLY A 21 -5.89 12.26 7.09
C GLY A 21 -5.77 12.27 5.58
N VAL A 22 -4.63 11.83 5.06
CA VAL A 22 -4.49 11.66 3.62
C VAL A 22 -4.86 10.24 3.26
N LYS A 23 -5.59 10.06 2.17
CA LYS A 23 -6.15 8.76 1.84
C LYS A 23 -5.48 8.17 0.62
N LYS A 24 -5.83 8.70 -0.55
CA LYS A 24 -5.32 8.19 -1.81
C LYS A 24 -4.01 8.87 -2.18
N HIS A 25 -3.01 8.05 -2.44
CA HIS A 25 -1.78 8.49 -3.04
C HIS A 25 -1.57 7.71 -4.32
N GLN A 26 -1.64 8.38 -5.44
CA GLN A 26 -1.57 7.70 -6.72
C GLN A 26 -0.16 7.83 -7.30
N VAL A 27 0.50 6.70 -7.44
CA VAL A 27 1.89 6.67 -7.86
C VAL A 27 2.00 6.19 -9.31
N ALA A 28 2.86 6.86 -10.07
CA ALA A 28 3.02 6.52 -11.47
C ALA A 28 4.31 5.75 -11.70
N LEU A 29 4.18 4.56 -12.28
CA LEU A 29 5.33 3.73 -12.58
C LEU A 29 6.21 4.39 -13.63
N PRO A 30 7.53 4.30 -13.48
CA PRO A 30 8.48 4.69 -14.50
C PRO A 30 8.69 3.56 -15.51
N GLY A 31 9.00 3.93 -16.74
CA GLY A 31 9.23 2.94 -17.78
C GLY A 31 10.61 2.32 -17.65
N GLN A 32 10.83 1.61 -16.57
CA GLN A 32 12.14 1.09 -16.23
C GLN A 32 11.98 -0.23 -15.47
N GLU A 33 12.58 -0.33 -14.28
CA GLU A 33 12.42 -1.53 -13.46
C GLU A 33 11.03 -1.60 -12.86
N GLU A 34 10.33 -0.46 -12.87
CA GLU A 34 9.04 -0.32 -12.20
C GLU A 34 9.20 -0.70 -10.72
N PRO A 35 9.91 0.16 -9.97
CA PRO A 35 10.35 -0.14 -8.61
C PRO A 35 9.36 0.31 -7.55
N TRP A 36 8.13 0.52 -7.95
CA TRP A 36 7.09 0.97 -7.04
C TRP A 36 6.36 -0.23 -6.44
N ASP A 37 7.11 -1.31 -6.24
CA ASP A 37 6.58 -2.53 -5.66
C ASP A 37 5.91 -2.23 -4.32
N ILE A 38 4.95 -3.05 -3.94
CA ILE A 38 4.16 -2.83 -2.74
C ILE A 38 5.06 -2.68 -1.51
N ARG A 39 6.13 -3.47 -1.47
CA ARG A 39 7.08 -3.42 -0.37
C ARG A 39 7.73 -2.04 -0.24
N ASN A 40 8.01 -1.40 -1.38
CA ASN A 40 8.64 -0.08 -1.39
C ASN A 40 7.65 0.99 -0.99
N LEU A 41 6.43 0.86 -1.48
CA LEU A 41 5.37 1.81 -1.19
C LEU A 41 4.95 1.75 0.27
N LEU A 42 5.00 0.56 0.85
CA LEU A 42 4.78 0.41 2.27
C LEU A 42 5.82 1.21 3.04
N VAL A 43 7.06 1.20 2.57
CA VAL A 43 8.13 1.95 3.21
C VAL A 43 7.85 3.43 3.10
N TRP A 44 7.45 3.86 1.91
CA TRP A 44 7.07 5.24 1.68
C TRP A 44 5.98 5.62 2.68
N ILE A 45 4.98 4.77 2.79
CA ILE A 45 3.85 5.02 3.68
C ILE A 45 4.28 4.95 5.14
N LYS A 46 5.03 3.91 5.49
CA LYS A 46 5.46 3.72 6.86
C LYS A 46 6.23 4.93 7.36
N LYS A 47 7.27 5.30 6.64
CA LYS A 47 8.12 6.41 7.06
C LYS A 47 7.46 7.77 6.82
N ASN A 48 7.02 8.02 5.59
CA ASN A 48 6.57 9.37 5.20
C ASN A 48 5.15 9.66 5.63
N LEU A 49 4.32 8.62 5.77
CA LEU A 49 2.92 8.84 6.12
C LEU A 49 2.63 8.58 7.58
N LEU A 50 3.12 7.46 8.12
CA LEU A 50 2.74 7.06 9.47
C LEU A 50 3.21 8.09 10.49
N LYS A 51 2.25 8.85 10.99
CA LYS A 51 2.52 9.93 11.92
C LYS A 51 2.94 9.40 13.29
N GLU A 52 2.24 8.39 13.75
CA GLU A 52 2.50 7.82 15.07
C GLU A 52 3.46 6.64 14.99
N ARG A 53 3.56 5.88 16.07
CA ARG A 53 4.40 4.70 16.09
C ARG A 53 3.88 3.64 15.13
N PRO A 54 4.72 3.19 14.19
CA PRO A 54 4.36 2.18 13.18
C PRO A 54 4.13 0.80 13.77
N GLU A 55 4.26 0.70 15.08
CA GLU A 55 4.13 -0.58 15.78
C GLU A 55 2.75 -1.21 15.61
N LEU A 56 1.73 -0.38 15.55
CA LEU A 56 0.37 -0.87 15.33
C LEU A 56 0.06 -0.90 13.83
N PHE A 57 1.05 -0.53 13.05
CA PHE A 57 0.95 -0.54 11.61
C PHE A 57 1.62 -1.81 11.08
N ILE A 58 1.74 -1.93 9.78
CA ILE A 58 2.19 -3.16 9.14
C ILE A 58 3.71 -3.35 9.18
N GLN A 59 4.11 -4.60 8.94
CA GLN A 59 5.51 -5.00 8.89
C GLN A 59 6.22 -4.26 7.76
N GLY A 60 7.49 -3.94 7.94
CA GLY A 60 8.25 -3.25 6.91
C GLY A 60 8.67 -4.20 5.79
N ASP A 61 7.76 -5.08 5.42
CA ASP A 61 8.01 -6.06 4.36
C ASP A 61 6.84 -6.07 3.39
N SER A 62 5.63 -6.11 3.93
CA SER A 62 4.41 -6.11 3.13
C SER A 62 3.27 -5.51 3.95
N VAL A 63 2.70 -6.32 4.83
CA VAL A 63 1.64 -5.89 5.76
C VAL A 63 1.65 -6.78 7.00
N ARG A 64 1.08 -6.29 8.08
CA ARG A 64 0.88 -7.10 9.27
C ARG A 64 -0.41 -7.87 9.11
N PRO A 65 -0.65 -8.91 9.94
CA PRO A 65 -1.94 -9.60 9.94
C PRO A 65 -3.10 -8.63 10.16
N GLY A 66 -2.79 -7.50 10.78
CA GLY A 66 -3.76 -6.46 11.03
C GLY A 66 -4.26 -5.79 9.77
N ILE A 67 -3.37 -5.28 8.92
CA ILE A 67 -3.81 -4.62 7.71
C ILE A 67 -3.69 -5.55 6.51
N LEU A 68 -4.82 -5.74 5.86
CA LEU A 68 -4.90 -6.54 4.65
C LEU A 68 -5.01 -5.59 3.47
N VAL A 69 -4.20 -5.77 2.44
CA VAL A 69 -4.29 -4.89 1.31
C VAL A 69 -4.80 -5.62 0.09
N LEU A 70 -5.55 -4.90 -0.70
CA LEU A 70 -5.98 -5.37 -1.99
C LEU A 70 -4.95 -4.97 -3.02
N ILE A 71 -4.42 -5.93 -3.74
CA ILE A 71 -3.65 -5.62 -4.92
C ILE A 71 -4.60 -5.60 -6.08
N ASN A 72 -4.83 -4.40 -6.60
CA ASN A 72 -5.75 -4.19 -7.72
C ASN A 72 -7.18 -4.23 -7.22
N ASP A 73 -7.52 -5.34 -6.58
CA ASP A 73 -8.82 -5.53 -5.92
C ASP A 73 -8.89 -6.93 -5.31
N ALA A 74 -7.73 -7.53 -5.04
CA ALA A 74 -7.69 -8.91 -4.58
C ALA A 74 -6.69 -9.09 -3.43
N ASP A 75 -6.67 -10.30 -2.86
CA ASP A 75 -5.81 -10.62 -1.71
C ASP A 75 -4.34 -10.59 -2.11
N TRP A 76 -3.63 -9.62 -1.57
CA TRP A 76 -2.22 -9.40 -1.82
C TRP A 76 -1.39 -10.69 -1.70
N GLU A 77 -1.56 -11.43 -0.62
CA GLU A 77 -0.69 -12.55 -0.29
C GLU A 77 -0.79 -13.67 -1.31
N LEU A 78 -1.95 -13.78 -1.94
CA LEU A 78 -2.19 -14.84 -2.91
C LEU A 78 -1.77 -14.39 -4.30
N LEU A 79 -1.44 -13.11 -4.41
CA LEU A 79 -1.12 -12.52 -5.70
C LEU A 79 0.38 -12.23 -5.84
N GLY A 80 1.06 -11.94 -4.73
CA GLY A 80 2.47 -11.61 -4.79
C GLY A 80 2.85 -10.53 -3.80
N GLU A 81 1.82 -9.78 -3.34
CA GLU A 81 1.96 -8.75 -2.30
C GLU A 81 3.23 -7.90 -2.41
N LEU A 82 4.04 -7.91 -1.35
CA LEU A 82 5.22 -7.06 -1.21
C LEU A 82 6.01 -6.92 -2.52
N ASP A 83 6.37 -8.04 -3.13
CA ASP A 83 7.27 -8.03 -4.27
C ASP A 83 6.48 -8.06 -5.57
N TYR A 84 5.77 -6.97 -5.82
CA TYR A 84 4.94 -6.83 -7.00
C TYR A 84 5.55 -5.84 -7.98
N GLN A 85 5.75 -6.28 -9.22
CA GLN A 85 6.18 -5.38 -10.29
C GLN A 85 5.01 -4.53 -10.79
N LEU A 86 4.02 -4.37 -9.91
CA LEU A 86 2.79 -3.62 -10.18
C LEU A 86 1.98 -4.14 -11.37
N GLN A 87 0.67 -3.96 -11.29
CA GLN A 87 -0.22 -4.21 -12.41
C GLN A 87 -0.91 -2.91 -12.77
N ASP A 88 -1.32 -2.76 -14.02
CA ASP A 88 -1.92 -1.52 -14.47
C ASP A 88 -3.21 -1.22 -13.71
N GLN A 89 -3.35 0.02 -13.27
CA GLN A 89 -4.51 0.46 -12.51
C GLN A 89 -4.69 -0.33 -11.22
N ASP A 90 -3.57 -0.80 -10.67
CA ASP A 90 -3.58 -1.49 -9.37
C ASP A 90 -4.21 -0.61 -8.31
N SER A 91 -5.33 -1.04 -7.77
CA SER A 91 -5.89 -0.38 -6.64
C SER A 91 -5.36 -1.03 -5.39
N ILE A 92 -4.31 -0.45 -4.84
CA ILE A 92 -3.65 -0.97 -3.67
C ILE A 92 -4.30 -0.35 -2.45
N LEU A 93 -5.05 -1.14 -1.73
CA LEU A 93 -5.89 -0.62 -0.67
C LEU A 93 -5.51 -1.23 0.67
N PHE A 94 -5.08 -0.40 1.59
CA PHE A 94 -4.73 -0.87 2.92
C PHE A 94 -5.97 -0.93 3.81
N ILE A 95 -6.33 -2.15 4.17
CA ILE A 95 -7.51 -2.37 5.00
C ILE A 95 -7.11 -2.85 6.38
N SER A 96 -7.18 -1.98 7.35
CA SER A 96 -6.92 -2.39 8.71
C SER A 96 -8.13 -3.14 9.22
N THR A 97 -7.95 -4.42 9.50
CA THR A 97 -9.05 -5.25 9.96
C THR A 97 -9.08 -5.26 11.48
N LEU A 98 -8.21 -4.45 12.07
CA LEU A 98 -8.16 -4.27 13.51
C LEU A 98 -9.33 -3.40 13.97
N HIS A 99 -9.67 -3.51 15.24
CA HIS A 99 -10.81 -2.80 15.82
C HIS A 99 -12.11 -3.29 15.20
N GLY A 100 -12.52 -4.49 15.61
CA GLY A 100 -13.78 -5.03 15.17
C GLY A 100 -14.78 -5.09 16.29
N GLY A 101 -14.26 -5.06 17.51
CA GLY A 101 -15.08 -5.04 18.69
C GLY A 101 -14.24 -4.78 19.92
N SER A 1 -1.05 8.68 -14.53
CA SER A 1 -0.60 8.51 -15.92
C SER A 1 0.89 8.15 -15.95
N ALA A 2 1.19 6.95 -16.42
CA ALA A 2 2.57 6.52 -16.57
C ALA A 2 2.73 5.79 -17.90
N ALA A 3 3.92 5.86 -18.46
CA ALA A 3 4.21 5.19 -19.73
C ALA A 3 3.95 3.68 -19.62
N PRO A 4 4.58 2.98 -18.64
CA PRO A 4 4.33 1.56 -18.44
C PRO A 4 2.97 1.31 -17.76
N LEU A 5 2.95 1.44 -16.44
CA LEU A 5 1.73 1.21 -15.67
C LEU A 5 1.54 2.33 -14.65
N CYS A 6 0.32 2.59 -14.26
CA CYS A 6 0.05 3.57 -13.24
C CYS A 6 -0.78 2.94 -12.13
N VAL A 7 -0.29 3.05 -10.90
CA VAL A 7 -0.91 2.35 -9.79
C VAL A 7 -1.38 3.33 -8.72
N LYS A 8 -2.38 2.94 -7.95
CA LYS A 8 -2.92 3.79 -6.90
C LYS A 8 -2.79 3.12 -5.54
N VAL A 9 -2.35 3.89 -4.56
CA VAL A 9 -2.28 3.44 -3.18
C VAL A 9 -3.37 4.13 -2.37
N GLU A 10 -4.12 3.38 -1.59
CA GLU A 10 -5.21 3.98 -0.81
C GLU A 10 -5.37 3.28 0.53
N PHE A 11 -5.96 3.99 1.49
CA PHE A 11 -6.20 3.44 2.83
C PHE A 11 -7.69 3.40 3.10
N GLY A 12 -8.15 2.35 3.79
CA GLY A 12 -9.56 2.16 3.98
C GLY A 12 -9.94 1.74 5.39
N GLY A 13 -9.24 0.73 5.92
CA GLY A 13 -9.59 0.16 7.23
C GLY A 13 -9.20 1.06 8.39
N GLY A 14 -9.61 2.32 8.35
CA GLY A 14 -9.22 3.26 9.38
C GLY A 14 -7.74 3.55 9.36
N ALA A 15 -7.05 3.00 8.36
CA ALA A 15 -5.61 3.14 8.22
C ALA A 15 -5.23 4.60 8.05
N GLU A 16 -6.08 5.33 7.37
CA GLU A 16 -5.88 6.74 7.09
C GLU A 16 -5.69 7.56 8.37
N LEU A 17 -6.28 7.10 9.47
CA LEU A 17 -6.14 7.80 10.75
C LEU A 17 -4.69 7.84 11.19
N LEU A 18 -3.87 6.97 10.61
CA LEU A 18 -2.44 6.93 10.89
C LEU A 18 -1.73 7.99 10.06
N PHE A 19 -2.43 8.49 9.06
CA PHE A 19 -1.87 9.44 8.12
C PHE A 19 -2.68 10.74 8.09
N ASP A 20 -3.57 10.88 9.09
CA ASP A 20 -4.41 12.07 9.24
C ASP A 20 -5.51 12.15 8.17
N GLY A 21 -6.10 11.01 7.84
CA GLY A 21 -7.31 11.01 7.03
C GLY A 21 -7.04 10.98 5.53
N VAL A 22 -5.78 10.93 5.15
CA VAL A 22 -5.44 10.83 3.75
C VAL A 22 -5.43 9.36 3.33
N LYS A 23 -6.18 9.04 2.28
CA LYS A 23 -6.31 7.66 1.85
C LYS A 23 -5.56 7.45 0.55
N LYS A 24 -5.98 8.18 -0.47
CA LYS A 24 -5.48 8.01 -1.81
C LYS A 24 -4.13 8.70 -2.02
N HIS A 25 -3.18 7.93 -2.48
CA HIS A 25 -1.88 8.44 -2.87
C HIS A 25 -1.45 7.72 -4.14
N GLN A 26 -1.34 8.46 -5.23
CA GLN A 26 -1.13 7.84 -6.54
C GLN A 26 0.32 7.96 -6.98
N VAL A 27 0.81 6.93 -7.63
CA VAL A 27 2.20 6.91 -8.10
C VAL A 27 2.27 6.32 -9.51
N ALA A 28 3.12 6.89 -10.34
CA ALA A 28 3.27 6.42 -11.71
C ALA A 28 4.59 5.67 -11.88
N LEU A 29 4.52 4.54 -12.57
CA LEU A 29 5.67 3.64 -12.74
C LEU A 29 6.64 4.21 -13.76
N PRO A 30 7.95 3.94 -13.58
CA PRO A 30 9.02 4.48 -14.44
C PRO A 30 9.02 3.91 -15.86
N GLY A 31 9.13 2.60 -15.97
CA GLY A 31 9.21 1.98 -17.28
C GLY A 31 9.45 0.48 -17.20
N GLN A 32 10.66 0.09 -16.84
CA GLN A 32 10.99 -1.33 -16.66
C GLN A 32 11.70 -1.59 -15.34
N GLU A 33 12.27 -0.54 -14.76
CA GLU A 33 12.96 -0.65 -13.48
C GLU A 33 11.98 -1.04 -12.38
N GLU A 34 10.76 -0.53 -12.54
CA GLU A 34 9.65 -0.69 -11.59
C GLU A 34 10.10 -0.97 -10.15
N PRO A 35 10.59 0.06 -9.46
CA PRO A 35 10.95 -0.02 -8.06
C PRO A 35 9.79 0.39 -7.18
N TRP A 36 8.63 0.52 -7.80
CA TRP A 36 7.43 0.96 -7.12
C TRP A 36 6.64 -0.24 -6.61
N ASP A 37 7.35 -1.32 -6.26
CA ASP A 37 6.71 -2.51 -5.71
C ASP A 37 5.95 -2.15 -4.46
N ILE A 38 5.03 -3.03 -4.10
CA ILE A 38 4.20 -2.82 -2.91
C ILE A 38 5.07 -2.60 -1.67
N ARG A 39 6.22 -3.26 -1.65
CA ARG A 39 7.17 -3.15 -0.56
C ARG A 39 7.69 -1.71 -0.42
N ASN A 40 8.18 -1.15 -1.52
CA ASN A 40 8.79 0.18 -1.49
C ASN A 40 7.76 1.25 -1.17
N LEU A 41 6.54 1.05 -1.64
CA LEU A 41 5.47 1.98 -1.38
C LEU A 41 5.07 1.93 0.08
N LEU A 42 5.14 0.74 0.65
CA LEU A 42 4.94 0.57 2.08
C LEU A 42 5.97 1.40 2.85
N VAL A 43 7.19 1.39 2.36
CA VAL A 43 8.27 2.18 2.94
C VAL A 43 7.97 3.66 2.77
N TRP A 44 7.60 4.03 1.56
CA TRP A 44 7.23 5.40 1.25
C TRP A 44 6.12 5.86 2.19
N ILE A 45 5.14 5.01 2.38
CA ILE A 45 4.03 5.28 3.29
C ILE A 45 4.54 5.46 4.72
N LYS A 46 5.33 4.49 5.16
CA LYS A 46 5.85 4.49 6.52
C LYS A 46 6.72 5.71 6.81
N LYS A 47 7.76 5.91 6.02
CA LYS A 47 8.76 6.94 6.31
C LYS A 47 8.25 8.36 6.05
N ASN A 48 7.34 8.52 5.10
CA ASN A 48 6.89 9.85 4.71
C ASN A 48 5.51 10.18 5.26
N LEU A 49 4.62 9.20 5.24
CA LEU A 49 3.21 9.47 5.47
C LEU A 49 2.75 9.06 6.88
N LEU A 50 3.36 8.02 7.46
CA LEU A 50 2.92 7.52 8.75
C LEU A 50 3.27 8.52 9.85
N LYS A 51 2.25 9.07 10.50
CA LYS A 51 2.43 10.14 11.48
C LYS A 51 2.90 9.62 12.83
N GLU A 52 2.29 8.53 13.29
CA GLU A 52 2.59 8.01 14.63
C GLU A 52 3.59 6.87 14.58
N ARG A 53 3.41 5.86 15.42
CA ARG A 53 4.32 4.73 15.48
C ARG A 53 3.88 3.62 14.55
N PRO A 54 4.69 3.32 13.52
CA PRO A 54 4.44 2.22 12.58
C PRO A 54 4.50 0.85 13.24
N GLU A 55 4.85 0.84 14.52
CA GLU A 55 4.85 -0.39 15.32
C GLU A 55 3.45 -1.02 15.36
N LEU A 56 2.43 -0.18 15.46
CA LEU A 56 1.05 -0.64 15.46
C LEU A 56 0.53 -0.73 14.03
N PHE A 57 1.36 -0.26 13.12
CA PHE A 57 1.07 -0.31 11.70
C PHE A 57 1.62 -1.62 11.14
N ILE A 58 1.66 -1.74 9.84
CA ILE A 58 2.05 -2.97 9.18
C ILE A 58 3.56 -3.21 9.17
N GLN A 59 3.93 -4.46 8.89
CA GLN A 59 5.32 -4.88 8.81
C GLN A 59 6.02 -4.16 7.69
N GLY A 60 7.32 -3.90 7.85
CA GLY A 60 8.10 -3.23 6.82
C GLY A 60 8.37 -4.13 5.62
N ASP A 61 7.32 -4.80 5.16
CA ASP A 61 7.42 -5.74 4.05
C ASP A 61 6.16 -5.67 3.20
N SER A 62 5.03 -6.02 3.81
CA SER A 62 3.76 -6.09 3.10
C SER A 62 2.63 -5.51 3.98
N VAL A 63 2.21 -6.27 4.99
CA VAL A 63 1.24 -5.80 5.99
C VAL A 63 1.28 -6.68 7.23
N ARG A 64 0.86 -6.13 8.36
CA ARG A 64 0.74 -6.90 9.59
C ARG A 64 -0.50 -7.78 9.50
N PRO A 65 -0.69 -8.72 10.45
CA PRO A 65 -1.92 -9.51 10.53
C PRO A 65 -3.14 -8.62 10.76
N GLY A 66 -2.85 -7.37 11.11
CA GLY A 66 -3.88 -6.40 11.36
C GLY A 66 -4.43 -5.78 10.08
N ILE A 67 -3.56 -5.20 9.26
CA ILE A 67 -4.02 -4.59 8.02
C ILE A 67 -3.86 -5.55 6.83
N LEU A 68 -4.91 -5.65 6.03
CA LEU A 68 -4.91 -6.47 4.83
C LEU A 68 -4.78 -5.58 3.60
N VAL A 69 -4.27 -6.12 2.50
CA VAL A 69 -4.11 -5.33 1.28
C VAL A 69 -4.86 -5.92 0.11
N LEU A 70 -5.58 -5.07 -0.59
CA LEU A 70 -6.12 -5.42 -1.88
C LEU A 70 -5.13 -5.00 -2.95
N ILE A 71 -4.58 -5.97 -3.66
CA ILE A 71 -3.80 -5.67 -4.85
C ILE A 71 -4.75 -5.57 -6.00
N ASN A 72 -4.92 -4.35 -6.52
CA ASN A 72 -5.79 -4.07 -7.64
C ASN A 72 -7.24 -4.10 -7.18
N ASP A 73 -7.62 -5.21 -6.54
CA ASP A 73 -8.94 -5.40 -5.95
C ASP A 73 -9.02 -6.78 -5.28
N ALA A 74 -7.86 -7.41 -5.06
CA ALA A 74 -7.83 -8.81 -4.62
C ALA A 74 -6.84 -9.01 -3.49
N ASP A 75 -6.89 -10.19 -2.87
CA ASP A 75 -6.03 -10.52 -1.73
C ASP A 75 -4.55 -10.50 -2.13
N TRP A 76 -3.84 -9.54 -1.55
CA TRP A 76 -2.42 -9.32 -1.83
C TRP A 76 -1.59 -10.60 -1.73
N GLU A 77 -1.77 -11.35 -0.64
CA GLU A 77 -0.92 -12.48 -0.33
C GLU A 77 -1.05 -13.58 -1.39
N LEU A 78 -2.22 -13.65 -2.00
CA LEU A 78 -2.51 -14.68 -3.00
C LEU A 78 -2.05 -14.22 -4.37
N LEU A 79 -1.70 -12.95 -4.49
CA LEU A 79 -1.37 -12.37 -5.78
C LEU A 79 0.14 -12.11 -5.93
N GLY A 80 0.82 -11.84 -4.82
CA GLY A 80 2.25 -11.55 -4.90
C GLY A 80 2.66 -10.51 -3.87
N GLU A 81 1.68 -9.71 -3.44
CA GLU A 81 1.83 -8.72 -2.37
C GLU A 81 3.13 -7.89 -2.46
N LEU A 82 3.87 -7.82 -1.35
CA LEU A 82 5.02 -6.92 -1.18
C LEU A 82 5.91 -6.79 -2.43
N ASP A 83 6.37 -7.90 -2.98
CA ASP A 83 7.28 -7.86 -4.11
C ASP A 83 6.50 -7.99 -5.41
N TYR A 84 5.80 -6.93 -5.73
CA TYR A 84 5.00 -6.89 -6.94
C TYR A 84 5.71 -6.08 -8.01
N GLN A 85 5.48 -6.43 -9.26
CA GLN A 85 6.02 -5.68 -10.37
C GLN A 85 4.98 -4.68 -10.84
N LEU A 86 3.96 -4.53 -10.00
CA LEU A 86 2.82 -3.64 -10.26
C LEU A 86 2.02 -4.06 -11.48
N GLN A 87 0.74 -3.70 -11.48
CA GLN A 87 -0.09 -3.84 -12.65
C GLN A 87 -0.90 -2.57 -12.83
N ASP A 88 -1.32 -2.30 -14.05
CA ASP A 88 -1.90 -1.00 -14.36
C ASP A 88 -3.27 -0.83 -13.74
N GLN A 89 -3.53 0.37 -13.25
CA GLN A 89 -4.78 0.73 -12.59
C GLN A 89 -4.92 -0.03 -11.27
N ASP A 90 -3.79 -0.46 -10.74
CA ASP A 90 -3.74 -1.13 -9.45
C ASP A 90 -4.41 -0.31 -8.38
N SER A 91 -5.41 -0.85 -7.74
CA SER A 91 -5.91 -0.25 -6.56
C SER A 91 -5.35 -0.99 -5.36
N ILE A 92 -4.27 -0.47 -4.83
CA ILE A 92 -3.62 -1.08 -3.69
C ILE A 92 -4.18 -0.45 -2.44
N LEU A 93 -5.00 -1.20 -1.73
CA LEU A 93 -5.73 -0.64 -0.62
C LEU A 93 -5.38 -1.35 0.67
N PHE A 94 -5.00 -0.58 1.68
CA PHE A 94 -4.72 -1.11 3.00
C PHE A 94 -5.99 -1.07 3.86
N ILE A 95 -6.47 -2.24 4.22
CA ILE A 95 -7.69 -2.39 5.00
C ILE A 95 -7.38 -3.02 6.34
N SER A 96 -7.36 -2.22 7.39
CA SER A 96 -7.12 -2.74 8.71
C SER A 96 -8.34 -3.47 9.21
N THR A 97 -8.18 -4.77 9.43
CA THR A 97 -9.29 -5.58 9.91
C THR A 97 -9.28 -5.62 11.44
N LEU A 98 -8.38 -4.84 12.03
CA LEU A 98 -8.30 -4.72 13.47
C LEU A 98 -9.55 -4.07 14.02
N HIS A 99 -10.23 -4.78 14.91
CA HIS A 99 -11.46 -4.27 15.52
C HIS A 99 -11.54 -4.72 16.97
N GLY A 100 -12.36 -4.04 17.75
CA GLY A 100 -12.53 -4.39 19.15
C GLY A 100 -11.70 -3.49 20.06
N GLY A 101 -10.39 -3.54 19.87
CA GLY A 101 -9.51 -2.73 20.68
C GLY A 101 -8.09 -3.25 20.66
N SER A 1 -0.17 10.58 -15.98
CA SER A 1 1.24 10.22 -15.79
C SER A 1 1.41 8.69 -15.74
N ALA A 2 2.64 8.24 -15.98
CA ALA A 2 2.96 6.81 -16.09
C ALA A 2 2.33 6.20 -17.34
N ALA A 3 3.02 6.34 -18.45
CA ALA A 3 2.60 5.71 -19.69
C ALA A 3 2.63 4.19 -19.60
N PRO A 4 3.72 3.58 -19.06
CA PRO A 4 3.79 2.12 -18.83
C PRO A 4 2.60 1.59 -18.05
N LEU A 5 2.59 1.87 -16.75
CA LEU A 5 1.48 1.49 -15.87
C LEU A 5 1.45 2.44 -14.70
N CYS A 6 0.32 2.52 -14.01
CA CYS A 6 0.21 3.40 -12.86
C CYS A 6 -0.61 2.74 -11.74
N VAL A 7 -0.09 2.80 -10.53
CA VAL A 7 -0.70 2.11 -9.39
C VAL A 7 -1.18 3.14 -8.37
N LYS A 8 -2.07 2.73 -7.49
CA LYS A 8 -2.66 3.62 -6.51
C LYS A 8 -2.58 3.03 -5.11
N VAL A 9 -2.47 3.90 -4.12
CA VAL A 9 -2.44 3.52 -2.72
C VAL A 9 -3.52 4.28 -1.97
N GLU A 10 -4.42 3.56 -1.31
CA GLU A 10 -5.53 4.21 -0.62
C GLU A 10 -5.76 3.59 0.76
N PHE A 11 -6.39 4.35 1.65
CA PHE A 11 -6.68 3.89 3.00
C PHE A 11 -7.98 3.09 3.00
N GLY A 12 -8.10 2.15 3.93
CA GLY A 12 -9.33 1.40 4.05
C GLY A 12 -9.82 1.33 5.49
N GLY A 13 -9.08 0.62 6.32
CA GLY A 13 -9.49 0.42 7.70
C GLY A 13 -9.06 1.57 8.61
N GLY A 14 -9.56 2.76 8.32
CA GLY A 14 -9.22 3.93 9.14
C GLY A 14 -7.75 4.27 9.05
N ALA A 15 -7.09 3.74 8.03
CA ALA A 15 -5.66 3.86 7.86
C ALA A 15 -5.23 5.32 7.65
N GLU A 16 -6.13 6.15 7.13
CA GLU A 16 -5.82 7.56 6.84
C GLU A 16 -5.49 8.32 8.12
N LEU A 17 -6.04 7.85 9.23
CA LEU A 17 -5.83 8.51 10.51
C LEU A 17 -4.37 8.40 10.95
N LEU A 18 -3.65 7.51 10.29
CA LEU A 18 -2.21 7.36 10.53
C LEU A 18 -1.46 8.36 9.67
N PHE A 19 -2.13 8.83 8.63
CA PHE A 19 -1.51 9.62 7.59
C PHE A 19 -2.03 11.06 7.59
N ASP A 20 -2.74 11.42 8.66
CA ASP A 20 -3.26 12.78 8.87
C ASP A 20 -4.53 13.02 8.03
N GLY A 21 -5.05 11.96 7.43
CA GLY A 21 -6.32 12.08 6.72
C GLY A 21 -6.20 11.96 5.21
N VAL A 22 -4.98 11.77 4.71
CA VAL A 22 -4.80 11.53 3.29
C VAL A 22 -5.20 10.09 2.97
N LYS A 23 -6.00 9.92 1.92
CA LYS A 23 -6.61 8.64 1.65
C LYS A 23 -6.05 8.00 0.39
N LYS A 24 -6.49 8.49 -0.76
CA LYS A 24 -6.08 7.96 -2.05
C LYS A 24 -4.85 8.69 -2.57
N HIS A 25 -3.81 7.93 -2.85
CA HIS A 25 -2.57 8.48 -3.38
C HIS A 25 -2.18 7.75 -4.66
N GLN A 26 -1.92 8.51 -5.71
CA GLN A 26 -1.51 7.92 -6.98
C GLN A 26 0.00 8.00 -7.12
N VAL A 27 0.61 6.90 -7.53
CA VAL A 27 2.04 6.88 -7.79
C VAL A 27 2.31 6.31 -9.18
N ALA A 28 2.88 7.16 -10.03
CA ALA A 28 3.08 6.80 -11.43
C ALA A 28 4.37 6.03 -11.64
N LEU A 29 4.26 4.91 -12.35
CA LEU A 29 5.40 4.04 -12.60
C LEU A 29 6.27 4.57 -13.73
N PRO A 30 7.59 4.47 -13.58
CA PRO A 30 8.52 4.69 -14.67
C PRO A 30 8.66 3.43 -15.51
N GLY A 31 8.81 3.61 -16.80
CA GLY A 31 8.83 2.49 -17.71
C GLY A 31 10.21 1.89 -17.87
N GLN A 32 10.74 1.31 -16.80
CA GLN A 32 12.05 0.68 -16.85
C GLN A 32 12.11 -0.53 -15.92
N GLU A 33 12.48 -0.31 -14.67
CA GLU A 33 12.60 -1.41 -13.72
C GLU A 33 11.40 -1.49 -12.79
N GLU A 34 10.60 -0.41 -12.77
CA GLU A 34 9.37 -0.37 -11.98
C GLU A 34 9.66 -0.57 -10.50
N PRO A 35 10.09 0.50 -9.80
CA PRO A 35 10.54 0.41 -8.40
C PRO A 35 9.42 0.64 -7.39
N TRP A 36 8.19 0.70 -7.88
CA TRP A 36 7.06 1.05 -7.03
C TRP A 36 6.36 -0.19 -6.49
N ASP A 37 7.13 -1.23 -6.21
CA ASP A 37 6.60 -2.46 -5.64
C ASP A 37 5.92 -2.17 -4.33
N ILE A 38 5.00 -3.05 -3.93
CA ILE A 38 4.24 -2.86 -2.69
C ILE A 38 5.17 -2.69 -1.50
N ARG A 39 6.23 -3.47 -1.47
CA ARG A 39 7.22 -3.41 -0.39
C ARG A 39 7.87 -2.03 -0.30
N ASN A 40 8.11 -1.39 -1.46
CA ASN A 40 8.73 -0.07 -1.50
C ASN A 40 7.75 1.02 -1.14
N LEU A 41 6.52 0.88 -1.61
CA LEU A 41 5.46 1.82 -1.28
C LEU A 41 5.13 1.74 0.19
N LEU A 42 5.25 0.56 0.73
CA LEU A 42 5.10 0.33 2.16
C LEU A 42 6.11 1.17 2.94
N VAL A 43 7.31 1.29 2.39
CA VAL A 43 8.35 2.13 2.97
C VAL A 43 7.96 3.59 2.83
N TRP A 44 7.52 3.97 1.64
CA TRP A 44 7.07 5.33 1.38
C TRP A 44 5.96 5.71 2.38
N ILE A 45 5.04 4.79 2.60
CA ILE A 45 3.94 5.03 3.52
C ILE A 45 4.47 5.15 4.94
N LYS A 46 5.29 4.20 5.37
CA LYS A 46 5.82 4.22 6.72
C LYS A 46 6.66 5.47 6.96
N LYS A 47 7.65 5.65 6.10
CA LYS A 47 8.65 6.71 6.28
C LYS A 47 8.06 8.10 6.11
N ASN A 48 7.31 8.30 5.04
CA ASN A 48 6.89 9.63 4.64
C ASN A 48 5.45 9.94 5.07
N LEU A 49 4.67 8.92 5.40
CA LEU A 49 3.26 9.13 5.65
C LEU A 49 2.86 8.79 7.09
N LEU A 50 3.40 7.71 7.64
CA LEU A 50 3.05 7.27 8.99
C LEU A 50 3.57 8.27 10.02
N LYS A 51 2.66 8.94 10.69
CA LYS A 51 3.01 9.99 11.65
C LYS A 51 3.37 9.41 13.01
N GLU A 52 2.65 8.39 13.41
CA GLU A 52 2.82 7.79 14.74
C GLU A 52 3.67 6.52 14.66
N ARG A 53 3.44 5.58 15.56
CA ARG A 53 4.22 4.35 15.61
C ARG A 53 3.76 3.38 14.53
N PRO A 54 4.67 2.93 13.68
CA PRO A 54 4.39 1.94 12.63
C PRO A 54 4.11 0.56 13.19
N GLU A 55 4.26 0.41 14.49
CA GLU A 55 4.11 -0.87 15.15
C GLU A 55 2.68 -1.41 15.06
N LEU A 56 1.69 -0.52 15.11
CA LEU A 56 0.30 -0.94 14.93
C LEU A 56 -0.07 -0.87 13.45
N PHE A 57 0.94 -0.60 12.64
CA PHE A 57 0.79 -0.50 11.22
C PHE A 57 1.57 -1.65 10.62
N ILE A 58 1.86 -1.57 9.36
CA ILE A 58 2.41 -2.68 8.64
C ILE A 58 3.91 -2.87 8.91
N GLN A 59 4.35 -4.08 8.61
CA GLN A 59 5.72 -4.52 8.81
C GLN A 59 6.51 -4.12 7.58
N GLY A 60 7.81 -3.88 7.71
CA GLY A 60 8.60 -3.45 6.56
C GLY A 60 8.74 -4.51 5.46
N ASP A 61 7.61 -5.06 5.01
CA ASP A 61 7.58 -6.06 3.94
C ASP A 61 6.31 -5.92 3.10
N SER A 62 5.17 -6.31 3.67
CA SER A 62 3.90 -6.35 2.92
C SER A 62 2.72 -5.84 3.77
N VAL A 63 2.27 -6.67 4.71
CA VAL A 63 1.22 -6.28 5.67
C VAL A 63 1.43 -7.00 6.99
N ARG A 64 0.99 -6.36 8.06
CA ARG A 64 0.87 -7.03 9.34
C ARG A 64 -0.43 -7.82 9.32
N PRO A 65 -0.58 -8.83 10.19
CA PRO A 65 -1.81 -9.64 10.23
C PRO A 65 -3.06 -8.78 10.49
N GLY A 66 -2.81 -7.55 10.93
CA GLY A 66 -3.88 -6.65 11.26
C GLY A 66 -4.49 -5.94 10.05
N ILE A 67 -3.69 -5.70 9.01
CA ILE A 67 -4.20 -5.00 7.85
C ILE A 67 -4.23 -5.90 6.61
N LEU A 68 -5.35 -5.88 5.92
CA LEU A 68 -5.53 -6.64 4.69
C LEU A 68 -5.34 -5.70 3.50
N VAL A 69 -4.70 -6.17 2.45
CA VAL A 69 -4.42 -5.32 1.31
C VAL A 69 -4.98 -5.89 0.02
N LEU A 70 -5.72 -5.07 -0.70
CA LEU A 70 -6.16 -5.43 -2.03
C LEU A 70 -5.12 -4.99 -3.03
N ILE A 71 -4.56 -5.95 -3.75
CA ILE A 71 -3.73 -5.64 -4.89
C ILE A 71 -4.64 -5.48 -6.08
N ASN A 72 -4.83 -4.24 -6.51
CA ASN A 72 -5.68 -3.91 -7.64
C ASN A 72 -7.13 -3.97 -7.20
N ASP A 73 -7.54 -5.16 -6.76
CA ASP A 73 -8.83 -5.37 -6.11
C ASP A 73 -8.93 -6.82 -5.60
N ALA A 74 -7.77 -7.43 -5.33
CA ALA A 74 -7.73 -8.84 -4.98
C ALA A 74 -6.82 -9.10 -3.79
N ASP A 75 -6.85 -10.32 -3.27
CA ASP A 75 -6.05 -10.71 -2.11
C ASP A 75 -4.56 -10.64 -2.42
N TRP A 76 -3.89 -9.67 -1.80
CA TRP A 76 -2.47 -9.44 -2.00
C TRP A 76 -1.64 -10.71 -1.85
N GLU A 77 -1.91 -11.48 -0.80
CA GLU A 77 -1.08 -12.59 -0.42
C GLU A 77 -1.07 -13.66 -1.51
N LEU A 78 -2.23 -13.91 -2.10
CA LEU A 78 -2.38 -14.95 -3.10
C LEU A 78 -1.84 -14.47 -4.44
N LEU A 79 -1.61 -13.17 -4.55
CA LEU A 79 -1.21 -12.57 -5.81
C LEU A 79 0.29 -12.30 -5.88
N GLY A 80 0.92 -12.03 -4.74
CA GLY A 80 2.34 -11.73 -4.75
C GLY A 80 2.72 -10.66 -3.74
N GLU A 81 1.72 -9.84 -3.37
CA GLU A 81 1.84 -8.83 -2.31
C GLU A 81 3.14 -8.00 -2.38
N LEU A 82 3.91 -8.02 -1.28
CA LEU A 82 5.08 -7.14 -1.09
C LEU A 82 5.93 -6.95 -2.36
N ASP A 83 6.37 -8.05 -2.97
CA ASP A 83 7.26 -7.96 -4.12
C ASP A 83 6.45 -8.02 -5.40
N TYR A 84 5.75 -6.95 -5.67
CA TYR A 84 4.95 -6.83 -6.86
C TYR A 84 5.57 -5.81 -7.80
N GLN A 85 5.97 -6.27 -8.98
CA GLN A 85 6.46 -5.38 -10.04
C GLN A 85 5.31 -4.57 -10.66
N LEU A 86 4.22 -4.45 -9.89
CA LEU A 86 3.00 -3.74 -10.28
C LEU A 86 2.37 -4.33 -11.55
N GLN A 87 1.06 -4.12 -11.71
CA GLN A 87 0.37 -4.61 -12.88
C GLN A 87 -0.10 -3.48 -13.76
N ASP A 88 -1.06 -2.73 -13.26
CA ASP A 88 -1.50 -1.45 -13.86
C ASP A 88 -2.90 -1.12 -13.37
N GLN A 89 -3.11 0.15 -13.02
CA GLN A 89 -4.39 0.60 -12.45
C GLN A 89 -4.60 -0.09 -11.10
N ASP A 90 -3.49 -0.55 -10.56
CA ASP A 90 -3.46 -1.29 -9.32
C ASP A 90 -4.03 -0.46 -8.18
N SER A 91 -5.20 -0.82 -7.68
CA SER A 91 -5.73 -0.14 -6.53
C SER A 91 -5.26 -0.88 -5.29
N ILE A 92 -4.17 -0.39 -4.72
CA ILE A 92 -3.58 -1.03 -3.56
C ILE A 92 -4.18 -0.40 -2.31
N LEU A 93 -5.03 -1.14 -1.66
CA LEU A 93 -5.80 -0.63 -0.56
C LEU A 93 -5.42 -1.33 0.74
N PHE A 94 -5.10 -0.54 1.77
CA PHE A 94 -4.79 -1.11 3.07
C PHE A 94 -6.01 -1.01 3.98
N ILE A 95 -6.57 -2.15 4.36
CA ILE A 95 -7.75 -2.18 5.20
C ILE A 95 -7.43 -2.84 6.53
N SER A 96 -7.34 -2.03 7.58
CA SER A 96 -7.09 -2.55 8.90
C SER A 96 -8.31 -3.35 9.37
N THR A 97 -8.13 -4.65 9.55
CA THR A 97 -9.20 -5.52 9.95
C THR A 97 -9.21 -5.69 11.47
N LEU A 98 -8.40 -4.87 12.14
CA LEU A 98 -8.33 -4.87 13.59
C LEU A 98 -9.63 -4.34 14.18
N HIS A 99 -10.36 -3.58 13.38
CA HIS A 99 -11.63 -3.02 13.81
C HIS A 99 -12.59 -2.94 12.64
N GLY A 100 -12.07 -2.55 11.47
CA GLY A 100 -12.88 -2.46 10.28
C GLY A 100 -13.63 -1.15 10.19
N GLY A 101 -14.68 -1.02 10.98
CA GLY A 101 -15.47 0.19 10.98
C GLY A 101 -16.20 0.37 12.29
N SER A 1 0.08 10.53 -14.53
CA SER A 1 -0.13 9.50 -15.57
C SER A 1 1.14 8.68 -15.75
N ALA A 2 0.98 7.41 -16.10
CA ALA A 2 2.11 6.53 -16.34
C ALA A 2 1.93 5.79 -17.65
N ALA A 3 2.88 5.98 -18.56
CA ALA A 3 2.84 5.33 -19.86
C ALA A 3 2.80 3.80 -19.73
N PRO A 4 3.70 3.18 -18.92
CA PRO A 4 3.64 1.73 -18.69
C PRO A 4 2.35 1.33 -17.97
N LEU A 5 2.29 1.62 -16.68
CA LEU A 5 1.10 1.34 -15.89
C LEU A 5 1.06 2.31 -14.71
N CYS A 6 -0.12 2.67 -14.26
CA CYS A 6 -0.23 3.54 -13.10
C CYS A 6 -1.02 2.85 -12.01
N VAL A 7 -0.49 2.88 -10.78
CA VAL A 7 -1.15 2.22 -9.67
C VAL A 7 -1.73 3.25 -8.70
N LYS A 8 -2.77 2.84 -8.00
CA LYS A 8 -3.45 3.72 -7.06
C LYS A 8 -3.35 3.13 -5.66
N VAL A 9 -2.72 3.87 -4.76
CA VAL A 9 -2.55 3.41 -3.39
C VAL A 9 -3.46 4.21 -2.47
N GLU A 10 -4.18 3.53 -1.58
CA GLU A 10 -5.07 4.23 -0.68
C GLU A 10 -5.14 3.55 0.69
N PHE A 11 -5.70 4.26 1.67
CA PHE A 11 -5.98 3.71 2.98
C PHE A 11 -7.47 3.73 3.24
N GLY A 12 -8.01 2.65 3.76
CA GLY A 12 -9.45 2.53 3.89
C GLY A 12 -9.92 2.09 5.27
N GLY A 13 -9.25 1.09 5.85
CA GLY A 13 -9.67 0.54 7.13
C GLY A 13 -9.34 1.44 8.30
N GLY A 14 -9.68 2.73 8.20
CA GLY A 14 -9.30 3.68 9.21
C GLY A 14 -7.81 3.87 9.28
N ALA A 15 -7.11 3.36 8.27
CA ALA A 15 -5.66 3.37 8.24
C ALA A 15 -5.14 4.79 8.04
N GLU A 16 -5.94 5.62 7.39
CA GLU A 16 -5.58 7.01 7.12
C GLU A 16 -5.38 7.79 8.41
N LEU A 17 -6.07 7.39 9.46
CA LEU A 17 -5.96 8.06 10.75
C LEU A 17 -4.56 7.90 11.32
N LEU A 18 -3.82 6.93 10.78
CA LEU A 18 -2.42 6.72 11.15
C LEU A 18 -1.56 7.78 10.47
N PHE A 19 -2.12 8.34 9.41
CA PHE A 19 -1.44 9.33 8.60
C PHE A 19 -2.20 10.66 8.64
N ASP A 20 -2.88 10.89 9.78
CA ASP A 20 -3.62 12.14 10.02
C ASP A 20 -4.97 12.18 9.30
N GLY A 21 -5.06 11.48 8.18
CA GLY A 21 -6.27 11.53 7.38
C GLY A 21 -6.00 11.48 5.89
N VAL A 22 -4.73 11.46 5.50
CA VAL A 22 -4.40 11.26 4.11
C VAL A 22 -4.50 9.78 3.77
N LYS A 23 -5.29 9.47 2.77
CA LYS A 23 -5.60 8.09 2.44
C LYS A 23 -5.21 7.76 1.00
N LYS A 24 -5.78 8.46 0.05
CA LYS A 24 -5.57 8.14 -1.36
C LYS A 24 -4.33 8.85 -1.91
N HIS A 25 -3.55 8.09 -2.67
CA HIS A 25 -2.37 8.59 -3.33
C HIS A 25 -2.22 7.87 -4.67
N GLN A 26 -2.01 8.62 -5.74
CA GLN A 26 -1.81 7.99 -7.03
C GLN A 26 -0.33 8.04 -7.42
N VAL A 27 0.24 6.88 -7.67
CA VAL A 27 1.66 6.78 -7.97
C VAL A 27 1.86 6.18 -9.37
N ALA A 28 2.62 6.88 -10.19
CA ALA A 28 2.80 6.50 -11.59
C ALA A 28 4.11 5.76 -11.80
N LEU A 29 4.04 4.64 -12.50
CA LEU A 29 5.21 3.79 -12.73
C LEU A 29 6.07 4.38 -13.83
N PRO A 30 7.41 4.38 -13.63
CA PRO A 30 8.38 4.99 -14.55
C PRO A 30 8.47 4.29 -15.91
N GLY A 31 8.34 2.97 -15.92
CA GLY A 31 8.60 2.22 -17.13
C GLY A 31 10.06 1.89 -17.27
N GLN A 32 10.71 1.68 -16.13
CA GLN A 32 12.15 1.45 -16.08
C GLN A 32 12.43 0.13 -15.36
N GLU A 33 12.51 0.19 -14.05
CA GLU A 33 12.69 -1.01 -13.23
C GLU A 33 11.52 -1.17 -12.28
N GLU A 34 10.65 -0.16 -12.30
CA GLU A 34 9.44 -0.13 -11.49
C GLU A 34 9.76 -0.34 -10.01
N PRO A 35 10.17 0.74 -9.33
CA PRO A 35 10.51 0.70 -7.92
C PRO A 35 9.32 1.00 -7.04
N TRP A 36 8.14 0.95 -7.64
CA TRP A 36 6.91 1.28 -6.94
C TRP A 36 6.20 0.02 -6.46
N ASP A 37 6.99 -1.02 -6.20
CA ASP A 37 6.47 -2.27 -5.68
C ASP A 37 5.80 -2.02 -4.34
N ILE A 38 4.90 -2.93 -3.96
CA ILE A 38 4.15 -2.79 -2.71
C ILE A 38 5.10 -2.64 -1.52
N ARG A 39 6.20 -3.38 -1.58
CA ARG A 39 7.24 -3.32 -0.56
C ARG A 39 7.86 -1.91 -0.46
N ASN A 40 8.20 -1.31 -1.59
CA ASN A 40 8.81 0.02 -1.61
C ASN A 40 7.81 1.09 -1.20
N LEU A 41 6.58 0.93 -1.65
CA LEU A 41 5.52 1.86 -1.29
C LEU A 41 5.26 1.80 0.20
N LEU A 42 5.34 0.61 0.76
CA LEU A 42 5.22 0.42 2.18
C LEU A 42 6.27 1.25 2.92
N VAL A 43 7.49 1.25 2.39
CA VAL A 43 8.58 2.02 2.98
C VAL A 43 8.27 3.50 2.90
N TRP A 44 7.87 3.93 1.71
CA TRP A 44 7.50 5.30 1.44
C TRP A 44 6.41 5.74 2.41
N ILE A 45 5.42 4.86 2.60
CA ILE A 45 4.30 5.13 3.48
C ILE A 45 4.73 5.10 4.94
N LYS A 46 5.47 4.08 5.32
CA LYS A 46 5.87 3.89 6.70
C LYS A 46 6.76 5.05 7.18
N LYS A 47 7.85 5.28 6.47
CA LYS A 47 8.83 6.26 6.91
C LYS A 47 8.37 7.71 6.69
N ASN A 48 7.81 7.99 5.52
CA ASN A 48 7.52 9.37 5.14
C ASN A 48 6.11 9.80 5.50
N LEU A 49 5.18 8.86 5.56
CA LEU A 49 3.78 9.23 5.72
C LEU A 49 3.27 9.01 7.14
N LEU A 50 3.79 7.99 7.84
CA LEU A 50 3.32 7.67 9.19
C LEU A 50 3.45 8.87 10.13
N LYS A 51 2.34 9.25 10.75
CA LYS A 51 2.33 10.35 11.71
C LYS A 51 2.67 9.84 13.11
N GLU A 52 2.01 8.77 13.51
CA GLU A 52 2.20 8.18 14.82
C GLU A 52 3.25 7.08 14.77
N ARG A 53 3.20 6.14 15.71
CA ARG A 53 4.16 5.06 15.78
C ARG A 53 3.86 4.00 14.72
N PRO A 54 4.80 3.82 13.77
CA PRO A 54 4.70 2.77 12.75
C PRO A 54 4.89 1.38 13.33
N GLU A 55 5.29 1.32 14.60
CA GLU A 55 5.42 0.07 15.32
C GLU A 55 4.07 -0.62 15.47
N LEU A 56 3.01 0.17 15.58
CA LEU A 56 1.66 -0.38 15.68
C LEU A 56 1.06 -0.54 14.29
N PHE A 57 1.83 -0.13 13.30
CA PHE A 57 1.43 -0.21 11.91
C PHE A 57 1.97 -1.52 11.32
N ILE A 58 1.97 -1.66 10.02
CA ILE A 58 2.24 -2.93 9.36
C ILE A 58 3.73 -3.25 9.29
N GLN A 59 4.01 -4.52 9.03
CA GLN A 59 5.36 -5.05 8.93
C GLN A 59 6.10 -4.35 7.80
N GLY A 60 7.40 -4.17 7.95
CA GLY A 60 8.20 -3.51 6.93
C GLY A 60 8.43 -4.37 5.70
N ASP A 61 7.36 -5.01 5.22
CA ASP A 61 7.42 -5.90 4.08
C ASP A 61 6.18 -5.76 3.22
N SER A 62 5.02 -6.06 3.82
CA SER A 62 3.76 -6.05 3.07
C SER A 62 2.65 -5.45 3.94
N VAL A 63 2.17 -6.22 4.92
CA VAL A 63 1.19 -5.75 5.91
C VAL A 63 1.16 -6.67 7.11
N ARG A 64 0.79 -6.12 8.25
CA ARG A 64 0.54 -6.93 9.43
C ARG A 64 -0.82 -7.60 9.26
N PRO A 65 -1.07 -8.76 9.90
CA PRO A 65 -2.36 -9.45 9.81
C PRO A 65 -3.54 -8.53 10.11
N GLY A 66 -3.27 -7.47 10.86
CA GLY A 66 -4.29 -6.50 11.18
C GLY A 66 -4.78 -5.71 9.98
N ILE A 67 -3.86 -5.36 9.08
CA ILE A 67 -4.22 -4.63 7.87
C ILE A 67 -4.09 -5.51 6.63
N LEU A 68 -5.16 -5.54 5.85
CA LEU A 68 -5.21 -6.33 4.64
C LEU A 68 -4.94 -5.44 3.43
N VAL A 69 -4.44 -6.03 2.34
CA VAL A 69 -4.15 -5.26 1.14
C VAL A 69 -4.84 -5.86 -0.07
N LEU A 70 -5.57 -5.04 -0.79
CA LEU A 70 -6.08 -5.44 -2.08
C LEU A 70 -5.07 -5.03 -3.14
N ILE A 71 -4.54 -6.01 -3.85
CA ILE A 71 -3.74 -5.72 -5.02
C ILE A 71 -4.68 -5.59 -6.20
N ASN A 72 -4.84 -4.35 -6.66
CA ASN A 72 -5.79 -3.94 -7.70
C ASN A 72 -7.23 -4.11 -7.24
N ASP A 73 -7.54 -5.27 -6.66
CA ASP A 73 -8.85 -5.54 -6.06
C ASP A 73 -8.91 -6.99 -5.57
N ALA A 74 -7.74 -7.57 -5.29
CA ALA A 74 -7.66 -8.99 -4.95
C ALA A 74 -6.73 -9.26 -3.78
N ASP A 75 -6.80 -10.49 -3.25
CA ASP A 75 -6.02 -10.92 -2.09
C ASP A 75 -4.52 -10.89 -2.38
N TRP A 76 -3.87 -9.86 -1.88
CA TRP A 76 -2.45 -9.61 -2.10
C TRP A 76 -1.59 -10.85 -1.85
N GLU A 77 -1.85 -11.54 -0.75
CA GLU A 77 -1.02 -12.65 -0.31
C GLU A 77 -1.00 -13.79 -1.34
N LEU A 78 -2.08 -13.89 -2.11
CA LEU A 78 -2.17 -14.91 -3.15
C LEU A 78 -1.50 -14.43 -4.43
N LEU A 79 -1.36 -13.12 -4.54
CA LEU A 79 -0.97 -12.49 -5.79
C LEU A 79 0.55 -12.28 -5.86
N GLY A 80 1.18 -12.08 -4.71
CA GLY A 80 2.59 -11.75 -4.70
C GLY A 80 2.89 -10.62 -3.75
N GLU A 81 1.83 -9.88 -3.41
CA GLU A 81 1.85 -8.84 -2.38
C GLU A 81 3.09 -7.93 -2.43
N LEU A 82 3.88 -7.94 -1.35
CA LEU A 82 5.00 -7.00 -1.16
C LEU A 82 5.88 -6.82 -2.40
N ASP A 83 6.41 -7.90 -2.96
CA ASP A 83 7.35 -7.78 -4.06
C ASP A 83 6.62 -7.87 -5.38
N TYR A 84 5.85 -6.83 -5.66
CA TYR A 84 5.07 -6.76 -6.86
C TYR A 84 5.64 -5.75 -7.83
N GLN A 85 5.95 -6.17 -9.04
CA GLN A 85 6.46 -5.26 -10.06
C GLN A 85 5.32 -4.46 -10.67
N LEU A 86 4.20 -4.38 -9.93
CA LEU A 86 2.98 -3.71 -10.34
C LEU A 86 2.39 -4.33 -11.63
N GLN A 87 1.08 -4.31 -11.76
CA GLN A 87 0.44 -4.91 -12.91
C GLN A 87 -0.09 -3.86 -13.87
N ASP A 88 -1.18 -3.22 -13.48
CA ASP A 88 -1.69 -2.07 -14.20
C ASP A 88 -3.01 -1.59 -13.59
N GLN A 89 -3.06 -0.28 -13.30
CA GLN A 89 -4.25 0.34 -12.69
C GLN A 89 -4.56 -0.30 -11.35
N ASP A 90 -3.53 -0.90 -10.76
CA ASP A 90 -3.69 -1.68 -9.54
C ASP A 90 -4.11 -0.79 -8.39
N SER A 91 -5.29 -1.03 -7.84
CA SER A 91 -5.74 -0.32 -6.70
C SER A 91 -5.24 -1.01 -5.45
N ILE A 92 -4.15 -0.50 -4.92
CA ILE A 92 -3.55 -1.06 -3.73
C ILE A 92 -4.10 -0.35 -2.52
N LEU A 93 -4.94 -1.04 -1.78
CA LEU A 93 -5.64 -0.43 -0.68
C LEU A 93 -5.32 -1.15 0.62
N PHE A 94 -4.87 -0.40 1.61
CA PHE A 94 -4.63 -0.94 2.93
C PHE A 94 -5.89 -0.85 3.78
N ILE A 95 -6.42 -2.00 4.15
CA ILE A 95 -7.65 -2.07 4.92
C ILE A 95 -7.39 -2.67 6.28
N SER A 96 -7.38 -1.82 7.30
CA SER A 96 -7.22 -2.32 8.65
C SER A 96 -8.52 -2.98 9.09
N THR A 97 -8.44 -4.28 9.32
CA THR A 97 -9.61 -5.04 9.72
C THR A 97 -9.72 -5.05 11.24
N LEU A 98 -8.77 -4.36 11.89
CA LEU A 98 -8.75 -4.24 13.33
C LEU A 98 -9.97 -3.46 13.81
N HIS A 99 -10.42 -2.51 13.00
CA HIS A 99 -11.58 -1.72 13.35
C HIS A 99 -12.53 -1.59 12.16
N GLY A 100 -13.36 -2.61 11.97
CA GLY A 100 -14.35 -2.58 10.92
C GLY A 100 -15.52 -1.69 11.29
N GLY A 101 -15.44 -0.43 10.91
CA GLY A 101 -16.49 0.51 11.22
C GLY A 101 -16.20 1.87 10.64
N SER A 1 -0.94 9.49 -16.86
CA SER A 1 -0.46 8.95 -15.57
C SER A 1 0.47 7.76 -15.81
N ALA A 2 1.77 7.99 -15.59
CA ALA A 2 2.81 6.98 -15.76
C ALA A 2 3.04 6.66 -17.24
N ALA A 3 4.05 5.86 -17.53
CA ALA A 3 4.34 5.47 -18.89
C ALA A 3 3.82 4.07 -19.19
N PRO A 4 4.25 3.02 -18.44
CA PRO A 4 3.76 1.66 -18.67
C PRO A 4 2.42 1.39 -17.98
N LEU A 5 2.39 1.66 -16.68
CA LEU A 5 1.22 1.43 -15.87
C LEU A 5 1.26 2.37 -14.67
N CYS A 6 0.10 2.72 -14.14
CA CYS A 6 0.05 3.54 -12.95
C CYS A 6 -0.75 2.84 -11.85
N VAL A 7 -0.22 2.89 -10.64
CA VAL A 7 -0.84 2.20 -9.52
C VAL A 7 -1.28 3.21 -8.46
N LYS A 8 -2.29 2.85 -7.68
CA LYS A 8 -2.82 3.73 -6.65
C LYS A 8 -2.64 3.11 -5.27
N VAL A 9 -2.12 3.90 -4.35
CA VAL A 9 -1.99 3.48 -2.97
C VAL A 9 -3.01 4.23 -2.13
N GLU A 10 -3.86 3.51 -1.42
CA GLU A 10 -4.92 4.14 -0.65
C GLU A 10 -5.16 3.38 0.65
N PHE A 11 -5.70 4.09 1.63
CA PHE A 11 -6.05 3.50 2.92
C PHE A 11 -7.57 3.53 3.11
N GLY A 12 -8.14 2.47 3.66
CA GLY A 12 -9.59 2.38 3.74
C GLY A 12 -10.10 1.76 5.02
N GLY A 13 -9.28 0.95 5.68
CA GLY A 13 -9.73 0.27 6.89
C GLY A 13 -9.63 1.14 8.12
N GLY A 14 -9.77 2.45 7.94
CA GLY A 14 -9.50 3.36 9.04
C GLY A 14 -8.01 3.54 9.22
N ALA A 15 -7.27 3.06 8.23
CA ALA A 15 -5.83 3.07 8.27
C ALA A 15 -5.31 4.50 8.09
N GLU A 16 -6.07 5.30 7.35
CA GLU A 16 -5.72 6.69 7.10
C GLU A 16 -5.63 7.48 8.38
N LEU A 17 -6.40 7.08 9.38
CA LEU A 17 -6.37 7.72 10.69
C LEU A 17 -4.96 7.68 11.29
N LEU A 18 -4.15 6.74 10.81
CA LEU A 18 -2.77 6.59 11.27
C LEU A 18 -1.91 7.67 10.60
N PHE A 19 -2.44 8.20 9.51
CA PHE A 19 -1.77 9.22 8.73
C PHE A 19 -2.52 10.54 8.88
N ASP A 20 -3.28 10.62 9.98
CA ASP A 20 -4.05 11.82 10.35
C ASP A 20 -5.36 11.94 9.55
N GLY A 21 -5.44 11.23 8.43
CA GLY A 21 -6.65 11.29 7.61
C GLY A 21 -6.38 11.17 6.12
N VAL A 22 -5.12 11.29 5.73
CA VAL A 22 -4.76 11.16 4.32
C VAL A 22 -4.66 9.69 3.94
N LYS A 23 -5.25 9.31 2.81
CA LYS A 23 -5.38 7.92 2.45
C LYS A 23 -4.92 7.63 1.03
N LYS A 24 -5.52 8.31 0.08
CA LYS A 24 -5.24 8.07 -1.34
C LYS A 24 -3.97 8.78 -1.80
N HIS A 25 -3.14 8.02 -2.52
CA HIS A 25 -1.92 8.54 -3.13
C HIS A 25 -1.62 7.75 -4.41
N GLN A 26 -1.59 8.44 -5.55
CA GLN A 26 -1.29 7.79 -6.82
C GLN A 26 0.19 7.94 -7.15
N VAL A 27 0.79 6.91 -7.70
CA VAL A 27 2.20 6.95 -8.06
C VAL A 27 2.40 6.41 -9.47
N ALA A 28 3.27 7.07 -10.23
CA ALA A 28 3.47 6.74 -11.63
C ALA A 28 4.71 5.88 -11.84
N LEU A 29 4.51 4.76 -12.54
CA LEU A 29 5.59 3.84 -12.84
C LEU A 29 6.44 4.37 -13.98
N PRO A 30 7.78 4.28 -13.84
CA PRO A 30 8.74 4.83 -14.82
C PRO A 30 8.66 4.17 -16.20
N GLY A 31 8.53 2.85 -16.22
CA GLY A 31 8.57 2.13 -17.47
C GLY A 31 9.64 1.06 -17.49
N GLN A 32 9.22 -0.18 -17.72
CA GLN A 32 10.12 -1.33 -17.83
C GLN A 32 10.68 -1.76 -16.47
N GLU A 33 11.18 -0.79 -15.71
CA GLU A 33 11.77 -1.06 -14.40
C GLU A 33 10.72 -1.50 -13.38
N GLU A 34 9.71 -0.65 -13.22
CA GLU A 34 8.70 -0.81 -12.17
C GLU A 34 9.33 -1.14 -10.82
N PRO A 35 9.97 -0.13 -10.18
CA PRO A 35 10.57 -0.28 -8.87
C PRO A 35 9.60 0.13 -7.77
N TRP A 36 8.35 0.35 -8.17
CA TRP A 36 7.33 0.83 -7.26
C TRP A 36 6.51 -0.32 -6.72
N ASP A 37 7.18 -1.40 -6.32
CA ASP A 37 6.50 -2.55 -5.76
C ASP A 37 5.77 -2.18 -4.49
N ILE A 38 4.85 -3.04 -4.11
CA ILE A 38 4.03 -2.79 -2.93
C ILE A 38 4.89 -2.57 -1.68
N ARG A 39 6.05 -3.22 -1.63
CA ARG A 39 6.90 -3.16 -0.47
C ARG A 39 7.63 -1.81 -0.37
N ASN A 40 8.13 -1.30 -1.50
CA ASN A 40 8.82 -0.01 -1.53
C ASN A 40 7.85 1.12 -1.22
N LEU A 41 6.62 0.96 -1.67
CA LEU A 41 5.60 1.96 -1.47
C LEU A 41 5.16 1.95 -0.02
N LEU A 42 5.20 0.79 0.60
CA LEU A 42 5.01 0.68 2.04
C LEU A 42 6.06 1.52 2.76
N VAL A 43 7.27 1.54 2.21
CA VAL A 43 8.36 2.33 2.76
C VAL A 43 8.04 3.81 2.65
N TRP A 44 7.57 4.22 1.48
CA TRP A 44 7.12 5.59 1.26
C TRP A 44 6.08 5.95 2.30
N ILE A 45 5.14 5.03 2.50
CA ILE A 45 4.07 5.19 3.47
C ILE A 45 4.64 5.32 4.88
N LYS A 46 5.50 4.39 5.26
CA LYS A 46 6.06 4.38 6.61
C LYS A 46 6.88 5.63 6.86
N LYS A 47 7.86 5.88 6.00
CA LYS A 47 8.82 6.95 6.18
C LYS A 47 8.16 8.33 6.18
N ASN A 48 7.44 8.64 5.11
CA ASN A 48 6.98 10.01 4.87
C ASN A 48 5.53 10.23 5.26
N LEU A 49 4.78 9.16 5.47
CA LEU A 49 3.35 9.31 5.66
C LEU A 49 2.89 8.91 7.06
N LEU A 50 3.54 7.92 7.68
CA LEU A 50 3.13 7.46 9.01
C LEU A 50 3.38 8.56 10.04
N LYS A 51 2.31 9.10 10.58
CA LYS A 51 2.41 10.22 11.51
C LYS A 51 2.76 9.78 12.92
N GLU A 52 2.11 8.73 13.39
CA GLU A 52 2.31 8.28 14.77
C GLU A 52 3.20 7.05 14.84
N ARG A 53 2.88 6.15 15.76
CA ARG A 53 3.64 4.93 15.99
C ARG A 53 3.39 3.94 14.87
N PRO A 54 4.43 3.54 14.13
CA PRO A 54 4.30 2.56 13.05
C PRO A 54 4.21 1.13 13.58
N GLU A 55 4.43 0.99 14.88
CA GLU A 55 4.42 -0.32 15.54
C GLU A 55 3.06 -1.00 15.42
N LEU A 56 1.99 -0.27 15.70
CA LEU A 56 0.65 -0.83 15.58
C LEU A 56 0.20 -0.83 14.13
N PHE A 57 1.01 -0.24 13.27
CA PHE A 57 0.79 -0.27 11.85
C PHE A 57 1.40 -1.56 11.29
N ILE A 58 1.51 -1.67 9.98
CA ILE A 58 1.92 -2.91 9.34
C ILE A 58 3.43 -3.12 9.34
N GLN A 59 3.83 -4.38 9.15
CA GLN A 59 5.24 -4.75 9.08
C GLN A 59 5.87 -4.21 7.79
N GLY A 60 7.14 -3.85 7.87
CA GLY A 60 7.80 -3.12 6.79
C GLY A 60 8.15 -3.96 5.57
N ASP A 61 7.14 -4.58 4.97
CA ASP A 61 7.31 -5.28 3.70
C ASP A 61 6.00 -5.30 2.92
N SER A 62 4.90 -5.62 3.60
CA SER A 62 3.61 -5.70 2.95
C SER A 62 2.52 -5.16 3.88
N VAL A 63 2.14 -5.97 4.86
CA VAL A 63 1.20 -5.58 5.91
C VAL A 63 1.36 -6.50 7.12
N ARG A 64 0.89 -6.04 8.27
CA ARG A 64 0.80 -6.88 9.44
C ARG A 64 -0.45 -7.75 9.29
N PRO A 65 -0.63 -8.80 10.09
CA PRO A 65 -1.87 -9.58 10.09
C PRO A 65 -3.07 -8.68 10.36
N GLY A 66 -2.79 -7.55 11.00
CA GLY A 66 -3.77 -6.54 11.25
C GLY A 66 -4.39 -5.94 10.00
N ILE A 67 -3.57 -5.26 9.19
CA ILE A 67 -4.10 -4.62 7.99
C ILE A 67 -3.93 -5.51 6.75
N LEU A 68 -4.96 -5.54 5.92
CA LEU A 68 -4.94 -6.30 4.67
C LEU A 68 -4.65 -5.39 3.49
N VAL A 69 -4.11 -5.94 2.41
CA VAL A 69 -3.88 -5.17 1.20
C VAL A 69 -4.65 -5.75 0.02
N LEU A 70 -5.39 -4.91 -0.67
CA LEU A 70 -5.96 -5.28 -1.93
C LEU A 70 -4.98 -4.95 -3.04
N ILE A 71 -4.51 -5.96 -3.73
CA ILE A 71 -3.72 -5.73 -4.92
C ILE A 71 -4.65 -5.65 -6.10
N ASN A 72 -4.83 -4.44 -6.61
CA ASN A 72 -5.70 -4.16 -7.74
C ASN A 72 -7.15 -4.14 -7.25
N ASP A 73 -7.52 -5.19 -6.53
CA ASP A 73 -8.79 -5.27 -5.79
C ASP A 73 -8.93 -6.66 -5.15
N ALA A 74 -7.81 -7.36 -4.97
CA ALA A 74 -7.85 -8.75 -4.51
C ALA A 74 -6.83 -9.01 -3.40
N ASP A 75 -6.87 -10.20 -2.83
CA ASP A 75 -6.00 -10.58 -1.72
C ASP A 75 -4.52 -10.55 -2.12
N TRP A 76 -3.81 -9.58 -1.59
CA TRP A 76 -2.39 -9.37 -1.87
C TRP A 76 -1.55 -10.64 -1.72
N GLU A 77 -1.71 -11.33 -0.61
CA GLU A 77 -0.84 -12.45 -0.24
C GLU A 77 -0.90 -13.57 -1.27
N LEU A 78 -2.07 -13.76 -1.86
CA LEU A 78 -2.27 -14.84 -2.81
C LEU A 78 -1.84 -14.42 -4.20
N LEU A 79 -1.56 -13.13 -4.36
CA LEU A 79 -1.25 -12.58 -5.67
C LEU A 79 0.25 -12.28 -5.82
N GLY A 80 0.92 -11.95 -4.73
CA GLY A 80 2.34 -11.62 -4.79
C GLY A 80 2.73 -10.52 -3.84
N GLU A 81 1.72 -9.72 -3.46
CA GLU A 81 1.85 -8.65 -2.46
C GLU A 81 3.14 -7.82 -2.57
N LEU A 82 3.91 -7.80 -1.48
CA LEU A 82 5.07 -6.89 -1.31
C LEU A 82 5.93 -6.70 -2.56
N ASP A 83 6.39 -7.78 -3.17
CA ASP A 83 7.36 -7.68 -4.26
C ASP A 83 6.68 -7.67 -5.62
N TYR A 84 5.44 -7.20 -5.64
CA TYR A 84 4.69 -7.09 -6.88
C TYR A 84 5.38 -6.18 -7.88
N GLN A 85 5.48 -6.64 -9.12
CA GLN A 85 6.08 -5.85 -10.19
C GLN A 85 5.08 -4.88 -10.80
N LEU A 86 3.99 -4.64 -10.06
CA LEU A 86 2.88 -3.76 -10.49
C LEU A 86 2.22 -4.26 -11.78
N GLN A 87 0.90 -4.14 -11.85
CA GLN A 87 0.15 -4.65 -12.99
C GLN A 87 -0.33 -3.52 -13.87
N ASP A 88 -1.43 -2.90 -13.47
CA ASP A 88 -1.91 -1.71 -14.14
C ASP A 88 -3.19 -1.23 -13.47
N GLN A 89 -3.29 0.07 -13.23
CA GLN A 89 -4.47 0.67 -12.60
C GLN A 89 -4.73 0.02 -11.25
N ASP A 90 -3.65 -0.44 -10.65
CA ASP A 90 -3.69 -1.18 -9.40
C ASP A 90 -4.32 -0.36 -8.29
N SER A 91 -5.41 -0.85 -7.74
CA SER A 91 -5.95 -0.25 -6.55
C SER A 91 -5.37 -0.97 -5.36
N ILE A 92 -4.32 -0.40 -4.82
CA ILE A 92 -3.66 -0.98 -3.67
C ILE A 92 -4.25 -0.35 -2.42
N LEU A 93 -5.06 -1.12 -1.72
CA LEU A 93 -5.81 -0.59 -0.61
C LEU A 93 -5.45 -1.29 0.68
N PHE A 94 -5.05 -0.52 1.67
CA PHE A 94 -4.77 -1.04 2.99
C PHE A 94 -6.03 -0.99 3.84
N ILE A 95 -6.52 -2.17 4.21
CA ILE A 95 -7.75 -2.30 4.96
C ILE A 95 -7.48 -2.93 6.32
N SER A 96 -7.56 -2.13 7.36
CA SER A 96 -7.37 -2.62 8.72
C SER A 96 -8.48 -3.59 9.07
N THR A 97 -8.10 -4.78 9.51
CA THR A 97 -9.09 -5.81 9.81
C THR A 97 -8.89 -6.34 11.23
N LEU A 98 -7.78 -5.95 11.85
CA LEU A 98 -7.47 -6.38 13.20
C LEU A 98 -8.47 -5.78 14.18
N HIS A 99 -8.62 -6.40 15.33
CA HIS A 99 -9.59 -5.96 16.32
C HIS A 99 -8.93 -5.06 17.35
N GLY A 100 -9.30 -3.79 17.36
CA GLY A 100 -8.72 -2.87 18.31
C GLY A 100 -9.06 -1.43 17.98
N GLY A 101 -8.65 -0.52 18.86
CA GLY A 101 -8.89 0.88 18.64
C GLY A 101 -8.52 1.69 19.87
N SER A 1 4.52 -6.61 -15.52
CA SER A 1 5.55 -5.58 -15.31
C SER A 1 4.92 -4.19 -15.39
N ALA A 2 5.30 -3.31 -14.48
CA ALA A 2 4.83 -1.93 -14.51
C ALA A 2 5.93 -1.02 -15.00
N ALA A 3 5.97 -0.78 -16.30
CA ALA A 3 6.88 0.20 -16.82
C ALA A 3 6.19 1.57 -16.88
N PRO A 4 5.29 1.82 -17.84
CA PRO A 4 4.74 3.15 -18.07
C PRO A 4 3.37 3.40 -17.44
N LEU A 5 2.88 2.40 -16.72
CA LEU A 5 1.52 2.46 -16.18
C LEU A 5 1.44 3.34 -14.95
N CYS A 6 0.28 3.39 -14.33
CA CYS A 6 0.11 4.10 -13.08
C CYS A 6 -0.65 3.22 -12.09
N VAL A 7 -0.10 3.08 -10.90
CA VAL A 7 -0.78 2.36 -9.82
C VAL A 7 -1.31 3.33 -8.77
N LYS A 8 -2.39 2.93 -8.10
CA LYS A 8 -3.01 3.77 -7.10
C LYS A 8 -2.97 3.10 -5.73
N VAL A 9 -2.45 3.81 -4.75
CA VAL A 9 -2.40 3.30 -3.39
C VAL A 9 -3.42 4.05 -2.54
N GLU A 10 -4.15 3.34 -1.69
CA GLU A 10 -5.17 3.98 -0.89
C GLU A 10 -5.29 3.30 0.48
N PHE A 11 -5.85 4.03 1.45
CA PHE A 11 -6.09 3.49 2.78
C PHE A 11 -7.59 3.38 3.03
N GLY A 12 -8.01 2.22 3.50
CA GLY A 12 -9.43 1.93 3.55
C GLY A 12 -9.94 1.60 4.94
N GLY A 13 -9.21 0.75 5.66
CA GLY A 13 -9.67 0.28 6.96
C GLY A 13 -9.42 1.26 8.07
N GLY A 14 -9.67 2.53 7.82
CA GLY A 14 -9.36 3.56 8.80
C GLY A 14 -7.86 3.71 8.98
N ALA A 15 -7.12 3.19 8.01
CA ALA A 15 -5.66 3.19 8.07
C ALA A 15 -5.12 4.62 8.01
N GLU A 16 -5.93 5.50 7.45
CA GLU A 16 -5.59 6.92 7.35
C GLU A 16 -5.39 7.55 8.73
N LEU A 17 -6.07 7.00 9.73
CA LEU A 17 -5.99 7.51 11.09
C LEU A 17 -4.59 7.30 11.66
N LEU A 18 -3.83 6.43 10.99
CA LEU A 18 -2.46 6.15 11.37
C LEU A 18 -1.55 7.26 10.89
N PHE A 19 -1.99 7.97 9.87
CA PHE A 19 -1.22 9.04 9.32
C PHE A 19 -1.76 10.38 9.81
N ASP A 20 -2.69 10.93 9.04
CA ASP A 20 -3.32 12.20 9.36
C ASP A 20 -4.63 12.35 8.59
N GLY A 21 -5.17 11.24 8.13
CA GLY A 21 -6.40 11.28 7.37
C GLY A 21 -6.15 11.17 5.88
N VAL A 22 -4.91 10.95 5.50
CA VAL A 22 -4.56 10.73 4.10
C VAL A 22 -4.83 9.28 3.73
N LYS A 23 -5.64 9.07 2.70
CA LYS A 23 -5.96 7.72 2.26
C LYS A 23 -5.38 7.47 0.87
N LYS A 24 -5.94 8.14 -0.11
CA LYS A 24 -5.56 7.96 -1.50
C LYS A 24 -4.23 8.62 -1.81
N HIS A 25 -3.31 7.83 -2.33
CA HIS A 25 -2.01 8.29 -2.76
C HIS A 25 -1.64 7.58 -4.05
N GLN A 26 -1.55 8.33 -5.14
CA GLN A 26 -1.37 7.72 -6.45
C GLN A 26 0.00 8.03 -7.01
N VAL A 27 0.59 7.06 -7.68
CA VAL A 27 1.96 7.18 -8.17
C VAL A 27 2.09 6.63 -9.60
N ALA A 28 2.80 7.38 -10.45
CA ALA A 28 3.03 6.96 -11.81
C ALA A 28 4.33 6.16 -11.91
N LEU A 29 4.32 5.12 -12.73
CA LEU A 29 5.48 4.26 -12.87
C LEU A 29 6.50 4.89 -13.82
N PRO A 30 7.81 4.74 -13.49
CA PRO A 30 8.91 5.44 -14.19
C PRO A 30 8.91 5.24 -15.70
N GLY A 31 8.50 4.08 -16.16
CA GLY A 31 8.38 3.85 -17.58
C GLY A 31 9.41 2.88 -18.14
N GLN A 32 10.12 2.19 -17.26
CA GLN A 32 11.09 1.19 -17.71
C GLN A 32 11.33 0.13 -16.64
N GLU A 33 11.64 0.54 -15.43
CA GLU A 33 11.82 -0.38 -14.33
C GLU A 33 10.69 -0.24 -13.35
N GLU A 34 10.54 -1.24 -12.51
CA GLU A 34 9.51 -1.25 -11.49
C GLU A 34 10.14 -1.15 -10.11
N PRO A 35 10.38 0.07 -9.62
CA PRO A 35 10.86 0.30 -8.26
C PRO A 35 9.71 0.58 -7.30
N TRP A 36 8.50 0.45 -7.83
CA TRP A 36 7.30 0.81 -7.09
C TRP A 36 6.57 -0.41 -6.55
N ASP A 37 7.31 -1.47 -6.23
CA ASP A 37 6.69 -2.66 -5.66
C ASP A 37 5.98 -2.31 -4.37
N ILE A 38 5.05 -3.17 -3.99
CA ILE A 38 4.23 -2.93 -2.81
C ILE A 38 5.09 -2.70 -1.57
N ARG A 39 6.28 -3.33 -1.54
CA ARG A 39 7.15 -3.21 -0.37
C ARG A 39 7.81 -1.82 -0.31
N ASN A 40 8.21 -1.27 -1.46
CA ASN A 40 8.84 0.06 -1.50
C ASN A 40 7.85 1.14 -1.14
N LEU A 41 6.63 1.00 -1.62
CA LEU A 41 5.58 1.97 -1.36
C LEU A 41 5.23 1.97 0.12
N LEU A 42 5.36 0.81 0.73
CA LEU A 42 5.17 0.66 2.15
C LEU A 42 6.24 1.42 2.93
N VAL A 43 7.42 1.52 2.34
CA VAL A 43 8.49 2.31 2.91
C VAL A 43 8.20 3.77 2.72
N TRP A 44 7.86 4.13 1.48
CA TRP A 44 7.52 5.51 1.14
C TRP A 44 6.40 6.00 2.06
N ILE A 45 5.37 5.19 2.21
CA ILE A 45 4.24 5.53 3.05
C ILE A 45 4.66 5.65 4.51
N LYS A 46 5.56 4.79 4.95
CA LYS A 46 5.98 4.79 6.34
C LYS A 46 6.86 5.98 6.67
N LYS A 47 7.95 6.13 5.93
CA LYS A 47 8.97 7.13 6.26
C LYS A 47 8.55 8.55 5.87
N ASN A 48 7.48 8.68 5.13
CA ASN A 48 7.03 9.98 4.66
C ASN A 48 5.63 10.31 5.19
N LEU A 49 4.75 9.34 5.14
CA LEU A 49 3.33 9.59 5.39
C LEU A 49 2.93 9.23 6.83
N LEU A 50 3.52 8.15 7.37
CA LEU A 50 3.15 7.69 8.72
C LEU A 50 3.57 8.75 9.74
N LYS A 51 2.58 9.28 10.46
CA LYS A 51 2.83 10.40 11.36
C LYS A 51 2.96 9.96 12.82
N GLU A 52 2.37 8.82 13.15
CA GLU A 52 2.53 8.28 14.50
C GLU A 52 3.61 7.19 14.49
N ARG A 53 3.53 6.26 15.43
CA ARG A 53 4.50 5.17 15.49
C ARG A 53 4.13 4.04 14.52
N PRO A 54 5.05 3.69 13.61
CA PRO A 54 4.83 2.63 12.63
C PRO A 54 4.74 1.25 13.28
N GLU A 55 4.99 1.20 14.59
CA GLU A 55 4.90 -0.04 15.35
C GLU A 55 3.50 -0.61 15.32
N LEU A 56 2.50 0.26 15.34
CA LEU A 56 1.09 -0.16 15.30
C LEU A 56 0.63 -0.29 13.86
N PHE A 57 1.54 0.02 12.95
CA PHE A 57 1.28 -0.05 11.53
C PHE A 57 1.77 -1.40 11.00
N ILE A 58 1.88 -1.52 9.70
CA ILE A 58 2.20 -2.78 9.05
C ILE A 58 3.71 -3.09 9.09
N GLN A 59 4.03 -4.36 8.86
CA GLN A 59 5.40 -4.85 8.82
C GLN A 59 6.15 -4.16 7.69
N GLY A 60 7.45 -3.95 7.86
CA GLY A 60 8.26 -3.33 6.82
C GLY A 60 8.47 -4.25 5.62
N ASP A 61 7.39 -4.87 5.16
CA ASP A 61 7.42 -5.78 4.02
C ASP A 61 6.15 -5.59 3.20
N SER A 62 5.01 -5.90 3.81
CA SER A 62 3.72 -5.78 3.12
C SER A 62 2.65 -5.22 4.07
N VAL A 63 2.19 -6.04 5.00
CA VAL A 63 1.22 -5.61 6.02
C VAL A 63 1.31 -6.49 7.26
N ARG A 64 0.85 -5.99 8.39
CA ARG A 64 0.68 -6.81 9.57
C ARG A 64 -0.60 -7.61 9.39
N PRO A 65 -0.73 -8.78 10.06
CA PRO A 65 -1.95 -9.60 9.99
C PRO A 65 -3.22 -8.78 10.26
N GLY A 66 -3.04 -7.68 10.96
CA GLY A 66 -4.13 -6.79 11.28
C GLY A 66 -4.69 -6.03 10.07
N ILE A 67 -3.83 -5.68 9.12
CA ILE A 67 -4.27 -4.94 7.95
C ILE A 67 -4.24 -5.81 6.71
N LEU A 68 -5.35 -5.83 6.00
CA LEU A 68 -5.47 -6.58 4.75
C LEU A 68 -5.24 -5.65 3.57
N VAL A 69 -4.76 -6.17 2.46
CA VAL A 69 -4.51 -5.35 1.28
C VAL A 69 -5.11 -5.93 0.02
N LEU A 70 -5.76 -5.09 -0.74
CA LEU A 70 -6.21 -5.44 -2.07
C LEU A 70 -5.17 -4.99 -3.08
N ILE A 71 -4.61 -5.92 -3.80
CA ILE A 71 -3.79 -5.58 -4.95
C ILE A 71 -4.70 -5.53 -6.15
N ASN A 72 -4.88 -4.33 -6.69
CA ASN A 72 -5.77 -4.10 -7.83
C ASN A 72 -7.21 -4.10 -7.33
N ASP A 73 -7.59 -5.23 -6.75
CA ASP A 73 -8.89 -5.39 -6.08
C ASP A 73 -8.99 -6.80 -5.49
N ALA A 74 -7.84 -7.44 -5.27
CA ALA A 74 -7.83 -8.83 -4.84
C ALA A 74 -6.87 -9.05 -3.67
N ASP A 75 -6.97 -10.23 -3.05
CA ASP A 75 -6.15 -10.59 -1.90
C ASP A 75 -4.66 -10.55 -2.23
N TRP A 76 -3.98 -9.59 -1.65
CA TRP A 76 -2.56 -9.37 -1.85
C TRP A 76 -1.73 -10.64 -1.61
N GLU A 77 -2.05 -11.36 -0.55
CA GLU A 77 -1.21 -12.45 -0.05
C GLU A 77 -1.05 -13.55 -1.09
N LEU A 78 -2.14 -13.93 -1.75
CA LEU A 78 -2.11 -15.00 -2.73
C LEU A 78 -1.82 -14.44 -4.12
N LEU A 79 -1.63 -13.14 -4.20
CA LEU A 79 -1.35 -12.48 -5.45
C LEU A 79 0.15 -12.23 -5.62
N GLY A 80 0.85 -12.02 -4.50
CA GLY A 80 2.27 -11.71 -4.57
C GLY A 80 2.66 -10.62 -3.59
N GLU A 81 1.66 -9.85 -3.15
CA GLU A 81 1.79 -8.82 -2.12
C GLU A 81 3.07 -7.97 -2.26
N LEU A 82 3.84 -7.88 -1.16
CA LEU A 82 5.00 -6.98 -1.04
C LEU A 82 5.85 -6.87 -2.32
N ASP A 83 6.28 -8.00 -2.85
CA ASP A 83 7.15 -8.00 -4.02
C ASP A 83 6.32 -8.15 -5.29
N TYR A 84 5.67 -7.07 -5.65
CA TYR A 84 4.89 -7.02 -6.86
C TYR A 84 5.57 -6.14 -7.88
N GLN A 85 5.59 -6.57 -9.12
CA GLN A 85 6.10 -5.75 -10.21
C GLN A 85 4.99 -4.82 -10.69
N LEU A 86 3.95 -4.70 -9.86
CA LEU A 86 2.77 -3.86 -10.13
C LEU A 86 1.98 -4.36 -11.34
N GLN A 87 0.70 -4.06 -11.33
CA GLN A 87 -0.16 -4.28 -12.48
C GLN A 87 -0.81 -2.96 -12.83
N ASP A 88 -1.22 -2.80 -14.09
CA ASP A 88 -1.79 -1.55 -14.51
C ASP A 88 -3.15 -1.34 -13.85
N GLN A 89 -3.34 -0.14 -13.32
CA GLN A 89 -4.55 0.25 -12.61
C GLN A 89 -4.67 -0.48 -11.27
N ASP A 90 -3.53 -0.91 -10.72
CA ASP A 90 -3.51 -1.52 -9.39
C ASP A 90 -4.11 -0.58 -8.37
N SER A 91 -5.22 -0.97 -7.77
CA SER A 91 -5.73 -0.26 -6.63
C SER A 91 -5.26 -0.96 -5.38
N ILE A 92 -4.18 -0.47 -4.83
CA ILE A 92 -3.58 -1.07 -3.66
C ILE A 92 -4.18 -0.45 -2.42
N LEU A 93 -5.02 -1.22 -1.73
CA LEU A 93 -5.80 -0.69 -0.62
C LEU A 93 -5.43 -1.37 0.68
N PHE A 94 -5.10 -0.58 1.69
CA PHE A 94 -4.82 -1.11 3.01
C PHE A 94 -6.06 -1.01 3.91
N ILE A 95 -6.59 -2.15 4.33
CA ILE A 95 -7.79 -2.20 5.15
C ILE A 95 -7.48 -2.81 6.50
N SER A 96 -7.49 -1.97 7.54
CA SER A 96 -7.27 -2.45 8.88
C SER A 96 -8.48 -3.21 9.38
N THR A 97 -8.29 -4.49 9.66
CA THR A 97 -9.37 -5.34 10.13
C THR A 97 -9.17 -5.65 11.61
N LEU A 98 -8.25 -4.91 12.24
CA LEU A 98 -7.95 -5.07 13.66
C LEU A 98 -9.16 -4.74 14.53
N HIS A 99 -9.79 -5.77 15.05
CA HIS A 99 -10.95 -5.60 15.91
C HIS A 99 -10.58 -5.91 17.35
N GLY A 100 -9.50 -6.67 17.52
CA GLY A 100 -9.04 -7.02 18.85
C GLY A 100 -7.57 -7.40 18.86
N GLY A 101 -7.12 -8.02 17.79
CA GLY A 101 -5.74 -8.43 17.69
C GLY A 101 -5.59 -9.65 16.81
N SER A 1 -2.53 8.62 -15.77
CA SER A 1 -1.15 8.76 -15.23
C SER A 1 -0.32 7.55 -15.61
N ALA A 2 0.97 7.77 -15.87
CA ALA A 2 1.92 6.70 -16.21
C ALA A 2 1.53 6.00 -17.51
N ALA A 3 2.23 6.33 -18.57
CA ALA A 3 1.99 5.74 -19.88
C ALA A 3 2.07 4.20 -19.84
N PRO A 4 3.14 3.62 -19.22
CA PRO A 4 3.24 2.16 -19.05
C PRO A 4 2.09 1.60 -18.22
N LEU A 5 2.15 1.82 -16.92
CA LEU A 5 1.13 1.38 -15.99
C LEU A 5 1.13 2.30 -14.79
N CYS A 6 -0.01 2.52 -14.19
CA CYS A 6 -0.07 3.35 -13.01
C CYS A 6 -0.81 2.62 -11.90
N VAL A 7 -0.37 2.83 -10.68
CA VAL A 7 -0.93 2.15 -9.54
C VAL A 7 -1.47 3.16 -8.53
N LYS A 8 -2.61 2.85 -7.96
CA LYS A 8 -3.27 3.76 -7.04
C LYS A 8 -3.28 3.16 -5.64
N VAL A 9 -2.71 3.87 -4.70
CA VAL A 9 -2.65 3.40 -3.32
C VAL A 9 -3.61 4.19 -2.47
N GLU A 10 -4.37 3.52 -1.62
CA GLU A 10 -5.36 4.19 -0.81
C GLU A 10 -5.49 3.55 0.57
N PHE A 11 -6.12 4.25 1.49
CA PHE A 11 -6.36 3.76 2.84
C PHE A 11 -7.85 3.67 3.10
N GLY A 12 -8.30 2.55 3.64
CA GLY A 12 -9.73 2.33 3.80
C GLY A 12 -10.12 1.84 5.19
N GLY A 13 -9.29 0.97 5.78
CA GLY A 13 -9.61 0.41 7.08
C GLY A 13 -9.34 1.37 8.22
N GLY A 14 -9.76 2.62 8.06
CA GLY A 14 -9.46 3.64 9.06
C GLY A 14 -7.98 3.88 9.18
N ALA A 15 -7.25 3.48 8.13
CA ALA A 15 -5.80 3.53 8.14
C ALA A 15 -5.30 4.96 8.09
N GLU A 16 -6.06 5.82 7.42
CA GLU A 16 -5.70 7.23 7.26
C GLU A 16 -5.45 7.91 8.60
N LEU A 17 -6.07 7.42 9.65
CA LEU A 17 -5.91 8.00 10.99
C LEU A 17 -4.46 7.84 11.49
N LEU A 18 -3.69 7.03 10.77
CA LEU A 18 -2.27 6.87 11.03
C LEU A 18 -1.46 7.87 10.21
N PHE A 19 -2.12 8.45 9.22
CA PHE A 19 -1.45 9.27 8.21
C PHE A 19 -2.07 10.66 8.12
N ASP A 20 -2.67 11.11 9.21
CA ASP A 20 -3.25 12.47 9.31
C ASP A 20 -4.53 12.61 8.49
N GLY A 21 -5.04 11.50 7.98
CA GLY A 21 -6.31 11.54 7.26
C GLY A 21 -6.15 11.54 5.75
N VAL A 22 -4.92 11.40 5.27
CA VAL A 22 -4.71 11.21 3.84
C VAL A 22 -4.96 9.76 3.49
N LYS A 23 -5.75 9.52 2.47
CA LYS A 23 -6.12 8.16 2.11
C LYS A 23 -5.55 7.78 0.75
N LYS A 24 -6.02 8.46 -0.29
CA LYS A 24 -5.57 8.18 -1.64
C LYS A 24 -4.20 8.79 -1.90
N HIS A 25 -3.34 7.99 -2.51
CA HIS A 25 -2.02 8.42 -2.93
C HIS A 25 -1.73 7.87 -4.32
N GLN A 26 -1.62 8.75 -5.30
CA GLN A 26 -1.36 8.34 -6.66
C GLN A 26 0.13 8.31 -6.93
N VAL A 27 0.57 7.27 -7.63
CA VAL A 27 1.95 7.17 -8.03
C VAL A 27 2.04 6.60 -9.44
N ALA A 28 2.77 7.28 -10.30
CA ALA A 28 2.90 6.86 -11.69
C ALA A 28 4.20 6.12 -11.91
N LEU A 29 4.13 5.05 -12.68
CA LEU A 29 5.28 4.20 -12.94
C LEU A 29 6.16 4.80 -14.02
N PRO A 30 7.48 4.74 -13.84
CA PRO A 30 8.46 5.32 -14.76
C PRO A 30 8.43 4.71 -16.16
N GLY A 31 8.02 3.45 -16.24
CA GLY A 31 8.08 2.75 -17.50
C GLY A 31 9.50 2.38 -17.86
N GLN A 32 10.16 1.67 -16.97
CA GLN A 32 11.56 1.33 -17.13
C GLN A 32 11.98 0.23 -16.18
N GLU A 33 12.00 0.54 -14.90
CA GLU A 33 12.47 -0.40 -13.87
C GLU A 33 11.32 -0.78 -12.94
N GLU A 34 10.29 0.06 -12.94
CA GLU A 34 9.14 -0.07 -12.03
C GLU A 34 9.59 -0.43 -10.61
N PRO A 35 10.17 0.56 -9.90
CA PRO A 35 10.65 0.36 -8.54
C PRO A 35 9.57 0.68 -7.53
N TRP A 36 8.34 0.69 -8.00
CA TRP A 36 7.20 1.04 -7.18
C TRP A 36 6.51 -0.21 -6.64
N ASP A 37 7.28 -1.30 -6.48
CA ASP A 37 6.73 -2.54 -5.94
C ASP A 37 6.11 -2.27 -4.58
N ILE A 38 5.16 -3.10 -4.19
CA ILE A 38 4.36 -2.87 -3.00
C ILE A 38 5.24 -2.64 -1.76
N ARG A 39 6.34 -3.39 -1.65
CA ARG A 39 7.22 -3.28 -0.49
C ARG A 39 7.84 -1.87 -0.41
N ASN A 40 8.09 -1.25 -1.57
CA ASN A 40 8.73 0.08 -1.62
C ASN A 40 7.75 1.14 -1.17
N LEU A 41 6.52 0.99 -1.63
CA LEU A 41 5.47 1.95 -1.33
C LEU A 41 5.10 1.90 0.14
N LEU A 42 5.20 0.72 0.71
CA LEU A 42 4.99 0.56 2.14
C LEU A 42 6.05 1.37 2.87
N VAL A 43 7.28 1.31 2.39
CA VAL A 43 8.37 2.06 2.99
C VAL A 43 8.09 3.53 2.92
N TRP A 44 7.71 3.99 1.73
CA TRP A 44 7.34 5.37 1.51
C TRP A 44 6.25 5.77 2.50
N ILE A 45 5.23 4.94 2.60
CA ILE A 45 4.10 5.22 3.48
C ILE A 45 4.53 5.14 4.94
N LYS A 46 5.38 4.19 5.23
CA LYS A 46 5.87 3.97 6.59
C LYS A 46 6.71 5.16 7.06
N LYS A 47 7.75 5.50 6.31
CA LYS A 47 8.67 6.56 6.72
C LYS A 47 8.05 7.95 6.57
N ASN A 48 7.29 8.15 5.51
CA ASN A 48 6.76 9.49 5.21
C ASN A 48 5.38 9.71 5.81
N LEU A 49 4.47 8.78 5.56
CA LEU A 49 3.08 8.99 5.95
C LEU A 49 2.81 8.68 7.42
N LEU A 50 3.45 7.63 7.96
CA LEU A 50 3.14 7.21 9.33
C LEU A 50 3.49 8.32 10.31
N LYS A 51 2.46 8.94 10.88
CA LYS A 51 2.64 10.07 11.77
C LYS A 51 3.07 9.62 13.16
N GLU A 52 2.53 8.48 13.60
CA GLU A 52 2.89 7.94 14.92
C GLU A 52 3.90 6.81 14.76
N ARG A 53 3.86 5.85 15.68
CA ARG A 53 4.79 4.73 15.65
C ARG A 53 4.21 3.55 14.87
N PRO A 54 4.97 3.03 13.88
CA PRO A 54 4.55 1.92 13.02
C PRO A 54 4.31 0.60 13.76
N GLU A 55 4.47 0.61 15.06
CA GLU A 55 4.30 -0.58 15.89
C GLU A 55 2.91 -1.19 15.72
N LEU A 56 1.89 -0.34 15.73
CA LEU A 56 0.52 -0.79 15.57
C LEU A 56 0.14 -0.85 14.10
N PHE A 57 1.09 -0.48 13.26
CA PHE A 57 0.91 -0.53 11.82
C PHE A 57 1.49 -1.85 11.29
N ILE A 58 1.55 -1.97 9.98
CA ILE A 58 1.99 -3.19 9.33
C ILE A 58 3.50 -3.32 9.28
N GLN A 59 3.94 -4.54 8.99
CA GLN A 59 5.35 -4.85 8.83
C GLN A 59 5.91 -4.05 7.67
N GLY A 60 7.17 -3.65 7.75
CA GLY A 60 7.78 -2.84 6.71
C GLY A 60 8.11 -3.65 5.46
N ASP A 61 7.19 -4.52 5.05
CA ASP A 61 7.39 -5.37 3.88
C ASP A 61 6.10 -5.49 3.08
N SER A 62 5.01 -5.87 3.75
CA SER A 62 3.73 -6.09 3.08
C SER A 62 2.57 -5.60 3.95
N VAL A 63 2.19 -6.39 4.95
CA VAL A 63 1.22 -5.98 5.96
C VAL A 63 1.43 -6.76 7.25
N ARG A 64 0.75 -6.32 8.29
CA ARG A 64 0.68 -7.07 9.54
C ARG A 64 -0.57 -7.94 9.49
N PRO A 65 -0.78 -8.84 10.47
CA PRO A 65 -2.04 -9.59 10.56
C PRO A 65 -3.25 -8.65 10.71
N GLY A 66 -2.95 -7.43 11.13
CA GLY A 66 -4.00 -6.44 11.37
C GLY A 66 -4.53 -5.81 10.11
N ILE A 67 -3.65 -5.29 9.25
CA ILE A 67 -4.10 -4.66 8.02
C ILE A 67 -3.95 -5.60 6.82
N LEU A 68 -4.98 -5.62 5.98
CA LEU A 68 -4.94 -6.39 4.75
C LEU A 68 -4.74 -5.44 3.57
N VAL A 69 -4.19 -5.93 2.47
CA VAL A 69 -3.96 -5.09 1.30
C VAL A 69 -4.61 -5.69 0.06
N LEU A 70 -5.33 -4.85 -0.67
CA LEU A 70 -5.85 -5.23 -1.96
C LEU A 70 -4.82 -4.91 -3.04
N ILE A 71 -4.40 -5.93 -3.76
CA ILE A 71 -3.62 -5.69 -4.96
C ILE A 71 -4.55 -5.63 -6.13
N ASN A 72 -4.69 -4.43 -6.70
CA ASN A 72 -5.55 -4.20 -7.85
C ASN A 72 -6.99 -4.10 -7.38
N ASP A 73 -7.39 -5.13 -6.64
CA ASP A 73 -8.65 -5.15 -5.88
C ASP A 73 -8.87 -6.55 -5.30
N ALA A 74 -7.77 -7.26 -5.05
CA ALA A 74 -7.85 -8.65 -4.61
C ALA A 74 -6.84 -8.93 -3.50
N ASP A 75 -6.90 -10.14 -2.93
CA ASP A 75 -6.03 -10.53 -1.83
C ASP A 75 -4.55 -10.53 -2.24
N TRP A 76 -3.83 -9.57 -1.69
CA TRP A 76 -2.42 -9.37 -1.96
C TRP A 76 -1.60 -10.65 -1.79
N GLU A 77 -1.82 -11.36 -0.69
CA GLU A 77 -0.97 -12.48 -0.29
C GLU A 77 -1.00 -13.60 -1.34
N LEU A 78 -2.13 -13.76 -1.99
CA LEU A 78 -2.33 -14.84 -2.95
C LEU A 78 -1.86 -14.41 -4.33
N LEU A 79 -1.61 -13.12 -4.48
CA LEU A 79 -1.28 -12.57 -5.78
C LEU A 79 0.23 -12.31 -5.92
N GLY A 80 0.89 -12.00 -4.83
CA GLY A 80 2.31 -11.69 -4.89
C GLY A 80 2.70 -10.58 -3.93
N GLU A 81 1.69 -9.80 -3.52
CA GLU A 81 1.83 -8.78 -2.47
C GLU A 81 3.10 -7.93 -2.58
N LEU A 82 3.85 -7.86 -1.47
CA LEU A 82 5.02 -6.99 -1.32
C LEU A 82 5.92 -6.93 -2.56
N ASP A 83 6.17 -8.08 -3.17
CA ASP A 83 7.20 -8.18 -4.21
C ASP A 83 6.56 -8.14 -5.60
N TYR A 84 5.57 -7.28 -5.76
CA TYR A 84 4.89 -7.12 -7.02
C TYR A 84 5.61 -6.16 -7.95
N GLN A 85 5.89 -6.61 -9.17
CA GLN A 85 6.48 -5.77 -10.21
C GLN A 85 5.40 -4.86 -10.81
N LEU A 86 4.33 -4.68 -10.04
CA LEU A 86 3.09 -4.02 -10.44
C LEU A 86 2.50 -4.54 -11.75
N GLN A 87 1.18 -4.48 -11.87
CA GLN A 87 0.48 -5.01 -13.02
C GLN A 87 0.00 -3.91 -13.93
N ASP A 88 -1.01 -3.20 -13.46
CA ASP A 88 -1.52 -1.99 -14.09
C ASP A 88 -2.91 -1.70 -13.56
N GLN A 89 -3.17 -0.43 -13.21
CA GLN A 89 -4.44 -0.02 -12.60
C GLN A 89 -4.57 -0.69 -11.24
N ASP A 90 -3.43 -1.03 -10.65
CA ASP A 90 -3.40 -1.73 -9.38
C ASP A 90 -3.89 -0.82 -8.27
N SER A 91 -5.09 -1.08 -7.80
CA SER A 91 -5.62 -0.35 -6.67
C SER A 91 -5.15 -1.03 -5.41
N ILE A 92 -4.10 -0.48 -4.84
CA ILE A 92 -3.51 -1.04 -3.64
C ILE A 92 -4.11 -0.36 -2.43
N LEU A 93 -4.95 -1.09 -1.72
CA LEU A 93 -5.68 -0.50 -0.62
C LEU A 93 -5.31 -1.17 0.69
N PHE A 94 -4.97 -0.36 1.68
CA PHE A 94 -4.69 -0.85 3.02
C PHE A 94 -5.98 -0.84 3.84
N ILE A 95 -6.42 -2.03 4.23
CA ILE A 95 -7.64 -2.20 4.98
C ILE A 95 -7.33 -2.79 6.35
N SER A 96 -7.38 -1.96 7.37
CA SER A 96 -7.12 -2.43 8.71
C SER A 96 -8.32 -3.22 9.20
N THR A 97 -8.13 -4.51 9.45
CA THR A 97 -9.21 -5.36 9.90
C THR A 97 -9.15 -5.51 11.41
N LEU A 98 -8.30 -4.70 12.04
CA LEU A 98 -8.21 -4.67 13.49
C LEU A 98 -9.52 -4.22 14.10
N HIS A 99 -10.23 -5.16 14.69
CA HIS A 99 -11.51 -4.87 15.32
C HIS A 99 -11.58 -5.53 16.70
N GLY A 100 -10.49 -6.20 17.07
CA GLY A 100 -10.45 -6.92 18.32
C GLY A 100 -10.22 -8.39 18.09
N GLY A 101 -9.84 -9.11 19.14
CA GLY A 101 -9.57 -10.52 19.01
C GLY A 101 -8.39 -10.94 19.85
N SER A 1 -1.88 8.29 -14.33
CA SER A 1 -1.02 9.03 -15.28
C SER A 1 0.43 8.58 -15.15
N ALA A 2 0.84 7.63 -16.00
CA ALA A 2 2.22 7.18 -16.05
C ALA A 2 2.54 6.72 -17.46
N ALA A 3 3.82 6.75 -17.83
CA ALA A 3 4.24 6.37 -19.18
C ALA A 3 3.92 4.90 -19.48
N PRO A 4 4.38 3.94 -18.66
CA PRO A 4 4.07 2.52 -18.87
C PRO A 4 2.72 2.12 -18.27
N LEU A 5 2.66 2.11 -16.95
CA LEU A 5 1.44 1.78 -16.23
C LEU A 5 1.42 2.58 -14.93
N CYS A 6 0.26 2.76 -14.35
CA CYS A 6 0.16 3.52 -13.13
C CYS A 6 -0.70 2.81 -12.11
N VAL A 7 -0.28 2.87 -10.85
CA VAL A 7 -0.97 2.17 -9.78
C VAL A 7 -1.42 3.16 -8.72
N LYS A 8 -2.48 2.81 -8.01
CA LYS A 8 -3.02 3.68 -6.98
C LYS A 8 -2.80 3.07 -5.60
N VAL A 9 -2.36 3.90 -4.67
CA VAL A 9 -2.23 3.50 -3.28
C VAL A 9 -3.33 4.19 -2.48
N GLU A 10 -4.05 3.44 -1.66
CA GLU A 10 -5.16 4.01 -0.91
C GLU A 10 -5.26 3.36 0.47
N PHE A 11 -5.73 4.13 1.43
CA PHE A 11 -5.90 3.63 2.80
C PHE A 11 -7.38 3.49 3.13
N GLY A 12 -7.73 2.36 3.74
CA GLY A 12 -9.13 2.00 3.89
C GLY A 12 -9.56 1.83 5.34
N GLY A 13 -9.06 0.77 5.98
CA GLY A 13 -9.52 0.37 7.32
C GLY A 13 -9.08 1.30 8.42
N GLY A 14 -9.56 2.54 8.41
CA GLY A 14 -9.11 3.51 9.40
C GLY A 14 -7.63 3.78 9.28
N ALA A 15 -7.06 3.35 8.16
CA ALA A 15 -5.63 3.44 7.94
C ALA A 15 -5.23 4.89 7.72
N GLU A 16 -6.05 5.63 6.99
CA GLU A 16 -5.78 7.04 6.72
C GLU A 16 -5.68 7.85 8.01
N LEU A 17 -6.37 7.39 9.05
CA LEU A 17 -6.33 8.03 10.35
C LEU A 17 -4.91 8.00 10.94
N LEU A 18 -4.08 7.12 10.41
CA LEU A 18 -2.68 7.00 10.81
C LEU A 18 -1.86 8.05 10.06
N PHE A 19 -2.41 8.55 8.97
CA PHE A 19 -1.71 9.44 8.07
C PHE A 19 -2.42 10.79 7.98
N ASP A 20 -3.22 11.09 9.00
CA ASP A 20 -3.91 12.38 9.11
C ASP A 20 -5.00 12.53 8.04
N GLY A 21 -5.56 11.42 7.60
CA GLY A 21 -6.67 11.45 6.67
C GLY A 21 -6.23 11.24 5.24
N VAL A 22 -4.92 11.16 5.01
CA VAL A 22 -4.40 10.88 3.69
C VAL A 22 -4.64 9.42 3.35
N LYS A 23 -5.38 9.18 2.27
CA LYS A 23 -5.74 7.83 1.90
C LYS A 23 -5.29 7.50 0.47
N LYS A 24 -5.92 8.13 -0.51
CA LYS A 24 -5.58 7.92 -1.90
C LYS A 24 -4.33 8.69 -2.29
N HIS A 25 -3.39 7.98 -2.87
CA HIS A 25 -2.18 8.57 -3.41
C HIS A 25 -1.79 7.85 -4.69
N GLN A 26 -1.80 8.56 -5.80
CA GLN A 26 -1.43 7.98 -7.07
C GLN A 26 0.09 8.03 -7.25
N VAL A 27 0.65 6.96 -7.79
CA VAL A 27 2.07 6.92 -8.09
C VAL A 27 2.29 6.43 -9.52
N ALA A 28 3.18 7.08 -10.25
CA ALA A 28 3.40 6.77 -11.65
C ALA A 28 4.66 5.94 -11.85
N LEU A 29 4.48 4.78 -12.46
CA LEU A 29 5.58 3.86 -12.70
C LEU A 29 6.49 4.39 -13.80
N PRO A 30 7.81 4.12 -13.71
CA PRO A 30 8.76 4.46 -14.76
C PRO A 30 8.71 3.42 -15.89
N GLY A 31 9.15 3.82 -17.08
CA GLY A 31 9.11 2.96 -18.25
C GLY A 31 9.68 1.57 -18.00
N GLN A 32 10.92 1.50 -17.53
CA GLN A 32 11.54 0.22 -17.21
C GLN A 32 12.32 0.28 -15.91
N GLU A 33 11.81 -0.45 -14.93
CA GLU A 33 12.43 -0.56 -13.61
C GLU A 33 11.42 -1.14 -12.62
N GLU A 34 10.21 -0.58 -12.70
CA GLU A 34 9.15 -0.81 -11.72
C GLU A 34 9.70 -0.92 -10.29
N PRO A 35 10.20 0.19 -9.73
CA PRO A 35 10.72 0.23 -8.37
C PRO A 35 9.63 0.64 -7.38
N TRP A 36 8.41 0.69 -7.89
CA TRP A 36 7.27 1.13 -7.11
C TRP A 36 6.52 -0.06 -6.54
N ASP A 37 7.24 -1.15 -6.30
CA ASP A 37 6.66 -2.37 -5.73
C ASP A 37 5.95 -2.03 -4.43
N ILE A 38 4.99 -2.86 -4.04
CA ILE A 38 4.21 -2.64 -2.84
C ILE A 38 5.14 -2.46 -1.63
N ARG A 39 6.22 -3.22 -1.63
CA ARG A 39 7.25 -3.14 -0.60
C ARG A 39 7.85 -1.73 -0.51
N ASN A 40 8.26 -1.18 -1.65
CA ASN A 40 8.92 0.12 -1.67
C ASN A 40 7.96 1.23 -1.28
N LEU A 41 6.70 1.06 -1.67
CA LEU A 41 5.68 2.05 -1.35
C LEU A 41 5.30 1.96 0.10
N LEU A 42 5.36 0.76 0.65
CA LEU A 42 5.19 0.55 2.07
C LEU A 42 6.22 1.38 2.84
N VAL A 43 7.44 1.43 2.31
CA VAL A 43 8.50 2.22 2.91
C VAL A 43 8.14 3.69 2.88
N TRP A 44 7.71 4.15 1.71
CA TRP A 44 7.28 5.53 1.53
C TRP A 44 6.15 5.84 2.51
N ILE A 45 5.20 4.93 2.60
CA ILE A 45 4.06 5.10 3.50
C ILE A 45 4.51 5.10 4.96
N LYS A 46 5.30 4.11 5.32
CA LYS A 46 5.69 3.89 6.70
C LYS A 46 6.60 5.01 7.20
N LYS A 47 7.70 5.23 6.51
CA LYS A 47 8.72 6.15 6.99
C LYS A 47 8.36 7.61 6.73
N ASN A 48 7.67 7.89 5.64
CA ASN A 48 7.41 9.27 5.25
C ASN A 48 6.01 9.72 5.64
N LEU A 49 5.05 8.82 5.62
CA LEU A 49 3.66 9.20 5.77
C LEU A 49 3.10 8.90 7.15
N LEU A 50 3.61 7.86 7.82
CA LEU A 50 3.10 7.49 9.15
C LEU A 50 3.31 8.65 10.12
N LYS A 51 2.23 9.25 10.59
CA LYS A 51 2.32 10.37 11.50
C LYS A 51 2.65 9.91 12.91
N GLU A 52 2.23 8.72 13.26
CA GLU A 52 2.48 8.18 14.60
C GLU A 52 3.42 6.99 14.53
N ARG A 53 3.57 6.30 15.66
CA ARG A 53 4.41 5.11 15.74
C ARG A 53 3.92 4.03 14.77
N PRO A 54 4.78 3.62 13.83
CA PRO A 54 4.45 2.59 12.83
C PRO A 54 4.35 1.19 13.43
N GLU A 55 4.63 1.06 14.72
CA GLU A 55 4.70 -0.23 15.38
C GLU A 55 3.35 -0.97 15.40
N LEU A 56 2.24 -0.25 15.47
CA LEU A 56 0.94 -0.90 15.44
C LEU A 56 0.49 -1.09 14.00
N PHE A 57 1.23 -0.49 13.09
CA PHE A 57 0.96 -0.55 11.67
C PHE A 57 1.59 -1.83 11.08
N ILE A 58 1.69 -1.92 9.77
CA ILE A 58 2.09 -3.16 9.10
C ILE A 58 3.60 -3.40 9.16
N GLN A 59 3.98 -4.64 8.87
CA GLN A 59 5.38 -5.05 8.83
C GLN A 59 6.10 -4.26 7.76
N GLY A 60 7.38 -3.97 7.98
CA GLY A 60 8.15 -3.19 7.02
C GLY A 60 8.45 -3.93 5.72
N ASP A 61 7.48 -4.70 5.23
CA ASP A 61 7.66 -5.46 4.00
C ASP A 61 6.36 -5.48 3.20
N SER A 62 5.28 -5.99 3.83
CA SER A 62 4.00 -6.13 3.14
C SER A 62 2.86 -5.59 4.01
N VAL A 63 2.42 -6.40 4.97
CA VAL A 63 1.38 -6.02 5.93
C VAL A 63 1.54 -6.84 7.18
N ARG A 64 0.96 -6.37 8.26
CA ARG A 64 0.73 -7.20 9.42
C ARG A 64 -0.60 -7.90 9.21
N PRO A 65 -0.81 -9.09 9.77
CA PRO A 65 -2.08 -9.84 9.62
C PRO A 65 -3.30 -8.97 9.94
N GLY A 66 -3.08 -7.93 10.72
CA GLY A 66 -4.13 -7.00 11.08
C GLY A 66 -4.64 -6.17 9.93
N ILE A 67 -3.76 -5.75 9.02
CA ILE A 67 -4.18 -4.96 7.88
C ILE A 67 -4.14 -5.78 6.61
N LEU A 68 -5.28 -5.83 5.94
CA LEU A 68 -5.42 -6.58 4.71
C LEU A 68 -5.26 -5.63 3.52
N VAL A 69 -4.44 -6.01 2.56
CA VAL A 69 -4.22 -5.17 1.40
C VAL A 69 -4.81 -5.80 0.14
N LEU A 70 -5.64 -5.03 -0.52
CA LEU A 70 -6.16 -5.43 -1.82
C LEU A 70 -5.18 -5.00 -2.90
N ILE A 71 -4.65 -5.96 -3.62
CA ILE A 71 -3.86 -5.68 -4.79
C ILE A 71 -4.80 -5.61 -5.98
N ASN A 72 -5.01 -4.39 -6.48
CA ASN A 72 -5.94 -4.14 -7.57
C ASN A 72 -7.36 -4.18 -7.04
N ASP A 73 -7.70 -5.31 -6.43
CA ASP A 73 -8.98 -5.51 -5.73
C ASP A 73 -9.04 -6.95 -5.20
N ALA A 74 -7.88 -7.55 -4.93
CA ALA A 74 -7.83 -8.95 -4.50
C ALA A 74 -6.80 -9.15 -3.40
N ASP A 75 -6.83 -10.33 -2.76
CA ASP A 75 -5.92 -10.65 -1.66
C ASP A 75 -4.46 -10.55 -2.09
N TRP A 76 -3.76 -9.58 -1.52
CA TRP A 76 -2.36 -9.34 -1.80
C TRP A 76 -1.51 -10.61 -1.71
N GLU A 77 -1.67 -11.35 -0.63
CA GLU A 77 -0.81 -12.49 -0.33
C GLU A 77 -0.95 -13.59 -1.39
N LEU A 78 -2.11 -13.65 -2.01
CA LEU A 78 -2.40 -14.66 -3.01
C LEU A 78 -1.99 -14.19 -4.39
N LEU A 79 -1.56 -12.95 -4.48
CA LEU A 79 -1.22 -12.35 -5.76
C LEU A 79 0.28 -12.07 -5.88
N GLY A 80 0.94 -11.80 -4.76
CA GLY A 80 2.37 -11.50 -4.79
C GLY A 80 2.76 -10.47 -3.76
N GLU A 81 1.76 -9.71 -3.31
CA GLU A 81 1.88 -8.71 -2.24
C GLU A 81 3.14 -7.84 -2.35
N LEU A 82 3.87 -7.74 -1.23
CA LEU A 82 5.03 -6.86 -1.07
C LEU A 82 5.92 -6.77 -2.32
N ASP A 83 6.35 -7.90 -2.85
CA ASP A 83 7.24 -7.88 -4.00
C ASP A 83 6.43 -7.96 -5.27
N TYR A 84 5.76 -6.87 -5.59
CA TYR A 84 4.93 -6.81 -6.77
C TYR A 84 5.56 -5.94 -7.82
N GLN A 85 5.50 -6.40 -9.05
CA GLN A 85 6.06 -5.66 -10.17
C GLN A 85 5.04 -4.67 -10.68
N LEU A 86 4.03 -4.43 -9.84
CA LEU A 86 2.87 -3.59 -10.15
C LEU A 86 2.08 -4.06 -11.37
N GLN A 87 0.80 -3.78 -11.35
CA GLN A 87 -0.04 -3.99 -12.52
C GLN A 87 -0.88 -2.75 -12.75
N ASP A 88 -1.27 -2.54 -13.99
CA ASP A 88 -1.89 -1.28 -14.38
C ASP A 88 -3.27 -1.15 -13.77
N GLN A 89 -3.57 0.06 -13.30
CA GLN A 89 -4.86 0.39 -12.69
C GLN A 89 -5.01 -0.32 -11.35
N ASP A 90 -3.88 -0.62 -10.72
CA ASP A 90 -3.87 -1.23 -9.40
C ASP A 90 -4.57 -0.36 -8.38
N SER A 91 -5.53 -0.91 -7.67
CA SER A 91 -6.01 -0.28 -6.49
C SER A 91 -5.43 -0.99 -5.28
N ILE A 92 -4.33 -0.45 -4.77
CA ILE A 92 -3.67 -1.04 -3.62
C ILE A 92 -4.24 -0.41 -2.36
N LEU A 93 -5.04 -1.17 -1.65
CA LEU A 93 -5.80 -0.63 -0.53
C LEU A 93 -5.42 -1.32 0.77
N PHE A 94 -5.07 -0.52 1.77
CA PHE A 94 -4.74 -1.04 3.09
C PHE A 94 -5.97 -0.96 3.99
N ILE A 95 -6.49 -2.10 4.41
CA ILE A 95 -7.68 -2.15 5.25
C ILE A 95 -7.36 -2.79 6.58
N SER A 96 -7.34 -2.00 7.64
CA SER A 96 -7.15 -2.55 8.96
C SER A 96 -8.41 -3.26 9.41
N THR A 97 -8.30 -4.56 9.62
CA THR A 97 -9.44 -5.36 10.03
C THR A 97 -9.39 -5.56 11.54
N LEU A 98 -8.51 -4.81 12.19
CA LEU A 98 -8.32 -4.89 13.62
C LEU A 98 -9.42 -4.15 14.37
N HIS A 99 -9.73 -4.62 15.56
CA HIS A 99 -10.71 -3.96 16.41
C HIS A 99 -10.02 -3.07 17.43
N GLY A 100 -10.27 -1.77 17.32
CA GLY A 100 -9.80 -0.84 18.33
C GLY A 100 -10.71 -0.89 19.54
N GLY A 101 -11.83 -1.57 19.37
CA GLY A 101 -12.78 -1.76 20.43
C GLY A 101 -13.70 -2.92 20.14
N SER A 1 4.61 -5.75 -14.15
CA SER A 1 4.70 -5.22 -15.52
C SER A 1 4.43 -3.72 -15.53
N ALA A 2 4.99 -3.02 -14.56
CA ALA A 2 4.74 -1.60 -14.42
C ALA A 2 5.88 -0.76 -14.95
N ALA A 3 5.82 -0.42 -16.23
CA ALA A 3 6.78 0.48 -16.77
C ALA A 3 6.23 1.92 -16.69
N PRO A 4 5.36 2.41 -17.61
CA PRO A 4 4.85 3.77 -17.54
C PRO A 4 3.41 3.85 -17.03
N LEU A 5 2.94 2.78 -16.41
CA LEU A 5 1.56 2.72 -15.94
C LEU A 5 1.36 3.53 -14.67
N CYS A 6 0.14 3.53 -14.16
CA CYS A 6 -0.16 4.19 -12.90
C CYS A 6 -0.81 3.22 -11.92
N VAL A 7 -0.21 3.09 -10.75
CA VAL A 7 -0.81 2.31 -9.66
C VAL A 7 -1.31 3.27 -8.56
N LYS A 8 -2.29 2.82 -7.79
CA LYS A 8 -2.90 3.67 -6.77
C LYS A 8 -2.75 3.08 -5.38
N VAL A 9 -2.36 3.91 -4.42
CA VAL A 9 -2.29 3.53 -3.03
C VAL A 9 -3.31 4.34 -2.23
N GLU A 10 -4.19 3.67 -1.50
CA GLU A 10 -5.26 4.38 -0.80
C GLU A 10 -5.59 3.72 0.55
N PHE A 11 -6.23 4.50 1.43
CA PHE A 11 -6.64 4.03 2.74
C PHE A 11 -8.03 3.40 2.67
N GLY A 12 -8.34 2.56 3.65
CA GLY A 12 -9.70 2.10 3.82
C GLY A 12 -10.00 1.69 5.25
N GLY A 13 -9.12 0.87 5.83
CA GLY A 13 -9.34 0.40 7.20
C GLY A 13 -8.91 1.40 8.25
N GLY A 14 -9.37 2.65 8.12
CA GLY A 14 -8.98 3.68 9.08
C GLY A 14 -7.51 4.04 8.95
N ALA A 15 -6.92 3.65 7.83
CA ALA A 15 -5.50 3.83 7.59
C ALA A 15 -5.11 5.31 7.50
N GLU A 16 -6.01 6.16 7.00
CA GLU A 16 -5.71 7.59 6.84
C GLU A 16 -5.42 8.23 8.18
N LEU A 17 -6.00 7.67 9.25
CA LEU A 17 -5.81 8.21 10.58
C LEU A 17 -4.38 8.01 11.06
N LEU A 18 -3.63 7.22 10.31
CA LEU A 18 -2.21 7.04 10.55
C LEU A 18 -1.41 8.06 9.75
N PHE A 19 -2.08 8.64 8.75
CA PHE A 19 -1.42 9.52 7.78
C PHE A 19 -1.91 10.96 7.93
N ASP A 20 -2.54 11.25 9.06
CA ASP A 20 -3.10 12.58 9.35
C ASP A 20 -4.28 12.89 8.43
N GLY A 21 -4.83 11.86 7.81
CA GLY A 21 -6.01 12.02 6.98
C GLY A 21 -5.72 11.86 5.49
N VAL A 22 -4.51 11.45 5.15
CA VAL A 22 -4.17 11.18 3.75
C VAL A 22 -4.75 9.84 3.33
N LYS A 23 -5.49 9.84 2.23
CA LYS A 23 -6.20 8.65 1.80
C LYS A 23 -5.61 8.09 0.50
N LYS A 24 -5.97 8.70 -0.62
CA LYS A 24 -5.50 8.26 -1.92
C LYS A 24 -4.21 8.95 -2.32
N HIS A 25 -3.20 8.15 -2.60
CA HIS A 25 -1.95 8.62 -3.14
C HIS A 25 -1.70 7.97 -4.49
N GLN A 26 -1.67 8.78 -5.54
CA GLN A 26 -1.43 8.27 -6.87
C GLN A 26 0.06 8.32 -7.17
N VAL A 27 0.61 7.23 -7.65
CA VAL A 27 2.01 7.19 -8.06
C VAL A 27 2.13 6.65 -9.48
N ALA A 28 2.75 7.45 -10.35
CA ALA A 28 2.92 7.07 -11.74
C ALA A 28 4.27 6.41 -11.92
N LEU A 29 4.27 5.22 -12.50
CA LEU A 29 5.48 4.44 -12.65
C LEU A 29 6.46 5.14 -13.60
N PRO A 30 7.74 5.16 -13.22
CA PRO A 30 8.79 5.94 -13.91
C PRO A 30 8.98 5.59 -15.39
N GLY A 31 8.49 4.43 -15.79
CA GLY A 31 8.77 3.94 -17.12
C GLY A 31 10.06 3.16 -17.14
N GLN A 32 10.39 2.60 -15.99
CA GLN A 32 11.63 1.87 -15.81
C GLN A 32 11.33 0.47 -15.30
N GLU A 33 12.29 -0.15 -14.65
CA GLU A 33 12.14 -1.54 -14.21
C GLU A 33 11.43 -1.63 -12.86
N GLU A 34 10.27 -1.01 -12.80
CA GLU A 34 9.31 -1.15 -11.71
C GLU A 34 9.97 -1.08 -10.32
N PRO A 35 10.30 0.12 -9.83
CA PRO A 35 10.89 0.28 -8.52
C PRO A 35 9.84 0.55 -7.46
N TRP A 36 8.59 0.45 -7.87
CA TRP A 36 7.46 0.82 -7.03
C TRP A 36 6.72 -0.39 -6.48
N ASP A 37 7.45 -1.47 -6.17
CA ASP A 37 6.82 -2.65 -5.61
C ASP A 37 6.06 -2.31 -4.34
N ILE A 38 5.16 -3.20 -3.96
CA ILE A 38 4.34 -2.99 -2.76
C ILE A 38 5.25 -2.82 -1.53
N ARG A 39 6.40 -3.49 -1.58
CA ARG A 39 7.40 -3.43 -0.53
C ARG A 39 7.92 -1.99 -0.34
N ASN A 40 8.36 -1.36 -1.44
CA ASN A 40 8.90 0.00 -1.38
C ASN A 40 7.82 1.00 -1.03
N LEU A 41 6.63 0.79 -1.55
CA LEU A 41 5.52 1.70 -1.32
C LEU A 41 5.06 1.64 0.13
N LEU A 42 5.21 0.47 0.73
CA LEU A 42 4.98 0.30 2.15
C LEU A 42 5.88 1.24 2.93
N VAL A 43 7.14 1.33 2.51
CA VAL A 43 8.12 2.20 3.13
C VAL A 43 7.76 3.65 2.88
N TRP A 44 7.34 3.94 1.66
CA TRP A 44 6.88 5.27 1.30
C TRP A 44 5.75 5.67 2.23
N ILE A 45 4.83 4.75 2.47
CA ILE A 45 3.72 4.98 3.36
C ILE A 45 4.21 5.14 4.80
N LYS A 46 5.09 4.25 5.21
CA LYS A 46 5.61 4.27 6.56
C LYS A 46 6.34 5.57 6.86
N LYS A 47 7.30 5.92 6.04
CA LYS A 47 8.12 7.11 6.28
C LYS A 47 7.39 8.40 5.95
N ASN A 48 6.77 8.47 4.77
CA ASN A 48 6.20 9.72 4.29
C ASN A 48 4.77 9.93 4.78
N LEU A 49 4.05 8.86 5.07
CA LEU A 49 2.66 8.99 5.47
C LEU A 49 2.46 8.75 6.95
N LEU A 50 3.03 7.66 7.48
CA LEU A 50 2.76 7.26 8.86
C LEU A 50 3.28 8.33 9.82
N LYS A 51 2.34 9.03 10.44
CA LYS A 51 2.66 10.13 11.33
C LYS A 51 2.84 9.67 12.76
N GLU A 52 2.23 8.54 13.10
CA GLU A 52 2.37 7.98 14.43
C GLU A 52 3.33 6.78 14.40
N ARG A 53 3.29 5.97 15.44
CA ARG A 53 4.15 4.80 15.52
C ARG A 53 3.73 3.72 14.52
N PRO A 54 4.64 3.35 13.62
CA PRO A 54 4.40 2.31 12.61
C PRO A 54 4.27 0.92 13.22
N GLU A 55 4.56 0.80 14.51
CA GLU A 55 4.45 -0.47 15.20
C GLU A 55 2.98 -0.87 15.38
N LEU A 56 2.08 0.09 15.21
CA LEU A 56 0.64 -0.20 15.18
C LEU A 56 0.19 -0.40 13.75
N PHE A 57 1.16 -0.32 12.86
CA PHE A 57 0.94 -0.46 11.43
C PHE A 57 1.58 -1.78 10.97
N ILE A 58 1.67 -1.99 9.68
CA ILE A 58 2.14 -3.24 9.11
C ILE A 58 3.65 -3.42 9.16
N GLN A 59 4.06 -4.67 8.96
CA GLN A 59 5.46 -5.08 8.95
C GLN A 59 6.21 -4.35 7.83
N GLY A 60 7.47 -4.04 8.05
CA GLY A 60 8.27 -3.40 7.04
C GLY A 60 8.66 -4.35 5.91
N ASP A 61 7.66 -5.03 5.36
CA ASP A 61 7.86 -5.99 4.29
C ASP A 61 6.67 -5.96 3.34
N SER A 62 5.48 -6.20 3.90
CA SER A 62 4.25 -6.27 3.10
C SER A 62 3.06 -5.75 3.91
N VAL A 63 2.59 -6.56 4.86
CA VAL A 63 1.52 -6.17 5.78
C VAL A 63 1.61 -7.01 7.04
N ARG A 64 1.08 -6.48 8.13
CA ARG A 64 0.87 -7.28 9.32
C ARG A 64 -0.45 -8.02 9.11
N PRO A 65 -0.71 -9.11 9.86
CA PRO A 65 -2.01 -9.80 9.81
C PRO A 65 -3.15 -8.82 10.07
N GLY A 66 -2.81 -7.73 10.72
CA GLY A 66 -3.75 -6.67 11.02
C GLY A 66 -4.30 -5.98 9.78
N ILE A 67 -3.44 -5.49 8.89
CA ILE A 67 -3.94 -4.84 7.70
C ILE A 67 -3.96 -5.76 6.50
N LEU A 68 -5.15 -5.90 5.94
CA LEU A 68 -5.35 -6.66 4.73
C LEU A 68 -5.39 -5.69 3.56
N VAL A 69 -4.61 -5.94 2.53
CA VAL A 69 -4.62 -5.03 1.41
C VAL A 69 -5.05 -5.72 0.14
N LEU A 70 -5.78 -5.00 -0.67
CA LEU A 70 -6.15 -5.48 -1.98
C LEU A 70 -5.08 -5.08 -2.98
N ILE A 71 -4.56 -6.06 -3.67
CA ILE A 71 -3.70 -5.79 -4.80
C ILE A 71 -4.56 -5.73 -6.03
N ASN A 72 -4.77 -4.53 -6.55
CA ASN A 72 -5.62 -4.27 -7.70
C ASN A 72 -7.08 -4.33 -7.29
N ASP A 73 -7.46 -5.44 -6.68
CA ASP A 73 -8.78 -5.64 -6.10
C ASP A 73 -8.88 -7.06 -5.52
N ALA A 74 -7.74 -7.65 -5.17
CA ALA A 74 -7.72 -9.05 -4.76
C ALA A 74 -6.79 -9.27 -3.57
N ASP A 75 -6.78 -10.50 -3.06
CA ASP A 75 -6.01 -10.85 -1.86
C ASP A 75 -4.51 -10.79 -2.15
N TRP A 76 -3.86 -9.79 -1.58
CA TRP A 76 -2.44 -9.54 -1.76
C TRP A 76 -1.58 -10.79 -1.60
N GLU A 77 -1.80 -11.52 -0.51
CA GLU A 77 -0.88 -12.58 -0.10
C GLU A 77 -0.81 -13.69 -1.12
N LEU A 78 -1.94 -14.08 -1.68
CA LEU A 78 -1.97 -15.16 -2.65
C LEU A 78 -1.81 -14.61 -4.07
N LEU A 79 -1.59 -13.30 -4.18
CA LEU A 79 -1.35 -12.67 -5.46
C LEU A 79 0.14 -12.39 -5.67
N GLY A 80 0.85 -12.12 -4.58
CA GLY A 80 2.27 -11.80 -4.69
C GLY A 80 2.69 -10.73 -3.71
N GLU A 81 1.72 -9.89 -3.30
CA GLU A 81 1.89 -8.86 -2.27
C GLU A 81 3.20 -8.05 -2.40
N LEU A 82 3.99 -8.03 -1.33
CA LEU A 82 5.17 -7.16 -1.18
C LEU A 82 6.01 -7.00 -2.46
N ASP A 83 6.44 -8.11 -3.06
CA ASP A 83 7.35 -8.06 -4.22
C ASP A 83 6.58 -8.05 -5.53
N TYR A 84 5.49 -7.31 -5.57
CA TYR A 84 4.74 -7.17 -6.78
C TYR A 84 5.47 -6.29 -7.77
N GLN A 85 5.26 -6.59 -9.04
CA GLN A 85 5.86 -5.86 -10.13
C GLN A 85 4.89 -4.77 -10.57
N LEU A 86 3.84 -4.61 -9.77
CA LEU A 86 2.74 -3.69 -10.06
C LEU A 86 1.99 -4.07 -11.33
N GLN A 87 0.70 -3.82 -11.29
CA GLN A 87 -0.15 -4.02 -12.44
C GLN A 87 -0.91 -2.71 -12.68
N ASP A 88 -1.26 -2.42 -13.90
CA ASP A 88 -1.89 -1.13 -14.21
C ASP A 88 -3.22 -1.00 -13.51
N GLN A 89 -3.51 0.21 -13.05
CA GLN A 89 -4.71 0.52 -12.30
C GLN A 89 -4.80 -0.36 -11.05
N ASP A 90 -3.63 -0.66 -10.50
CA ASP A 90 -3.54 -1.36 -9.23
C ASP A 90 -4.20 -0.55 -8.15
N SER A 91 -5.31 -1.04 -7.65
CA SER A 91 -5.90 -0.40 -6.50
C SER A 91 -5.36 -1.10 -5.27
N ILE A 92 -4.30 -0.53 -4.72
CA ILE A 92 -3.69 -1.07 -3.53
C ILE A 92 -4.36 -0.44 -2.33
N LEU A 93 -5.17 -1.23 -1.65
CA LEU A 93 -6.03 -0.69 -0.62
C LEU A 93 -5.67 -1.29 0.72
N PHE A 94 -5.22 -0.46 1.64
CA PHE A 94 -4.88 -0.94 2.95
C PHE A 94 -6.11 -0.94 3.85
N ILE A 95 -6.54 -2.13 4.24
CA ILE A 95 -7.68 -2.29 5.11
C ILE A 95 -7.23 -2.83 6.45
N SER A 96 -7.16 -1.97 7.44
CA SER A 96 -6.78 -2.40 8.76
C SER A 96 -7.96 -3.09 9.41
N THR A 97 -7.81 -4.38 9.69
CA THR A 97 -8.85 -5.13 10.34
C THR A 97 -8.54 -5.22 11.83
N LEU A 98 -7.51 -4.49 12.24
CA LEU A 98 -7.12 -4.39 13.64
C LEU A 98 -8.25 -3.82 14.47
N HIS A 99 -8.77 -4.63 15.36
CA HIS A 99 -9.88 -4.23 16.21
C HIS A 99 -9.50 -4.47 17.67
N GLY A 100 -8.78 -3.52 18.24
CA GLY A 100 -8.31 -3.64 19.61
C GLY A 100 -6.81 -3.77 19.66
N GLY A 101 -6.29 -4.75 18.94
CA GLY A 101 -4.85 -4.96 18.90
C GLY A 101 -4.46 -5.86 17.75
N SER A 1 2.52 11.45 -16.99
CA SER A 1 1.83 10.18 -16.70
C SER A 1 2.78 9.01 -16.94
N ALA A 2 2.45 7.84 -16.39
CA ALA A 2 3.30 6.67 -16.57
C ALA A 2 2.96 5.95 -17.86
N ALA A 3 3.92 5.94 -18.78
CA ALA A 3 3.81 5.12 -19.98
C ALA A 3 3.77 3.63 -19.63
N PRO A 4 4.61 3.15 -18.68
CA PRO A 4 4.53 1.77 -18.18
C PRO A 4 3.17 1.43 -17.57
N LEU A 5 3.01 1.71 -16.28
CA LEU A 5 1.77 1.36 -15.56
C LEU A 5 1.44 2.42 -14.53
N CYS A 6 0.17 2.58 -14.24
CA CYS A 6 -0.28 3.52 -13.24
C CYS A 6 -1.06 2.80 -12.14
N VAL A 7 -0.62 2.97 -10.90
CA VAL A 7 -1.27 2.28 -9.77
C VAL A 7 -1.75 3.29 -8.73
N LYS A 8 -2.76 2.90 -7.96
CA LYS A 8 -3.31 3.77 -6.94
C LYS A 8 -3.16 3.15 -5.55
N VAL A 9 -2.63 3.92 -4.62
CA VAL A 9 -2.54 3.49 -3.23
C VAL A 9 -3.54 4.26 -2.39
N GLU A 10 -4.32 3.57 -1.58
CA GLU A 10 -5.38 4.23 -0.82
C GLU A 10 -5.57 3.59 0.55
N PHE A 11 -6.14 4.35 1.48
CA PHE A 11 -6.45 3.85 2.82
C PHE A 11 -7.78 3.11 2.78
N GLY A 12 -7.97 2.19 3.72
CA GLY A 12 -9.23 1.49 3.80
C GLY A 12 -9.75 1.37 5.20
N GLY A 13 -9.02 0.62 6.03
CA GLY A 13 -9.47 0.37 7.40
C GLY A 13 -9.07 1.46 8.37
N GLY A 14 -9.48 2.70 8.08
CA GLY A 14 -9.13 3.82 8.94
C GLY A 14 -7.64 4.10 8.92
N ALA A 15 -6.99 3.66 7.85
CA ALA A 15 -5.54 3.75 7.74
C ALA A 15 -5.07 5.19 7.62
N GLU A 16 -5.94 6.07 7.11
CA GLU A 16 -5.57 7.47 6.88
C GLU A 16 -5.33 8.20 8.19
N LEU A 17 -6.00 7.76 9.25
CA LEU A 17 -5.88 8.41 10.54
C LEU A 17 -4.48 8.22 11.12
N LEU A 18 -3.74 7.29 10.53
CA LEU A 18 -2.34 7.08 10.90
C LEU A 18 -1.49 8.14 10.22
N PHE A 19 -2.03 8.67 9.13
CA PHE A 19 -1.30 9.61 8.28
C PHE A 19 -1.88 11.01 8.40
N ASP A 20 -2.70 11.22 9.44
CA ASP A 20 -3.36 12.52 9.70
C ASP A 20 -4.57 12.73 8.81
N GLY A 21 -4.75 11.86 7.81
CA GLY A 21 -5.83 12.02 6.85
C GLY A 21 -5.35 11.93 5.42
N VAL A 22 -4.40 11.04 5.16
CA VAL A 22 -3.94 10.79 3.81
C VAL A 22 -4.54 9.48 3.31
N LYS A 23 -5.28 9.55 2.22
CA LYS A 23 -6.05 8.41 1.76
C LYS A 23 -5.52 7.88 0.44
N LYS A 24 -6.00 8.47 -0.65
CA LYS A 24 -5.55 8.09 -1.98
C LYS A 24 -4.26 8.81 -2.34
N HIS A 25 -3.29 8.03 -2.77
CA HIS A 25 -2.06 8.54 -3.32
C HIS A 25 -1.79 7.84 -4.64
N GLN A 26 -1.80 8.60 -5.72
CA GLN A 26 -1.55 8.03 -7.04
C GLN A 26 -0.06 8.00 -7.29
N VAL A 27 0.42 6.87 -7.79
CA VAL A 27 1.83 6.71 -8.07
C VAL A 27 2.02 6.04 -9.43
N ALA A 28 2.78 6.70 -10.29
CA ALA A 28 2.98 6.23 -11.64
C ALA A 28 4.37 5.62 -11.81
N LEU A 29 4.43 4.49 -12.52
CA LEU A 29 5.69 3.77 -12.68
C LEU A 29 6.63 4.49 -13.64
N PRO A 30 7.94 4.36 -13.42
CA PRO A 30 8.96 4.80 -14.37
C PRO A 30 9.17 3.78 -15.47
N GLY A 31 9.67 4.22 -16.61
CA GLY A 31 9.85 3.32 -17.73
C GLY A 31 11.29 2.86 -17.88
N GLN A 32 11.70 1.92 -17.02
CA GLN A 32 13.02 1.30 -17.10
C GLN A 32 13.16 0.21 -16.04
N GLU A 33 12.83 0.60 -14.83
CA GLU A 33 12.82 -0.31 -13.69
C GLU A 33 11.86 0.27 -12.69
N GLU A 34 10.81 -0.46 -12.46
CA GLU A 34 9.73 0.01 -11.62
C GLU A 34 9.99 -0.35 -10.17
N PRO A 35 10.43 0.63 -9.36
CA PRO A 35 10.78 0.43 -7.96
C PRO A 35 9.62 0.77 -7.05
N TRP A 36 8.45 0.84 -7.63
CA TRP A 36 7.26 1.21 -6.91
C TRP A 36 6.52 -0.02 -6.42
N ASP A 37 7.27 -1.10 -6.18
CA ASP A 37 6.71 -2.35 -5.67
C ASP A 37 6.01 -2.07 -4.34
N ILE A 38 5.06 -2.92 -3.97
CA ILE A 38 4.29 -2.74 -2.73
C ILE A 38 5.23 -2.59 -1.54
N ARG A 39 6.32 -3.34 -1.59
CA ARG A 39 7.37 -3.29 -0.58
C ARG A 39 7.90 -1.86 -0.39
N ASN A 40 8.23 -1.20 -1.49
CA ASN A 40 8.86 0.12 -1.45
C ASN A 40 7.84 1.18 -1.04
N LEU A 41 6.62 1.04 -1.52
CA LEU A 41 5.56 2.00 -1.22
C LEU A 41 5.17 1.91 0.24
N LEU A 42 5.26 0.72 0.77
CA LEU A 42 5.05 0.47 2.18
C LEU A 42 6.05 1.29 3.00
N VAL A 43 7.27 1.38 2.50
CA VAL A 43 8.31 2.16 3.13
C VAL A 43 7.97 3.63 3.07
N TRP A 44 7.56 4.08 1.88
CA TRP A 44 7.16 5.45 1.66
C TRP A 44 6.05 5.81 2.65
N ILE A 45 5.09 4.91 2.80
CA ILE A 45 3.98 5.14 3.70
C ILE A 45 4.43 5.10 5.15
N LYS A 46 5.28 4.15 5.49
CA LYS A 46 5.76 4.01 6.86
C LYS A 46 6.61 5.21 7.26
N LYS A 47 7.66 5.47 6.49
CA LYS A 47 8.67 6.45 6.87
C LYS A 47 8.16 7.89 6.78
N ASN A 48 7.16 8.13 5.95
CA ASN A 48 6.68 9.49 5.74
C ASN A 48 5.28 9.69 6.29
N LEU A 49 4.36 8.81 5.92
CA LEU A 49 2.95 8.99 6.26
C LEU A 49 2.66 8.65 7.72
N LEU A 50 3.29 7.61 8.25
CA LEU A 50 2.97 7.15 9.59
C LEU A 50 3.42 8.17 10.63
N LYS A 51 2.45 8.84 11.25
CA LYS A 51 2.73 9.91 12.17
C LYS A 51 2.80 9.45 13.63
N GLU A 52 2.17 8.33 13.94
CA GLU A 52 2.10 7.88 15.34
C GLU A 52 3.08 6.73 15.62
N ARG A 53 2.60 5.49 15.53
CA ARG A 53 3.43 4.33 15.85
C ARG A 53 3.40 3.33 14.70
N PRO A 54 4.52 3.22 13.96
CA PRO A 54 4.64 2.29 12.84
C PRO A 54 4.55 0.83 13.26
N GLU A 55 4.66 0.57 14.57
CA GLU A 55 4.56 -0.77 15.10
C GLU A 55 3.10 -1.22 15.12
N LEU A 56 2.21 -0.24 15.23
CA LEU A 56 0.77 -0.48 15.18
C LEU A 56 0.32 -0.51 13.74
N PHE A 57 1.30 -0.51 12.86
CA PHE A 57 1.11 -0.42 11.45
C PHE A 57 1.85 -1.58 10.83
N ILE A 58 2.11 -1.52 9.56
CA ILE A 58 2.56 -2.67 8.82
C ILE A 58 4.04 -2.98 9.03
N GLN A 59 4.35 -4.21 8.71
CA GLN A 59 5.70 -4.77 8.71
C GLN A 59 6.47 -4.15 7.55
N GLY A 60 7.78 -3.99 7.69
CA GLY A 60 8.57 -3.46 6.60
C GLY A 60 8.68 -4.43 5.41
N ASP A 61 7.54 -4.94 4.97
CA ASP A 61 7.49 -5.90 3.86
C ASP A 61 6.21 -5.70 3.06
N SER A 62 5.08 -6.13 3.63
CA SER A 62 3.80 -6.09 2.93
C SER A 62 2.66 -5.63 3.86
N VAL A 63 2.28 -6.50 4.81
CA VAL A 63 1.25 -6.15 5.80
C VAL A 63 1.48 -6.90 7.10
N ARG A 64 1.10 -6.27 8.20
CA ARG A 64 0.90 -7.00 9.44
C ARG A 64 -0.44 -7.71 9.29
N PRO A 65 -0.60 -8.92 9.85
CA PRO A 65 -1.86 -9.69 9.74
C PRO A 65 -3.10 -8.86 10.06
N GLY A 66 -2.90 -7.80 10.85
CA GLY A 66 -3.98 -6.92 11.21
C GLY A 66 -4.56 -6.13 10.04
N ILE A 67 -3.72 -5.79 9.07
CA ILE A 67 -4.20 -5.05 7.90
C ILE A 67 -4.19 -5.93 6.66
N LEU A 68 -5.29 -5.88 5.93
CA LEU A 68 -5.43 -6.64 4.69
C LEU A 68 -5.26 -5.69 3.51
N VAL A 69 -4.54 -6.13 2.49
CA VAL A 69 -4.30 -5.29 1.34
C VAL A 69 -4.91 -5.86 0.07
N LEU A 70 -5.68 -5.04 -0.61
CA LEU A 70 -6.20 -5.40 -1.91
C LEU A 70 -5.18 -5.04 -2.97
N ILE A 71 -4.70 -6.03 -3.67
CA ILE A 71 -3.95 -5.78 -4.88
C ILE A 71 -4.94 -5.74 -6.02
N ASN A 72 -5.07 -4.56 -6.62
CA ASN A 72 -6.01 -4.37 -7.73
C ASN A 72 -7.41 -4.24 -7.16
N ASP A 73 -7.84 -5.33 -6.54
CA ASP A 73 -9.11 -5.42 -5.83
C ASP A 73 -9.22 -6.82 -5.21
N ALA A 74 -8.06 -7.45 -5.01
CA ALA A 74 -8.03 -8.86 -4.59
C ALA A 74 -7.02 -9.07 -3.46
N ASP A 75 -6.89 -10.32 -3.03
CA ASP A 75 -6.03 -10.67 -1.89
C ASP A 75 -4.56 -10.58 -2.25
N TRP A 76 -3.88 -9.60 -1.66
CA TRP A 76 -2.46 -9.37 -1.88
C TRP A 76 -1.62 -10.65 -1.73
N GLU A 77 -1.85 -11.40 -0.66
CA GLU A 77 -0.98 -12.51 -0.30
C GLU A 77 -1.06 -13.63 -1.33
N LEU A 78 -2.20 -13.75 -1.98
CA LEU A 78 -2.39 -14.78 -2.99
C LEU A 78 -1.83 -14.32 -4.32
N LEU A 79 -1.67 -13.02 -4.46
CA LEU A 79 -1.29 -12.43 -5.74
C LEU A 79 0.22 -12.13 -5.82
N GLY A 80 0.85 -11.82 -4.69
CA GLY A 80 2.27 -11.55 -4.71
C GLY A 80 2.68 -10.48 -3.71
N GLU A 81 1.69 -9.69 -3.28
CA GLU A 81 1.83 -8.68 -2.23
C GLU A 81 3.12 -7.83 -2.34
N LEU A 82 3.96 -7.89 -1.30
CA LEU A 82 5.13 -7.02 -1.15
C LEU A 82 5.99 -6.90 -2.41
N ASP A 83 6.42 -8.03 -2.97
CA ASP A 83 7.36 -8.01 -4.08
C ASP A 83 6.61 -8.03 -5.40
N TYR A 84 5.76 -7.05 -5.57
CA TYR A 84 4.98 -6.93 -6.79
C TYR A 84 5.68 -6.03 -7.79
N GLN A 85 5.54 -6.34 -9.06
CA GLN A 85 6.21 -5.59 -10.11
C GLN A 85 5.26 -4.54 -10.64
N LEU A 86 4.20 -4.35 -9.87
CA LEU A 86 3.06 -3.52 -10.22
C LEU A 86 2.37 -3.95 -11.51
N GLN A 87 1.10 -3.62 -11.58
CA GLN A 87 0.29 -3.87 -12.74
C GLN A 87 -0.64 -2.69 -12.92
N ASP A 88 -0.99 -2.39 -14.16
CA ASP A 88 -1.69 -1.14 -14.44
C ASP A 88 -3.11 -1.15 -13.91
N GLN A 89 -3.54 0.02 -13.43
CA GLN A 89 -4.89 0.22 -12.89
C GLN A 89 -5.08 -0.57 -11.61
N ASP A 90 -3.97 -0.83 -10.94
CA ASP A 90 -3.99 -1.55 -9.68
C ASP A 90 -4.48 -0.65 -8.57
N SER A 91 -5.41 -1.13 -7.78
CA SER A 91 -5.84 -0.41 -6.61
C SER A 91 -5.24 -1.07 -5.38
N ILE A 92 -4.13 -0.52 -4.92
CA ILE A 92 -3.45 -1.05 -3.76
C ILE A 92 -4.07 -0.42 -2.52
N LEU A 93 -4.84 -1.20 -1.80
CA LEU A 93 -5.63 -0.67 -0.70
C LEU A 93 -5.23 -1.34 0.61
N PHE A 94 -4.86 -0.52 1.60
CA PHE A 94 -4.57 -1.03 2.93
C PHE A 94 -5.81 -0.94 3.81
N ILE A 95 -6.35 -2.09 4.21
CA ILE A 95 -7.54 -2.12 5.04
C ILE A 95 -7.23 -2.74 6.38
N SER A 96 -7.12 -1.91 7.40
CA SER A 96 -6.93 -2.40 8.75
C SER A 96 -8.21 -3.07 9.23
N THR A 97 -8.13 -4.37 9.49
CA THR A 97 -9.27 -5.10 9.96
C THR A 97 -9.16 -5.27 11.47
N LEU A 98 -8.20 -4.56 12.03
CA LEU A 98 -7.96 -4.56 13.47
C LEU A 98 -9.10 -3.90 14.22
N HIS A 99 -9.40 -4.43 15.38
CA HIS A 99 -10.38 -3.83 16.26
C HIS A 99 -9.72 -3.57 17.61
N GLY A 100 -9.15 -2.37 17.74
CA GLY A 100 -8.32 -2.06 18.89
C GLY A 100 -9.14 -1.61 20.08
N GLY A 101 -10.30 -1.04 19.82
CA GLY A 101 -11.16 -0.59 20.89
C GLY A 101 -12.60 -0.50 20.47
N SER A 1 -0.44 11.24 -15.12
CA SER A 1 -0.57 9.81 -15.48
C SER A 1 0.80 9.15 -15.57
N ALA A 2 0.81 7.83 -15.65
CA ALA A 2 2.05 7.09 -15.85
C ALA A 2 2.10 6.56 -17.28
N ALA A 3 3.28 6.54 -17.86
CA ALA A 3 3.45 6.05 -19.23
C ALA A 3 3.14 4.55 -19.34
N PRO A 4 3.81 3.69 -18.52
CA PRO A 4 3.52 2.24 -18.52
C PRO A 4 2.19 1.92 -17.86
N LEU A 5 2.15 2.08 -16.55
CA LEU A 5 0.95 1.82 -15.77
C LEU A 5 0.98 2.69 -14.52
N CYS A 6 -0.18 3.04 -14.02
CA CYS A 6 -0.26 3.83 -12.80
C CYS A 6 -1.05 3.07 -11.74
N VAL A 7 -0.54 3.11 -10.53
CA VAL A 7 -1.17 2.38 -9.44
C VAL A 7 -1.72 3.34 -8.39
N LYS A 8 -2.78 2.92 -7.72
CA LYS A 8 -3.46 3.77 -6.74
C LYS A 8 -3.29 3.21 -5.33
N VAL A 9 -2.79 4.04 -4.43
CA VAL A 9 -2.68 3.65 -3.03
C VAL A 9 -3.72 4.43 -2.22
N GLU A 10 -4.51 3.72 -1.43
CA GLU A 10 -5.60 4.37 -0.71
C GLU A 10 -5.81 3.73 0.66
N PHE A 11 -6.43 4.49 1.57
CA PHE A 11 -6.76 4.01 2.89
C PHE A 11 -8.06 3.20 2.83
N GLY A 12 -8.24 2.29 3.77
CA GLY A 12 -9.47 1.54 3.83
C GLY A 12 -10.00 1.42 5.24
N GLY A 13 -9.28 0.68 6.06
CA GLY A 13 -9.71 0.42 7.43
C GLY A 13 -9.31 1.52 8.38
N GLY A 14 -9.69 2.76 8.06
CA GLY A 14 -9.31 3.89 8.88
C GLY A 14 -7.80 4.13 8.85
N ALA A 15 -7.18 3.69 7.78
CA ALA A 15 -5.73 3.76 7.64
C ALA A 15 -5.25 5.20 7.48
N GLU A 16 -6.13 6.08 6.99
CA GLU A 16 -5.77 7.48 6.80
C GLU A 16 -5.44 8.14 8.13
N LEU A 17 -6.03 7.63 9.20
CA LEU A 17 -5.80 8.16 10.54
C LEU A 17 -4.36 7.89 10.98
N LEU A 18 -3.67 7.03 10.24
CA LEU A 18 -2.24 6.80 10.47
C LEU A 18 -1.45 7.82 9.69
N PHE A 19 -2.10 8.38 8.67
CA PHE A 19 -1.43 9.16 7.65
C PHE A 19 -1.88 10.62 7.65
N ASP A 20 -2.52 11.05 8.74
CA ASP A 20 -2.97 12.44 8.90
C ASP A 20 -4.19 12.74 8.04
N GLY A 21 -4.83 11.70 7.52
CA GLY A 21 -6.06 11.88 6.76
C GLY A 21 -5.87 11.84 5.25
N VAL A 22 -4.67 11.55 4.80
CA VAL A 22 -4.46 11.35 3.38
C VAL A 22 -4.95 9.96 2.99
N LYS A 23 -5.73 9.89 1.93
CA LYS A 23 -6.46 8.67 1.59
C LYS A 23 -5.99 8.11 0.25
N LYS A 24 -6.53 8.66 -0.83
CA LYS A 24 -6.13 8.29 -2.18
C LYS A 24 -4.85 9.00 -2.58
N HIS A 25 -3.81 8.22 -2.81
CA HIS A 25 -2.52 8.73 -3.20
C HIS A 25 -2.08 8.05 -4.50
N GLN A 26 -1.94 8.83 -5.56
CA GLN A 26 -1.54 8.31 -6.85
C GLN A 26 -0.03 8.33 -6.99
N VAL A 27 0.51 7.30 -7.64
CA VAL A 27 1.91 7.24 -7.97
C VAL A 27 2.09 6.64 -9.37
N ALA A 28 2.98 7.21 -10.15
CA ALA A 28 3.15 6.81 -11.54
C ALA A 28 4.41 5.98 -11.73
N LEU A 29 4.28 4.87 -12.44
CA LEU A 29 5.39 3.94 -12.66
C LEU A 29 6.30 4.44 -13.78
N PRO A 30 7.62 4.19 -13.66
CA PRO A 30 8.61 4.61 -14.66
C PRO A 30 8.43 3.92 -16.01
N GLY A 31 8.40 2.59 -16.01
CA GLY A 31 8.23 1.86 -17.25
C GLY A 31 9.20 0.70 -17.40
N GLN A 32 10.46 0.92 -17.07
CA GLN A 32 11.47 -0.11 -17.29
C GLN A 32 11.55 -1.08 -16.13
N GLU A 33 12.13 -0.63 -15.02
CA GLU A 33 12.34 -1.49 -13.86
C GLU A 33 11.18 -1.36 -12.88
N GLU A 34 10.68 -0.14 -12.75
CA GLU A 34 9.52 0.14 -11.92
C GLU A 34 9.78 -0.24 -10.46
N PRO A 35 10.42 0.67 -9.70
CA PRO A 35 10.81 0.40 -8.31
C PRO A 35 9.67 0.68 -7.34
N TRP A 36 8.47 0.83 -7.89
CA TRP A 36 7.31 1.16 -7.09
C TRP A 36 6.61 -0.11 -6.60
N ASP A 37 7.40 -1.18 -6.42
CA ASP A 37 6.86 -2.44 -5.92
C ASP A 37 6.24 -2.21 -4.55
N ILE A 38 5.35 -3.10 -4.15
CA ILE A 38 4.58 -2.90 -2.92
C ILE A 38 5.50 -2.70 -1.71
N ARG A 39 6.61 -3.43 -1.65
CA ARG A 39 7.55 -3.32 -0.52
C ARG A 39 8.12 -1.90 -0.41
N ASN A 40 8.37 -1.27 -1.56
CA ASN A 40 8.96 0.06 -1.59
C ASN A 40 7.93 1.13 -1.27
N LEU A 41 6.69 0.89 -1.70
CA LEU A 41 5.61 1.80 -1.38
C LEU A 41 5.31 1.74 0.11
N LEU A 42 5.52 0.57 0.68
CA LEU A 42 5.46 0.39 2.13
C LEU A 42 6.44 1.33 2.80
N VAL A 43 7.63 1.46 2.22
CA VAL A 43 8.66 2.33 2.77
C VAL A 43 8.22 3.78 2.68
N TRP A 44 7.70 4.15 1.52
CA TRP A 44 7.17 5.49 1.32
C TRP A 44 6.10 5.79 2.36
N ILE A 45 5.21 4.83 2.56
CA ILE A 45 4.12 4.98 3.50
C ILE A 45 4.63 4.99 4.94
N LYS A 46 5.55 4.09 5.24
CA LYS A 46 6.06 3.95 6.59
C LYS A 46 6.81 5.20 7.02
N LYS A 47 7.82 5.57 6.25
CA LYS A 47 8.71 6.67 6.62
C LYS A 47 8.01 8.01 6.62
N ASN A 48 7.31 8.33 5.53
CA ASN A 48 6.77 9.67 5.34
C ASN A 48 5.33 9.78 5.83
N LEU A 49 4.58 8.71 5.68
CA LEU A 49 3.14 8.79 5.88
C LEU A 49 2.71 8.33 7.27
N LEU A 50 3.34 7.28 7.78
CA LEU A 50 2.97 6.70 9.07
C LEU A 50 3.37 7.66 10.20
N LYS A 51 2.39 8.17 10.92
CA LYS A 51 2.65 9.17 11.95
C LYS A 51 2.71 8.54 13.35
N GLU A 52 2.25 7.31 13.48
CA GLU A 52 2.27 6.64 14.78
C GLU A 52 3.14 5.37 14.74
N ARG A 53 2.65 4.30 15.36
CA ARG A 53 3.42 3.08 15.51
C ARG A 53 3.30 2.17 14.29
N PRO A 54 4.43 1.82 13.65
CA PRO A 54 4.46 0.86 12.55
C PRO A 54 4.16 -0.57 13.02
N GLU A 55 4.30 -0.82 14.33
CA GLU A 55 3.99 -2.14 14.88
C GLU A 55 2.48 -2.38 14.93
N LEU A 56 1.71 -1.30 15.01
CA LEU A 56 0.26 -1.41 14.92
C LEU A 56 -0.13 -1.42 13.45
N PHE A 57 0.77 -0.86 12.66
CA PHE A 57 0.65 -0.83 11.21
C PHE A 57 1.21 -2.15 10.65
N ILE A 58 1.43 -2.20 9.36
CA ILE A 58 1.86 -3.42 8.67
C ILE A 58 3.34 -3.73 8.92
N GLN A 59 3.68 -4.98 8.65
CA GLN A 59 5.05 -5.47 8.81
C GLN A 59 5.99 -4.70 7.88
N GLY A 60 7.21 -4.48 8.32
CA GLY A 60 8.19 -3.76 7.51
C GLY A 60 8.69 -4.59 6.35
N ASP A 61 7.77 -5.23 5.65
CA ASP A 61 8.09 -6.10 4.53
C ASP A 61 7.02 -5.97 3.45
N SER A 62 5.76 -5.97 3.88
CA SER A 62 4.64 -5.96 2.96
C SER A 62 3.40 -5.35 3.63
N VAL A 63 2.70 -6.17 4.41
CA VAL A 63 1.53 -5.75 5.17
C VAL A 63 1.09 -6.88 6.10
N ARG A 64 0.83 -6.51 7.34
CA ARG A 64 0.52 -7.47 8.39
C ARG A 64 -0.87 -8.05 8.18
N PRO A 65 -1.20 -9.19 8.80
CA PRO A 65 -2.54 -9.76 8.74
C PRO A 65 -3.58 -8.80 9.32
N GLY A 66 -3.09 -7.89 10.17
CA GLY A 66 -3.94 -6.87 10.74
C GLY A 66 -4.49 -5.91 9.70
N ILE A 67 -3.64 -5.50 8.76
CA ILE A 67 -4.11 -4.72 7.64
C ILE A 67 -4.32 -5.59 6.41
N LEU A 68 -5.47 -5.46 5.80
CA LEU A 68 -5.76 -6.21 4.59
C LEU A 68 -5.44 -5.35 3.38
N VAL A 69 -4.58 -5.82 2.52
CA VAL A 69 -4.18 -5.05 1.35
C VAL A 69 -4.66 -5.68 0.06
N LEU A 70 -5.51 -4.95 -0.62
CA LEU A 70 -5.90 -5.29 -1.96
C LEU A 70 -4.80 -4.91 -2.92
N ILE A 71 -4.34 -5.90 -3.67
CA ILE A 71 -3.54 -5.63 -4.83
C ILE A 71 -4.46 -5.61 -6.02
N ASN A 72 -4.75 -4.42 -6.50
CA ASN A 72 -5.61 -4.20 -7.66
C ASN A 72 -7.06 -4.25 -7.23
N ASP A 73 -7.41 -5.36 -6.58
CA ASP A 73 -8.71 -5.53 -5.93
C ASP A 73 -8.83 -6.95 -5.36
N ALA A 74 -7.77 -7.41 -4.68
CA ALA A 74 -7.74 -8.78 -4.15
C ALA A 74 -6.66 -8.94 -3.09
N ASP A 75 -6.75 -10.04 -2.33
CA ASP A 75 -5.82 -10.33 -1.24
C ASP A 75 -4.37 -10.36 -1.71
N TRP A 76 -3.62 -9.37 -1.24
CA TRP A 76 -2.20 -9.22 -1.53
C TRP A 76 -1.40 -10.51 -1.37
N GLU A 77 -1.55 -11.17 -0.23
CA GLU A 77 -0.69 -12.28 0.13
C GLU A 77 -0.87 -13.46 -0.82
N LEU A 78 -2.05 -13.55 -1.41
CA LEU A 78 -2.36 -14.65 -2.32
C LEU A 78 -1.99 -14.28 -3.75
N LEU A 79 -1.55 -13.04 -3.94
CA LEU A 79 -1.22 -12.54 -5.27
C LEU A 79 0.28 -12.31 -5.43
N GLY A 80 0.96 -11.99 -4.33
CA GLY A 80 2.40 -11.74 -4.40
C GLY A 80 2.83 -10.64 -3.46
N GLU A 81 1.88 -9.78 -3.09
CA GLU A 81 2.08 -8.70 -2.12
C GLU A 81 3.39 -7.91 -2.32
N LEU A 82 4.23 -7.88 -1.29
CA LEU A 82 5.45 -7.05 -1.24
C LEU A 82 6.22 -6.98 -2.56
N ASP A 83 6.53 -8.14 -3.13
CA ASP A 83 7.35 -8.18 -4.34
C ASP A 83 6.46 -8.22 -5.56
N TYR A 84 5.83 -7.09 -5.83
CA TYR A 84 4.99 -6.95 -6.99
C TYR A 84 5.63 -6.03 -8.01
N GLN A 85 5.61 -6.46 -9.26
CA GLN A 85 6.18 -5.72 -10.37
C GLN A 85 5.20 -4.66 -10.85
N LEU A 86 4.18 -4.44 -10.03
CA LEU A 86 3.05 -3.57 -10.33
C LEU A 86 2.24 -4.02 -11.54
N GLN A 87 0.95 -3.95 -11.39
CA GLN A 87 0.03 -4.26 -12.46
C GLN A 87 -0.77 -3.00 -12.77
N ASP A 88 -1.26 -2.87 -13.99
CA ASP A 88 -1.95 -1.66 -14.38
C ASP A 88 -3.24 -1.50 -13.59
N GLN A 89 -3.45 -0.28 -13.10
CA GLN A 89 -4.63 0.07 -12.32
C GLN A 89 -4.66 -0.68 -10.99
N ASP A 90 -3.47 -0.98 -10.46
CA ASP A 90 -3.37 -1.63 -9.16
C ASP A 90 -3.96 -0.74 -8.08
N SER A 91 -5.15 -1.09 -7.62
CA SER A 91 -5.69 -0.41 -6.50
C SER A 91 -5.18 -1.06 -5.24
N ILE A 92 -4.13 -0.49 -4.72
CA ILE A 92 -3.50 -1.01 -3.53
C ILE A 92 -4.13 -0.35 -2.32
N LEU A 93 -4.93 -1.12 -1.62
CA LEU A 93 -5.74 -0.57 -0.55
C LEU A 93 -5.37 -1.21 0.77
N PHE A 94 -5.05 -0.38 1.76
CA PHE A 94 -4.76 -0.88 3.08
C PHE A 94 -6.00 -0.76 3.96
N ILE A 95 -6.54 -1.90 4.37
CA ILE A 95 -7.73 -1.91 5.20
C ILE A 95 -7.42 -2.55 6.55
N SER A 96 -7.31 -1.72 7.58
CA SER A 96 -7.08 -2.25 8.91
C SER A 96 -8.31 -3.01 9.38
N THR A 97 -8.15 -4.32 9.56
CA THR A 97 -9.25 -5.15 10.00
C THR A 97 -9.30 -5.18 11.52
N LEU A 98 -8.41 -4.39 12.13
CA LEU A 98 -8.37 -4.24 13.57
C LEU A 98 -9.56 -3.41 14.04
N HIS A 99 -10.16 -2.70 13.08
CA HIS A 99 -11.38 -1.95 13.35
C HIS A 99 -12.56 -2.90 13.35
N GLY A 100 -12.96 -3.34 14.53
CA GLY A 100 -13.99 -4.34 14.65
C GLY A 100 -13.41 -5.74 14.75
N GLY A 101 -12.09 -5.80 14.92
CA GLY A 101 -11.42 -7.08 15.04
C GLY A 101 -10.34 -7.06 16.10
#